data_1X6H
#
_entry.id   1X6H
#
loop_
_entity.id
_entity.type
_entity.pdbx_description
1 polymer 'Transcriptional repressor CTCF'
2 non-polymer 'ZINC ION'
#
_entity_poly.entity_id   1
_entity_poly.type   'polypeptide(L)'
_entity_poly.pdbx_seq_one_letter_code
;GSSGSSGRTHTGEKPYACSHCDKTFRQKQLLDMHFKRYHDPNFVPAAFVCSKCGKTFTRRNTMARHADNCAGPDGVEGEN
SGPSSG
;
_entity_poly.pdbx_strand_id   A
#
loop_
_chem_comp.id
_chem_comp.type
_chem_comp.name
_chem_comp.formula
ZN non-polymer 'ZINC ION' 'Zn 2'
#
# COMPACT_ATOMS: atom_id res chain seq x y z
N GLY A 1 22.91 4.31 -12.53
CA GLY A 1 21.61 3.86 -12.97
C GLY A 1 20.68 5.01 -13.32
N SER A 2 21.17 5.92 -14.16
CA SER A 2 20.37 7.08 -14.57
C SER A 2 19.53 6.75 -15.79
N SER A 3 18.49 7.55 -16.01
CA SER A 3 17.60 7.33 -17.15
C SER A 3 17.43 5.85 -17.45
N GLY A 4 17.28 5.06 -16.39
CA GLY A 4 17.11 3.63 -16.56
C GLY A 4 16.43 2.99 -15.37
N SER A 5 16.83 3.36 -14.17
CA SER A 5 16.25 2.82 -12.95
C SER A 5 16.10 3.90 -11.88
N SER A 6 14.86 4.13 -11.46
CA SER A 6 14.57 5.14 -10.44
C SER A 6 13.55 4.62 -9.44
N GLY A 7 13.82 4.86 -8.16
CA GLY A 7 12.91 4.42 -7.11
C GLY A 7 13.37 3.12 -6.47
N ARG A 8 13.78 2.16 -7.29
CA ARG A 8 14.24 0.88 -6.80
C ARG A 8 15.21 1.06 -5.63
N THR A 9 16.33 1.72 -5.91
CA THR A 9 17.35 1.97 -4.90
C THR A 9 17.80 3.42 -4.90
N HIS A 10 17.08 4.26 -4.15
CA HIS A 10 17.40 5.67 -4.07
C HIS A 10 16.71 6.32 -2.87
N THR A 11 17.48 6.64 -1.85
CA THR A 11 16.94 7.25 -0.65
C THR A 11 16.93 8.78 -0.76
N GLY A 12 15.73 9.35 -0.86
CA GLY A 12 15.61 10.79 -0.99
C GLY A 12 14.85 11.41 0.18
N GLU A 13 15.55 12.20 0.98
CA GLU A 13 14.93 12.84 2.14
C GLU A 13 13.55 13.39 1.78
N LYS A 14 12.51 12.70 2.25
CA LYS A 14 11.14 13.11 1.98
C LYS A 14 11.00 14.63 2.09
N PRO A 15 10.85 15.29 0.93
CA PRO A 15 10.70 16.75 0.88
C PRO A 15 9.36 17.21 1.43
N TYR A 16 8.34 16.38 1.29
CA TYR A 16 7.00 16.70 1.77
C TYR A 16 6.87 16.37 3.25
N ALA A 17 6.91 17.41 4.09
CA ALA A 17 6.77 17.23 5.53
C ALA A 17 5.49 17.87 6.05
N CYS A 18 4.57 17.03 6.52
CA CYS A 18 3.30 17.51 7.04
C CYS A 18 3.52 18.60 8.08
N SER A 19 2.61 19.56 8.13
CA SER A 19 2.70 20.66 9.08
C SER A 19 1.96 20.33 10.37
N HIS A 20 0.83 19.65 10.24
CA HIS A 20 0.02 19.26 11.39
C HIS A 20 0.81 18.34 12.31
N CYS A 21 1.51 17.37 11.73
CA CYS A 21 2.29 16.42 12.49
C CYS A 21 3.74 16.41 12.02
N ASP A 22 4.56 15.58 12.66
CA ASP A 22 5.97 15.47 12.30
C ASP A 22 6.21 14.28 11.37
N LYS A 23 5.40 14.19 10.32
CA LYS A 23 5.53 13.12 9.35
C LYS A 23 6.05 13.63 8.01
N THR A 24 6.70 12.76 7.26
CA THR A 24 7.24 13.13 5.96
C THR A 24 6.90 12.08 4.90
N PHE A 25 6.92 12.50 3.64
CA PHE A 25 6.60 11.61 2.53
C PHE A 25 7.38 12.00 1.28
N ARG A 26 7.59 11.03 0.40
CA ARG A 26 8.32 11.26 -0.84
C ARG A 26 7.47 12.05 -1.84
N GLN A 27 6.31 11.50 -2.19
CA GLN A 27 5.42 12.15 -3.13
C GLN A 27 4.27 12.86 -2.40
N LYS A 28 3.90 14.03 -2.88
CA LYS A 28 2.83 14.80 -2.27
C LYS A 28 1.60 13.93 -2.01
N GLN A 29 1.19 13.17 -3.03
CA GLN A 29 0.04 12.29 -2.91
C GLN A 29 0.01 11.62 -1.54
N LEU A 30 1.16 11.12 -1.10
CA LEU A 30 1.27 10.46 0.19
C LEU A 30 0.88 11.41 1.33
N LEU A 31 1.49 12.59 1.33
CA LEU A 31 1.21 13.58 2.36
C LEU A 31 -0.19 14.17 2.19
N ASP A 32 -0.77 13.94 1.02
CA ASP A 32 -2.12 14.44 0.74
C ASP A 32 -3.17 13.48 1.27
N MET A 33 -2.94 12.19 1.11
CA MET A 33 -3.87 11.17 1.58
C MET A 33 -3.67 10.90 3.07
N HIS A 34 -2.46 11.15 3.56
CA HIS A 34 -2.14 10.93 4.97
C HIS A 34 -2.97 11.86 5.87
N PHE A 35 -3.10 13.11 5.45
CA PHE A 35 -3.87 14.09 6.21
C PHE A 35 -5.35 13.74 6.21
N LYS A 36 -5.92 13.60 5.02
CA LYS A 36 -7.33 13.27 4.89
C LYS A 36 -7.62 11.88 5.46
N ARG A 37 -6.56 11.16 5.81
CA ARG A 37 -6.71 9.82 6.36
C ARG A 37 -6.64 9.86 7.89
N TYR A 38 -5.50 10.32 8.41
CA TYR A 38 -5.30 10.40 9.86
C TYR A 38 -6.06 11.58 10.44
N HIS A 39 -5.63 12.79 10.07
CA HIS A 39 -6.27 14.01 10.56
C HIS A 39 -7.76 14.00 10.25
N ASP A 40 -8.17 13.09 9.37
CA ASP A 40 -9.58 12.98 8.99
C ASP A 40 -9.96 11.53 8.74
N PRO A 41 -10.91 11.02 9.53
CA PRO A 41 -11.38 9.64 9.41
C PRO A 41 -12.19 9.41 8.13
N ASN A 42 -12.31 10.44 7.31
CA ASN A 42 -13.05 10.36 6.06
C ASN A 42 -12.34 9.42 5.09
N PHE A 43 -11.12 9.79 4.69
CA PHE A 43 -10.35 8.99 3.75
C PHE A 43 -9.96 7.65 4.38
N VAL A 44 -10.30 6.56 3.70
CA VAL A 44 -10.00 5.23 4.19
C VAL A 44 -9.41 4.36 3.08
N PRO A 45 -8.17 3.88 3.30
CA PRO A 45 -7.47 3.03 2.33
C PRO A 45 -8.09 1.65 2.21
N ALA A 46 -8.34 1.22 0.98
CA ALA A 46 -8.93 -0.08 0.73
C ALA A 46 -7.89 -1.19 0.86
N ALA A 47 -8.02 -2.01 1.90
CA ALA A 47 -7.09 -3.10 2.13
C ALA A 47 -7.80 -4.44 2.08
N PHE A 48 -7.61 -5.17 0.98
CA PHE A 48 -8.23 -6.48 0.80
C PHE A 48 -7.22 -7.53 0.38
N VAL A 49 -6.92 -8.46 1.27
CA VAL A 49 -5.96 -9.51 0.99
C VAL A 49 -6.65 -10.80 0.55
N CYS A 50 -6.15 -11.41 -0.53
CA CYS A 50 -6.73 -12.63 -1.04
C CYS A 50 -6.82 -13.70 0.05
N SER A 51 -7.44 -14.83 -0.28
CA SER A 51 -7.60 -15.92 0.67
C SER A 51 -7.07 -17.22 0.09
N LYS A 52 -6.95 -17.27 -1.23
CA LYS A 52 -6.45 -18.47 -1.91
C LYS A 52 -4.93 -18.51 -1.87
N CYS A 53 -4.29 -17.37 -2.08
CA CYS A 53 -2.83 -17.28 -2.08
C CYS A 53 -2.36 -16.36 -0.95
N GLY A 54 -2.96 -15.18 -0.86
CA GLY A 54 -2.58 -14.23 0.17
C GLY A 54 -1.98 -12.96 -0.41
N LYS A 55 -2.47 -12.55 -1.56
CA LYS A 55 -1.97 -11.35 -2.22
C LYS A 55 -2.67 -10.10 -1.66
N THR A 56 -2.26 -8.93 -2.16
CA THR A 56 -2.83 -7.67 -1.71
C THR A 56 -3.63 -7.01 -2.83
N PHE A 57 -4.74 -6.37 -2.45
CA PHE A 57 -5.59 -5.70 -3.42
C PHE A 57 -6.19 -4.43 -2.83
N THR A 58 -6.08 -3.32 -3.55
CA THR A 58 -6.61 -2.04 -3.09
C THR A 58 -8.03 -1.82 -3.61
N ARG A 59 -8.74 -2.91 -3.84
CA ARG A 59 -10.11 -2.84 -4.35
C ARG A 59 -10.90 -4.10 -3.97
N ARG A 60 -11.96 -3.92 -3.21
CA ARG A 60 -12.80 -5.03 -2.79
C ARG A 60 -13.27 -5.85 -3.99
N ASN A 61 -13.87 -5.16 -4.96
CA ASN A 61 -14.36 -5.83 -6.17
C ASN A 61 -13.23 -6.54 -6.90
N THR A 62 -12.24 -5.77 -7.35
CA THR A 62 -11.11 -6.34 -8.07
C THR A 62 -10.62 -7.63 -7.41
N MET A 63 -10.29 -7.54 -6.13
CA MET A 63 -9.82 -8.71 -5.38
C MET A 63 -10.75 -9.89 -5.59
N ALA A 64 -12.03 -9.71 -5.26
CA ALA A 64 -13.01 -10.76 -5.40
C ALA A 64 -12.89 -11.45 -6.76
N ARG A 65 -12.79 -10.65 -7.81
CA ARG A 65 -12.66 -11.19 -9.17
C ARG A 65 -11.41 -12.05 -9.30
N HIS A 66 -10.29 -11.53 -8.80
CA HIS A 66 -9.02 -12.27 -8.86
C HIS A 66 -9.15 -13.63 -8.21
N ALA A 67 -9.73 -13.67 -7.01
CA ALA A 67 -9.92 -14.92 -6.29
C ALA A 67 -10.45 -16.01 -7.21
N ASP A 68 -11.44 -15.66 -8.03
CA ASP A 68 -12.04 -16.61 -8.96
C ASP A 68 -10.99 -17.19 -9.90
N ASN A 69 -10.24 -16.32 -10.56
CA ASN A 69 -9.20 -16.74 -11.49
C ASN A 69 -7.91 -17.07 -10.75
N CYS A 70 -7.95 -16.94 -9.42
CA CYS A 70 -6.78 -17.22 -8.60
C CYS A 70 -6.62 -18.72 -8.38
N ALA A 71 -5.41 -19.22 -8.62
CA ALA A 71 -5.12 -20.64 -8.45
C ALA A 71 -4.59 -20.93 -7.05
N GLY A 72 -3.70 -20.07 -6.56
CA GLY A 72 -3.13 -20.24 -5.24
C GLY A 72 -1.79 -19.57 -5.09
N PRO A 73 -1.10 -19.84 -3.97
CA PRO A 73 0.21 -19.26 -3.68
C PRO A 73 1.30 -19.80 -4.60
N ASP A 74 1.17 -21.07 -4.98
CA ASP A 74 2.14 -21.72 -5.85
C ASP A 74 3.56 -21.42 -5.40
N GLY A 75 3.76 -21.41 -4.07
CA GLY A 75 5.08 -21.13 -3.53
C GLY A 75 5.02 -20.59 -2.11
N VAL A 76 6.18 -20.31 -1.54
CA VAL A 76 6.26 -19.78 -0.18
C VAL A 76 6.93 -18.41 -0.16
N GLU A 77 6.13 -17.36 -0.01
CA GLU A 77 6.65 -16.00 0.02
C GLU A 77 5.91 -15.16 1.05
N GLY A 78 6.37 -13.94 1.25
CA GLY A 78 5.74 -13.05 2.22
C GLY A 78 6.60 -12.83 3.45
N GLU A 79 7.92 -12.79 3.24
CA GLU A 79 8.85 -12.58 4.34
C GLU A 79 9.98 -11.62 3.94
N ASN A 80 10.00 -10.45 4.56
CA ASN A 80 11.02 -9.45 4.26
C ASN A 80 11.19 -8.49 5.43
N SER A 81 12.36 -7.86 5.51
CA SER A 81 12.66 -6.91 6.57
C SER A 81 13.95 -6.16 6.29
N GLY A 82 13.95 -4.85 6.53
CA GLY A 82 15.12 -4.05 6.30
C GLY A 82 15.38 -3.05 7.42
N PRO A 83 15.90 -3.55 8.55
CA PRO A 83 16.21 -2.70 9.71
C PRO A 83 17.36 -1.75 9.45
N SER A 84 17.04 -0.49 9.20
CA SER A 84 18.06 0.53 8.94
C SER A 84 17.64 1.88 9.49
N SER A 85 18.53 2.86 9.39
CA SER A 85 18.25 4.20 9.89
C SER A 85 17.82 5.12 8.74
N GLY A 86 18.65 5.18 7.70
CA GLY A 86 18.34 6.02 6.56
C GLY A 86 19.22 7.26 6.49
ZN ZN B . 0.01 14.96 9.31
ZN ZN C . -5.08 -15.03 -4.75
N GLY A 1 -3.61 -8.65 8.16
CA GLY A 1 -3.09 -9.06 6.87
C GLY A 1 -1.84 -8.29 6.48
N SER A 2 -2.03 -7.07 5.99
CA SER A 2 -0.92 -6.23 5.56
C SER A 2 0.01 -5.93 6.75
N SER A 3 1.29 -5.72 6.44
CA SER A 3 2.28 -5.44 7.47
C SER A 3 2.17 -3.99 7.94
N GLY A 4 2.21 -3.05 6.99
CA GLY A 4 2.11 -1.65 7.32
C GLY A 4 3.46 -0.95 7.32
N SER A 5 4.14 -1.00 6.18
CA SER A 5 5.45 -0.38 6.04
C SER A 5 6.24 -0.47 7.35
N SER A 6 6.18 -1.64 7.99
CA SER A 6 6.88 -1.84 9.26
C SER A 6 8.32 -2.25 9.02
N GLY A 7 9.24 -1.64 9.77
CA GLY A 7 10.65 -1.96 9.62
C GLY A 7 11.26 -1.31 8.40
N ARG A 8 12.32 -0.54 8.60
CA ARG A 8 13.00 0.14 7.51
C ARG A 8 14.51 -0.04 7.61
N THR A 9 15.13 -0.43 6.50
CA THR A 9 16.58 -0.64 6.47
C THR A 9 17.29 0.54 5.81
N HIS A 10 16.55 1.31 5.02
CA HIS A 10 17.11 2.47 4.34
C HIS A 10 16.37 3.75 4.74
N THR A 11 16.95 4.89 4.39
CA THR A 11 16.35 6.18 4.71
C THR A 11 15.46 6.68 3.58
N GLY A 12 15.98 6.64 2.36
CA GLY A 12 15.22 7.08 1.21
C GLY A 12 15.34 8.58 0.98
N GLU A 13 14.23 9.21 0.62
CA GLU A 13 14.21 10.65 0.37
C GLU A 13 12.78 11.16 0.29
N LYS A 14 12.37 11.92 1.30
CA LYS A 14 11.02 12.47 1.35
C LYS A 14 11.07 13.97 1.66
N PRO A 15 11.00 14.80 0.61
CA PRO A 15 11.02 16.26 0.76
C PRO A 15 9.75 16.80 1.39
N TYR A 16 8.65 16.09 1.20
CA TYR A 16 7.36 16.51 1.75
C TYR A 16 7.23 16.07 3.21
N ALA A 17 7.50 16.99 4.13
CA ALA A 17 7.40 16.71 5.55
C ALA A 17 6.15 17.32 6.15
N CYS A 18 5.36 16.50 6.84
CA CYS A 18 4.12 16.97 7.47
C CYS A 18 4.43 17.96 8.59
N SER A 19 3.56 18.95 8.75
CA SER A 19 3.73 19.96 9.78
C SER A 19 3.07 19.54 11.09
N HIS A 20 1.85 19.02 10.98
CA HIS A 20 1.10 18.57 12.14
C HIS A 20 1.87 17.48 12.89
N CYS A 21 2.44 16.54 12.14
CA CYS A 21 3.20 15.45 12.73
C CYS A 21 4.62 15.41 12.17
N ASP A 22 5.43 14.47 12.68
CA ASP A 22 6.80 14.33 12.23
C ASP A 22 6.92 13.25 11.16
N LYS A 23 6.01 13.28 10.19
CA LYS A 23 6.00 12.30 9.11
C LYS A 23 6.51 12.92 7.82
N THR A 24 6.99 12.08 6.91
CA THR A 24 7.51 12.53 5.63
C THR A 24 7.02 11.67 4.48
N PHE A 25 6.96 12.24 3.29
CA PHE A 25 6.51 11.50 2.11
C PHE A 25 7.25 11.97 0.86
N ARG A 26 7.42 11.06 -0.10
CA ARG A 26 8.11 11.39 -1.34
C ARG A 26 7.17 12.06 -2.33
N GLN A 27 5.88 11.73 -2.23
CA GLN A 27 4.88 12.30 -3.12
C GLN A 27 3.86 13.12 -2.33
N LYS A 28 3.66 14.37 -2.74
CA LYS A 28 2.72 15.27 -2.07
C LYS A 28 1.39 14.56 -1.83
N GLN A 29 0.93 13.80 -2.82
CA GLN A 29 -0.33 13.07 -2.70
C GLN A 29 -0.38 12.27 -1.41
N LEU A 30 0.65 11.46 -1.18
CA LEU A 30 0.71 10.64 0.03
C LEU A 30 0.53 11.50 1.28
N LEU A 31 1.31 12.57 1.37
CA LEU A 31 1.24 13.47 2.52
C LEU A 31 -0.14 14.12 2.61
N ASP A 32 -0.74 14.38 1.45
CA ASP A 32 -2.07 14.99 1.40
C ASP A 32 -3.14 14.04 1.93
N MET A 33 -3.08 12.79 1.47
CA MET A 33 -4.05 11.78 1.91
C MET A 33 -3.78 11.36 3.35
N HIS A 34 -2.51 11.31 3.73
CA HIS A 34 -2.12 10.93 5.07
C HIS A 34 -2.82 11.80 6.11
N PHE A 35 -2.84 13.11 5.86
CA PHE A 35 -3.47 14.05 6.77
C PHE A 35 -4.96 13.77 6.90
N LYS A 36 -5.66 13.81 5.76
CA LYS A 36 -7.10 13.56 5.74
C LYS A 36 -7.42 12.14 6.21
N ARG A 37 -6.37 11.34 6.39
CA ARG A 37 -6.53 9.96 6.83
C ARG A 37 -6.36 9.85 8.34
N TYR A 38 -5.17 10.19 8.83
CA TYR A 38 -4.87 10.12 10.25
C TYR A 38 -5.52 11.28 11.00
N HIS A 39 -5.05 12.49 10.73
CA HIS A 39 -5.58 13.68 11.37
C HIS A 39 -7.09 13.78 11.18
N ASP A 40 -7.60 13.07 10.18
CA ASP A 40 -9.03 13.07 9.89
C ASP A 40 -9.52 11.65 9.61
N PRO A 41 -10.43 11.16 10.46
CA PRO A 41 -11.01 9.82 10.33
C PRO A 41 -11.94 9.70 9.12
N ASN A 42 -12.05 10.79 8.38
CA ASN A 42 -12.91 10.81 7.19
C ASN A 42 -12.34 9.94 6.09
N PHE A 43 -11.16 10.32 5.59
CA PHE A 43 -10.51 9.56 4.52
C PHE A 43 -10.08 8.18 5.02
N VAL A 44 -10.42 7.16 4.23
CA VAL A 44 -10.08 5.78 4.59
C VAL A 44 -9.62 5.00 3.36
N PRO A 45 -8.37 4.51 3.41
CA PRO A 45 -7.79 3.73 2.31
C PRO A 45 -8.43 2.36 2.17
N ALA A 46 -8.81 2.02 0.94
CA ALA A 46 -9.44 0.73 0.67
C ALA A 46 -8.41 -0.39 0.70
N ALA A 47 -8.47 -1.23 1.74
CA ALA A 47 -7.55 -2.34 1.87
C ALA A 47 -8.25 -3.67 1.67
N PHE A 48 -8.00 -4.31 0.53
CA PHE A 48 -8.61 -5.59 0.21
C PHE A 48 -7.56 -6.60 -0.22
N VAL A 49 -7.16 -7.46 0.71
CA VAL A 49 -6.16 -8.49 0.43
C VAL A 49 -6.81 -9.86 0.24
N CYS A 50 -6.32 -10.61 -0.72
CA CYS A 50 -6.85 -11.94 -1.00
C CYS A 50 -6.72 -12.84 0.22
N SER A 51 -7.53 -13.89 0.26
CA SER A 51 -7.52 -14.82 1.38
C SER A 51 -6.88 -16.15 0.97
N LYS A 52 -6.91 -16.43 -0.33
CA LYS A 52 -6.34 -17.66 -0.86
C LYS A 52 -4.81 -17.58 -0.90
N CYS A 53 -4.29 -16.49 -1.46
CA CYS A 53 -2.86 -16.30 -1.55
C CYS A 53 -2.39 -15.26 -0.53
N GLY A 54 -3.10 -14.14 -0.46
CA GLY A 54 -2.74 -13.09 0.48
C GLY A 54 -2.13 -11.88 -0.21
N LYS A 55 -2.61 -11.60 -1.41
CA LYS A 55 -2.12 -10.46 -2.18
C LYS A 55 -2.95 -9.22 -1.91
N THR A 56 -2.28 -8.07 -1.80
CA THR A 56 -2.96 -6.81 -1.54
C THR A 56 -3.51 -6.20 -2.82
N PHE A 57 -4.78 -5.78 -2.79
CA PHE A 57 -5.43 -5.19 -3.95
C PHE A 57 -5.91 -3.78 -3.63
N THR A 58 -6.50 -3.13 -4.64
CA THR A 58 -7.01 -1.78 -4.47
C THR A 58 -8.53 -1.75 -4.63
N ARG A 59 -9.04 -2.55 -5.56
CA ARG A 59 -10.47 -2.60 -5.81
C ARG A 59 -11.05 -3.94 -5.35
N ARG A 60 -12.15 -3.88 -4.59
CA ARG A 60 -12.80 -5.07 -4.08
C ARG A 60 -13.19 -6.00 -5.22
N ASN A 61 -14.06 -5.50 -6.11
CA ASN A 61 -14.51 -6.28 -7.25
C ASN A 61 -13.36 -7.03 -7.91
N THR A 62 -12.26 -6.32 -8.13
CA THR A 62 -11.09 -6.91 -8.75
C THR A 62 -10.55 -8.07 -7.93
N MET A 63 -10.49 -7.89 -6.62
CA MET A 63 -10.01 -8.93 -5.73
C MET A 63 -10.97 -10.12 -5.69
N ALA A 64 -12.22 -9.85 -5.35
CA ALA A 64 -13.24 -10.88 -5.29
C ALA A 64 -13.13 -11.84 -6.47
N ARG A 65 -13.11 -11.28 -7.68
CA ARG A 65 -13.01 -12.08 -8.88
C ARG A 65 -11.67 -12.81 -8.95
N HIS A 66 -10.59 -12.07 -8.68
CA HIS A 66 -9.25 -12.65 -8.70
C HIS A 66 -9.21 -13.97 -7.94
N ALA A 67 -9.83 -13.99 -6.77
CA ALA A 67 -9.87 -15.19 -5.95
C ALA A 67 -10.28 -16.41 -6.78
N ASP A 68 -11.28 -16.25 -7.63
CA ASP A 68 -11.76 -17.33 -8.47
C ASP A 68 -10.60 -17.98 -9.22
N ASN A 69 -9.87 -17.20 -10.00
CA ASN A 69 -8.74 -17.69 -10.76
C ASN A 69 -7.55 -18.00 -9.84
N CYS A 70 -7.67 -17.58 -8.59
CA CYS A 70 -6.60 -17.81 -7.61
C CYS A 70 -6.70 -19.22 -7.03
N ALA A 71 -5.56 -19.73 -6.55
CA ALA A 71 -5.52 -21.06 -5.97
C ALA A 71 -4.87 -21.05 -4.59
N GLY A 72 -3.83 -20.22 -4.44
CA GLY A 72 -3.13 -20.12 -3.17
C GLY A 72 -1.70 -19.65 -3.33
N PRO A 73 -0.94 -19.66 -2.23
CA PRO A 73 0.46 -19.23 -2.23
C PRO A 73 1.37 -20.21 -2.98
N ASP A 74 1.73 -19.84 -4.20
CA ASP A 74 2.60 -20.68 -5.02
C ASP A 74 4.07 -20.38 -4.75
N GLY A 75 4.44 -19.11 -4.87
CA GLY A 75 5.81 -18.72 -4.63
C GLY A 75 6.79 -19.43 -5.54
N VAL A 76 8.03 -18.96 -5.56
CA VAL A 76 9.06 -19.57 -6.40
C VAL A 76 9.93 -20.51 -5.59
N GLU A 77 10.70 -21.34 -6.29
CA GLU A 77 11.59 -22.31 -5.63
C GLU A 77 10.78 -23.28 -4.78
N GLY A 78 9.65 -23.74 -5.31
CA GLY A 78 8.81 -24.67 -4.58
C GLY A 78 8.81 -26.06 -5.20
N GLU A 79 9.84 -26.83 -4.91
CA GLU A 79 9.96 -28.18 -5.44
C GLU A 79 9.39 -29.21 -4.47
N ASN A 80 8.76 -30.25 -5.01
CA ASN A 80 8.16 -31.29 -4.20
C ASN A 80 7.02 -30.74 -3.34
N SER A 81 6.20 -29.89 -3.95
CA SER A 81 5.08 -29.29 -3.24
C SER A 81 4.46 -30.27 -2.25
N GLY A 82 4.49 -29.92 -0.97
CA GLY A 82 3.93 -30.78 0.06
C GLY A 82 4.93 -31.10 1.14
N PRO A 83 5.25 -30.10 1.97
CA PRO A 83 6.21 -30.25 3.07
C PRO A 83 5.66 -31.13 4.20
N SER A 84 4.39 -30.93 4.53
CA SER A 84 3.75 -31.71 5.58
C SER A 84 4.39 -31.43 6.94
N SER A 85 4.65 -30.15 7.20
CA SER A 85 5.28 -29.74 8.47
C SER A 85 5.22 -28.22 8.63
N GLY A 86 5.48 -27.77 9.85
CA GLY A 86 5.47 -26.34 10.13
C GLY A 86 6.84 -25.78 10.39
ZN ZN B . 0.58 14.41 9.54
ZN ZN C . -5.22 -14.82 -4.36
N GLY A 1 -10.93 0.49 13.72
CA GLY A 1 -9.56 0.11 13.94
C GLY A 1 -9.13 -1.04 13.05
N SER A 2 -7.89 -1.00 12.58
CA SER A 2 -7.36 -2.05 11.72
C SER A 2 -5.85 -2.15 11.84
N SER A 3 -5.36 -3.30 12.27
CA SER A 3 -3.93 -3.53 12.44
C SER A 3 -3.29 -3.92 11.11
N GLY A 4 -2.11 -3.37 10.86
CA GLY A 4 -1.40 -3.68 9.63
C GLY A 4 0.06 -3.99 9.86
N SER A 5 0.85 -4.00 8.79
CA SER A 5 2.27 -4.29 8.88
C SER A 5 3.09 -3.15 8.31
N SER A 6 4.40 -3.18 8.58
CA SER A 6 5.30 -2.13 8.10
C SER A 6 6.64 -2.72 7.69
N GLY A 7 7.40 -1.97 6.90
CA GLY A 7 8.69 -2.44 6.45
C GLY A 7 9.02 -1.97 5.05
N ARG A 8 9.72 -0.84 4.95
CA ARG A 8 10.09 -0.28 3.66
C ARG A 8 11.45 0.41 3.75
N THR A 9 12.15 0.47 2.61
CA THR A 9 13.46 1.11 2.55
C THR A 9 13.36 2.55 2.05
N HIS A 10 14.11 3.44 2.69
CA HIS A 10 14.09 4.85 2.32
C HIS A 10 14.90 5.08 1.04
N THR A 11 14.21 5.48 -0.03
CA THR A 11 14.86 5.72 -1.31
C THR A 11 15.10 7.22 -1.53
N GLY A 12 15.53 7.90 -0.48
CA GLY A 12 15.79 9.33 -0.58
C GLY A 12 15.27 10.10 0.62
N GLU A 13 15.19 11.42 0.49
CA GLU A 13 14.71 12.27 1.57
C GLU A 13 13.34 12.86 1.23
N LYS A 14 12.30 12.34 1.89
CA LYS A 14 10.94 12.83 1.66
C LYS A 14 10.88 14.35 1.73
N PRO A 15 10.73 14.99 0.57
CA PRO A 15 10.65 16.46 0.47
C PRO A 15 9.35 17.00 1.06
N TYR A 16 8.28 16.23 0.92
CA TYR A 16 6.97 16.63 1.43
C TYR A 16 6.87 16.38 2.93
N ALA A 17 6.81 17.46 3.71
CA ALA A 17 6.72 17.36 5.16
C ALA A 17 5.43 18.01 5.67
N CYS A 18 4.58 17.21 6.29
CA CYS A 18 3.31 17.70 6.82
C CYS A 18 3.54 18.89 7.76
N SER A 19 2.55 19.77 7.83
CA SER A 19 2.63 20.95 8.69
C SER A 19 2.02 20.68 10.05
N HIS A 20 0.93 19.91 10.06
CA HIS A 20 0.24 19.59 11.31
C HIS A 20 1.14 18.75 12.22
N CYS A 21 1.76 17.72 11.65
CA CYS A 21 2.65 16.85 12.42
C CYS A 21 4.05 16.87 11.84
N ASP A 22 4.92 16.03 12.39
CA ASP A 22 6.31 15.94 11.93
C ASP A 22 6.51 14.70 11.05
N LYS A 23 5.68 14.56 10.02
CA LYS A 23 5.77 13.43 9.12
C LYS A 23 6.18 13.88 7.72
N THR A 24 6.88 13.01 7.00
CA THR A 24 7.34 13.32 5.66
C THR A 24 6.93 12.22 4.68
N PHE A 25 6.92 12.56 3.39
CA PHE A 25 6.56 11.60 2.35
C PHE A 25 7.28 11.92 1.04
N ARG A 26 7.45 10.89 0.21
CA ARG A 26 8.12 11.06 -1.07
C ARG A 26 7.26 11.85 -2.04
N GLN A 27 6.04 11.38 -2.27
CA GLN A 27 5.11 12.04 -3.18
C GLN A 27 4.03 12.78 -2.41
N LYS A 28 3.61 13.92 -2.94
CA LYS A 28 2.57 14.73 -2.30
C LYS A 28 1.36 13.88 -1.95
N GLN A 29 0.87 13.12 -2.92
CA GLN A 29 -0.29 12.26 -2.71
C GLN A 29 -0.27 11.64 -1.32
N LEU A 30 0.84 10.97 -0.99
CA LEU A 30 1.00 10.34 0.31
C LEU A 30 0.71 11.33 1.44
N LEU A 31 1.39 12.47 1.40
CA LEU A 31 1.20 13.50 2.41
C LEU A 31 -0.20 14.08 2.36
N ASP A 32 -0.88 13.89 1.23
CA ASP A 32 -2.23 14.39 1.05
C ASP A 32 -3.24 13.46 1.71
N MET A 33 -3.06 12.15 1.50
CA MET A 33 -3.96 11.16 2.07
C MET A 33 -3.70 10.98 3.57
N HIS A 34 -2.46 11.20 3.97
CA HIS A 34 -2.08 11.07 5.38
C HIS A 34 -2.84 12.06 6.25
N PHE A 35 -2.97 13.29 5.74
CA PHE A 35 -3.68 14.34 6.48
C PHE A 35 -5.15 13.99 6.63
N LYS A 36 -5.81 13.71 5.51
CA LYS A 36 -7.23 13.36 5.52
C LYS A 36 -7.44 11.99 6.14
N ARG A 37 -6.35 11.30 6.46
CA ARG A 37 -6.42 9.98 7.07
C ARG A 37 -6.27 10.07 8.59
N TYR A 38 -5.11 10.56 9.03
CA TYR A 38 -4.84 10.69 10.46
C TYR A 38 -5.62 11.86 11.05
N HIS A 39 -5.30 13.06 10.61
CA HIS A 39 -5.97 14.26 11.10
C HIS A 39 -7.46 14.21 10.81
N ASP A 40 -7.86 13.25 9.98
CA ASP A 40 -9.26 13.09 9.61
C ASP A 40 -9.62 11.61 9.48
N PRO A 41 -10.50 11.12 10.37
CA PRO A 41 -10.94 9.73 10.36
C PRO A 41 -11.83 9.40 9.17
N ASN A 42 -12.11 10.42 8.35
CA ASN A 42 -12.95 10.24 7.17
C ASN A 42 -12.26 9.33 6.15
N PHE A 43 -11.12 9.78 5.64
CA PHE A 43 -10.36 9.01 4.66
C PHE A 43 -10.04 7.62 5.20
N VAL A 44 -10.38 6.59 4.43
CA VAL A 44 -10.11 5.21 4.83
C VAL A 44 -9.55 4.41 3.67
N PRO A 45 -8.33 3.88 3.84
CA PRO A 45 -7.67 3.07 2.81
C PRO A 45 -8.32 1.72 2.62
N ALA A 46 -8.61 1.37 1.36
CA ALA A 46 -9.24 0.11 1.04
C ALA A 46 -8.23 -1.03 1.06
N ALA A 47 -8.35 -1.90 2.07
CA ALA A 47 -7.44 -3.03 2.21
C ALA A 47 -8.16 -4.35 1.93
N PHE A 48 -7.85 -4.96 0.80
CA PHE A 48 -8.46 -6.23 0.41
C PHE A 48 -7.41 -7.23 -0.04
N VAL A 49 -7.22 -8.29 0.74
CA VAL A 49 -6.25 -9.32 0.43
C VAL A 49 -6.93 -10.66 0.19
N CYS A 50 -6.42 -11.40 -0.79
CA CYS A 50 -6.98 -12.71 -1.12
C CYS A 50 -6.86 -13.67 0.05
N SER A 51 -7.73 -14.69 0.08
CA SER A 51 -7.73 -15.67 1.15
C SER A 51 -7.10 -16.98 0.68
N LYS A 52 -7.05 -17.17 -0.63
CA LYS A 52 -6.48 -18.39 -1.20
C LYS A 52 -4.96 -18.31 -1.23
N CYS A 53 -4.44 -17.21 -1.76
CA CYS A 53 -2.99 -17.01 -1.85
C CYS A 53 -2.52 -16.01 -0.79
N GLY A 54 -3.27 -14.93 -0.62
CA GLY A 54 -2.91 -13.93 0.36
C GLY A 54 -2.33 -12.68 -0.27
N LYS A 55 -2.68 -12.44 -1.53
CA LYS A 55 -2.19 -11.27 -2.25
C LYS A 55 -2.96 -10.02 -1.84
N THR A 56 -2.24 -8.91 -1.71
CA THR A 56 -2.85 -7.65 -1.33
C THR A 56 -3.36 -6.88 -2.55
N PHE A 57 -4.57 -6.35 -2.44
CA PHE A 57 -5.18 -5.61 -3.53
C PHE A 57 -5.59 -4.21 -3.08
N THR A 58 -5.92 -3.36 -4.03
CA THR A 58 -6.33 -1.98 -3.73
C THR A 58 -7.84 -1.84 -3.79
N ARG A 59 -8.47 -2.55 -4.71
CA ARG A 59 -9.92 -2.51 -4.87
C ARG A 59 -10.54 -3.88 -4.65
N ARG A 60 -11.76 -3.89 -4.11
CA ARG A 60 -12.46 -5.14 -3.85
C ARG A 60 -12.79 -5.87 -5.15
N ASN A 61 -13.62 -5.23 -5.98
CA ASN A 61 -14.02 -5.81 -7.26
C ASN A 61 -12.83 -6.48 -7.95
N THR A 62 -11.65 -5.87 -7.80
CA THR A 62 -10.44 -6.41 -8.42
C THR A 62 -9.98 -7.67 -7.71
N MET A 63 -10.07 -7.66 -6.38
CA MET A 63 -9.66 -8.82 -5.58
C MET A 63 -10.65 -9.97 -5.75
N ALA A 64 -11.92 -9.68 -5.53
CA ALA A 64 -12.97 -10.69 -5.65
C ALA A 64 -12.84 -11.46 -6.96
N ARG A 65 -12.63 -10.72 -8.06
CA ARG A 65 -12.49 -11.35 -9.37
C ARG A 65 -11.25 -12.25 -9.42
N HIS A 66 -10.16 -11.77 -8.82
CA HIS A 66 -8.91 -12.53 -8.80
C HIS A 66 -9.08 -13.82 -8.00
N ALA A 67 -9.69 -13.72 -6.82
CA ALA A 67 -9.91 -14.87 -5.96
C ALA A 67 -10.73 -15.93 -6.69
N ASP A 68 -11.70 -15.49 -7.49
CA ASP A 68 -12.54 -16.41 -8.24
C ASP A 68 -11.71 -17.32 -9.13
N ASN A 69 -10.87 -16.72 -9.96
CA ASN A 69 -10.02 -17.48 -10.87
C ASN A 69 -8.74 -17.92 -10.17
N CYS A 70 -8.62 -17.58 -8.89
CA CYS A 70 -7.44 -17.94 -8.11
C CYS A 70 -7.51 -19.39 -7.65
N ALA A 71 -6.35 -20.02 -7.48
CA ALA A 71 -6.28 -21.40 -7.05
C ALA A 71 -5.48 -21.53 -5.75
N GLY A 72 -4.60 -20.56 -5.51
CA GLY A 72 -3.78 -20.59 -4.31
C GLY A 72 -2.50 -19.80 -4.46
N PRO A 73 -1.53 -20.06 -3.57
CA PRO A 73 -0.23 -19.38 -3.59
C PRO A 73 0.62 -19.78 -4.79
N ASP A 74 0.20 -20.83 -5.48
CA ASP A 74 0.92 -21.31 -6.65
C ASP A 74 0.54 -20.51 -7.89
N GLY A 75 1.49 -19.71 -8.39
CA GLY A 75 1.23 -18.90 -9.56
C GLY A 75 2.50 -18.27 -10.11
N VAL A 76 2.67 -18.34 -11.43
CA VAL A 76 3.85 -17.77 -12.07
C VAL A 76 3.72 -17.82 -13.60
N GLU A 77 4.39 -16.89 -14.27
CA GLU A 77 4.35 -16.82 -15.72
C GLU A 77 2.94 -16.50 -16.21
N GLY A 78 2.33 -15.47 -15.64
CA GLY A 78 1.00 -15.07 -16.02
C GLY A 78 0.83 -15.00 -17.53
N GLU A 79 1.21 -13.86 -18.11
CA GLU A 79 1.10 -13.68 -19.55
C GLU A 79 1.84 -12.42 -20.00
N ASN A 80 2.00 -12.27 -21.30
CA ASN A 80 2.69 -11.12 -21.86
C ASN A 80 1.70 -10.10 -22.43
N SER A 81 2.23 -8.99 -22.92
CA SER A 81 1.38 -7.94 -23.50
C SER A 81 0.33 -8.53 -24.41
N GLY A 82 0.78 -9.23 -25.45
CA GLY A 82 -0.15 -9.83 -26.40
C GLY A 82 -0.87 -8.80 -27.24
N PRO A 83 -1.09 -9.14 -28.53
CA PRO A 83 -1.78 -8.25 -29.47
C PRO A 83 -3.26 -8.10 -29.15
N SER A 84 -3.97 -7.35 -30.00
CA SER A 84 -5.39 -7.13 -29.81
C SER A 84 -6.17 -7.43 -31.09
N SER A 85 -7.49 -7.52 -30.96
CA SER A 85 -8.35 -7.80 -32.11
C SER A 85 -9.70 -7.13 -31.95
N GLY A 86 -10.54 -7.24 -32.98
CA GLY A 86 -11.86 -6.64 -32.93
C GLY A 86 -12.97 -7.67 -32.97
ZN ZN B . 0.22 15.30 9.52
ZN ZN C . -5.53 -15.35 -4.75
N GLY A 1 2.44 1.74 -21.48
CA GLY A 1 2.88 0.64 -20.64
C GLY A 1 3.17 1.08 -19.22
N SER A 2 3.32 0.11 -18.32
CA SER A 2 3.60 0.41 -16.91
C SER A 2 4.00 -0.86 -16.17
N SER A 3 5.26 -0.91 -15.74
CA SER A 3 5.77 -2.06 -15.01
C SER A 3 6.64 -1.62 -13.83
N GLY A 4 6.81 -2.52 -12.87
CA GLY A 4 7.61 -2.21 -11.70
C GLY A 4 8.56 -3.33 -11.33
N SER A 5 9.85 -3.12 -11.60
CA SER A 5 10.86 -4.13 -11.29
C SER A 5 11.94 -3.56 -10.37
N SER A 6 11.68 -3.64 -9.07
CA SER A 6 12.61 -3.13 -8.07
C SER A 6 12.41 -3.81 -6.73
N GLY A 7 13.31 -3.54 -5.78
CA GLY A 7 13.19 -4.13 -4.46
C GLY A 7 12.21 -3.39 -3.58
N ARG A 8 11.66 -4.10 -2.59
CA ARG A 8 10.70 -3.50 -1.67
C ARG A 8 11.20 -2.16 -1.15
N THR A 9 12.42 -2.17 -0.61
CA THR A 9 13.01 -0.95 -0.07
C THR A 9 12.98 0.18 -1.09
N HIS A 10 13.06 1.41 -0.61
CA HIS A 10 13.05 2.58 -1.48
C HIS A 10 14.28 3.45 -1.26
N THR A 11 14.50 4.41 -2.15
CA THR A 11 15.64 5.31 -2.05
C THR A 11 15.25 6.74 -2.38
N GLY A 12 16.07 7.69 -1.94
CA GLY A 12 15.80 9.09 -2.21
C GLY A 12 15.48 9.87 -0.94
N GLU A 13 14.82 11.01 -1.10
CA GLU A 13 14.45 11.84 0.03
C GLU A 13 13.02 12.36 -0.11
N LYS A 14 12.38 12.61 1.03
CA LYS A 14 11.00 13.10 1.04
C LYS A 14 10.95 14.56 1.51
N PRO A 15 10.83 15.48 0.55
CA PRO A 15 10.77 16.91 0.84
C PRO A 15 9.46 17.31 1.53
N TYR A 16 8.39 16.59 1.21
CA TYR A 16 7.09 16.86 1.79
C TYR A 16 7.02 16.36 3.23
N ALA A 17 7.21 17.28 4.18
CA ALA A 17 7.17 16.94 5.59
C ALA A 17 5.92 17.52 6.27
N CYS A 18 5.04 16.64 6.74
CA CYS A 18 3.81 17.07 7.40
C CYS A 18 4.12 18.02 8.55
N SER A 19 3.21 18.97 8.78
CA SER A 19 3.38 19.94 9.86
C SER A 19 2.92 19.37 11.19
N HIS A 20 1.68 18.90 11.22
CA HIS A 20 1.11 18.32 12.44
C HIS A 20 2.06 17.30 13.05
N CYS A 21 2.67 16.49 12.20
CA CYS A 21 3.60 15.46 12.65
C CYS A 21 4.96 15.62 11.98
N ASP A 22 5.89 14.72 12.30
CA ASP A 22 7.22 14.77 11.72
C ASP A 22 7.38 13.72 10.64
N LYS A 23 6.29 13.43 9.93
CA LYS A 23 6.31 12.44 8.86
C LYS A 23 6.71 13.09 7.53
N THR A 24 7.20 12.26 6.61
CA THR A 24 7.61 12.76 5.30
C THR A 24 7.10 11.86 4.18
N PHE A 25 7.02 12.40 2.98
CA PHE A 25 6.54 11.65 1.83
C PHE A 25 7.20 12.14 0.54
N ARG A 26 7.16 11.32 -0.50
CA ARG A 26 7.75 11.67 -1.78
C ARG A 26 6.86 12.64 -2.54
N GLN A 27 5.63 12.21 -2.81
CA GLN A 27 4.67 13.04 -3.53
C GLN A 27 3.68 13.70 -2.57
N LYS A 28 3.33 14.94 -2.84
CA LYS A 28 2.38 15.68 -2.01
C LYS A 28 1.13 14.85 -1.73
N GLN A 29 0.67 14.13 -2.76
CA GLN A 29 -0.52 13.30 -2.63
C GLN A 29 -0.45 12.45 -1.36
N LEU A 30 0.69 11.80 -1.14
CA LEU A 30 0.89 10.96 0.03
C LEU A 30 0.70 11.77 1.31
N LEU A 31 1.43 12.88 1.42
CA LEU A 31 1.34 13.74 2.59
C LEU A 31 -0.05 14.34 2.73
N ASP A 32 -0.77 14.42 1.61
CA ASP A 32 -2.12 14.96 1.61
C ASP A 32 -3.12 13.94 2.14
N MET A 33 -3.05 12.72 1.62
CA MET A 33 -3.95 11.66 2.05
C MET A 33 -3.61 11.18 3.46
N HIS A 34 -2.34 11.35 3.84
CA HIS A 34 -1.89 10.94 5.16
C HIS A 34 -2.57 11.76 6.25
N PHE A 35 -2.62 13.07 6.06
CA PHE A 35 -3.23 13.96 7.02
C PHE A 35 -4.72 13.67 7.17
N LYS A 36 -5.43 13.71 6.05
CA LYS A 36 -6.87 13.45 6.04
C LYS A 36 -7.15 12.00 6.44
N ARG A 37 -6.10 11.21 6.59
CA ARG A 37 -6.24 9.81 6.96
C ARG A 37 -6.03 9.64 8.47
N TYR A 38 -4.84 9.96 8.94
CA TYR A 38 -4.51 9.84 10.35
C TYR A 38 -5.17 10.95 11.16
N HIS A 39 -4.73 12.19 10.93
CA HIS A 39 -5.28 13.33 11.64
C HIS A 39 -6.79 13.42 11.46
N ASP A 40 -7.31 12.64 10.52
CA ASP A 40 -8.75 12.62 10.25
C ASP A 40 -9.20 11.23 9.83
N PRO A 41 -10.09 10.62 10.63
CA PRO A 41 -10.62 9.29 10.36
C PRO A 41 -11.56 9.26 9.15
N ASN A 42 -11.71 10.42 8.52
CA ASN A 42 -12.57 10.53 7.35
C ASN A 42 -12.01 9.74 6.16
N PHE A 43 -10.81 10.13 5.74
CA PHE A 43 -10.15 9.46 4.62
C PHE A 43 -9.70 8.06 5.01
N VAL A 44 -10.07 7.07 4.20
CA VAL A 44 -9.70 5.69 4.46
C VAL A 44 -9.29 4.97 3.18
N PRO A 45 -8.05 4.47 3.15
CA PRO A 45 -7.51 3.76 2.00
C PRO A 45 -8.17 2.40 1.79
N ALA A 46 -8.42 2.05 0.52
CA ALA A 46 -9.04 0.77 0.19
C ALA A 46 -8.05 -0.37 0.35
N ALA A 47 -8.28 -1.21 1.36
CA ALA A 47 -7.41 -2.36 1.62
C ALA A 47 -8.20 -3.66 1.55
N PHE A 48 -7.98 -4.42 0.47
CA PHE A 48 -8.66 -5.68 0.28
C PHE A 48 -7.67 -6.82 0.07
N VAL A 49 -7.53 -7.67 1.08
CA VAL A 49 -6.60 -8.80 1.01
C VAL A 49 -7.35 -10.10 0.70
N CYS A 50 -6.71 -10.96 -0.09
CA CYS A 50 -7.31 -12.24 -0.46
C CYS A 50 -7.36 -13.18 0.74
N SER A 51 -8.46 -13.90 0.87
CA SER A 51 -8.64 -14.83 1.97
C SER A 51 -8.23 -16.24 1.56
N LYS A 52 -7.88 -16.40 0.29
CA LYS A 52 -7.46 -17.70 -0.24
C LYS A 52 -5.95 -17.87 -0.14
N CYS A 53 -5.21 -16.97 -0.79
CA CYS A 53 -3.76 -17.01 -0.77
C CYS A 53 -3.20 -16.02 0.24
N GLY A 54 -3.77 -14.82 0.26
CA GLY A 54 -3.31 -13.79 1.18
C GLY A 54 -2.65 -12.63 0.46
N LYS A 55 -3.07 -12.37 -0.77
CA LYS A 55 -2.51 -11.29 -1.56
C LYS A 55 -3.17 -9.96 -1.22
N THR A 56 -2.65 -8.88 -1.78
CA THR A 56 -3.20 -7.54 -1.53
C THR A 56 -3.68 -6.91 -2.82
N PHE A 57 -4.81 -6.21 -2.74
CA PHE A 57 -5.39 -5.55 -3.90
C PHE A 57 -5.82 -4.12 -3.56
N THR A 58 -6.17 -3.35 -4.58
CA THR A 58 -6.61 -1.98 -4.38
C THR A 58 -8.13 -1.86 -4.52
N ARG A 59 -8.69 -2.57 -5.50
CA ARG A 59 -10.12 -2.54 -5.74
C ARG A 59 -10.75 -3.91 -5.46
N ARG A 60 -11.90 -3.91 -4.80
CA ARG A 60 -12.59 -5.15 -4.47
C ARG A 60 -12.91 -5.94 -5.73
N ASN A 61 -13.79 -5.38 -6.56
CA ASN A 61 -14.19 -6.03 -7.80
C ASN A 61 -13.02 -6.80 -8.42
N THR A 62 -11.86 -6.14 -8.47
CA THR A 62 -10.66 -6.76 -9.03
C THR A 62 -10.24 -7.97 -8.21
N MET A 63 -10.27 -7.83 -6.90
CA MET A 63 -9.89 -8.91 -6.00
C MET A 63 -10.88 -10.07 -6.08
N ALA A 64 -12.16 -9.76 -5.90
CA ALA A 64 -13.21 -10.76 -5.96
C ALA A 64 -12.98 -11.73 -7.12
N ARG A 65 -12.80 -11.18 -8.32
CA ARG A 65 -12.57 -11.98 -9.50
C ARG A 65 -11.33 -12.85 -9.35
N HIS A 66 -10.25 -12.25 -8.83
CA HIS A 66 -9.00 -12.97 -8.63
C HIS A 66 -9.21 -14.19 -7.74
N ALA A 67 -10.00 -14.02 -6.68
CA ALA A 67 -10.28 -15.11 -5.75
C ALA A 67 -10.80 -16.34 -6.49
N ASP A 68 -11.75 -16.13 -7.39
CA ASP A 68 -12.32 -17.23 -8.15
C ASP A 68 -11.23 -18.13 -8.71
N ASN A 69 -10.32 -17.54 -9.49
CA ASN A 69 -9.23 -18.30 -10.08
C ASN A 69 -8.20 -18.70 -9.02
N CYS A 70 -8.27 -18.05 -7.87
CA CYS A 70 -7.35 -18.33 -6.77
C CYS A 70 -7.80 -19.56 -6.00
N ALA A 71 -6.83 -20.37 -5.57
CA ALA A 71 -7.12 -21.58 -4.82
C ALA A 71 -6.54 -21.51 -3.41
N GLY A 72 -5.35 -20.92 -3.29
CA GLY A 72 -4.71 -20.79 -2.00
C GLY A 72 -3.32 -20.20 -2.09
N PRO A 73 -2.56 -20.26 -0.98
CA PRO A 73 -1.20 -19.73 -0.93
C PRO A 73 -0.22 -20.56 -1.76
N ASP A 74 0.76 -19.89 -2.34
CA ASP A 74 1.77 -20.57 -3.16
C ASP A 74 3.15 -20.43 -2.54
N GLY A 75 3.57 -19.18 -2.32
CA GLY A 75 4.88 -18.93 -1.73
C GLY A 75 5.04 -17.50 -1.25
N VAL A 76 4.70 -17.26 0.01
CA VAL A 76 4.80 -15.93 0.58
C VAL A 76 5.24 -15.99 2.05
N GLU A 77 6.19 -15.14 2.41
CA GLU A 77 6.70 -15.11 3.78
C GLU A 77 6.62 -13.69 4.35
N GLY A 78 7.33 -12.77 3.72
CA GLY A 78 7.33 -11.38 4.16
C GLY A 78 8.34 -11.14 5.27
N GLU A 79 9.55 -10.73 4.88
CA GLU A 79 10.61 -10.46 5.85
C GLU A 79 11.58 -9.41 5.32
N ASN A 80 11.65 -8.28 6.03
CA ASN A 80 12.53 -7.19 5.63
C ASN A 80 12.52 -6.07 6.67
N SER A 81 13.70 -5.52 6.94
CA SER A 81 13.83 -4.45 7.92
C SER A 81 13.71 -3.08 7.25
N GLY A 82 13.74 -2.03 8.06
CA GLY A 82 13.63 -0.68 7.53
C GLY A 82 14.19 0.36 8.48
N PRO A 83 15.50 0.63 8.39
CA PRO A 83 16.17 1.62 9.25
C PRO A 83 15.75 3.05 8.92
N SER A 84 16.30 3.99 9.66
CA SER A 84 16.00 5.41 9.45
C SER A 84 17.26 6.25 9.43
N SER A 85 18.28 5.75 8.74
CA SER A 85 19.56 6.46 8.64
C SER A 85 19.33 7.97 8.56
N GLY A 86 18.48 8.40 7.64
CA GLY A 86 18.19 9.80 7.48
C GLY A 86 19.39 10.59 6.96
ZN ZN B . 0.78 14.33 9.68
ZN ZN C . -5.71 -15.08 -3.86
N GLY A 1 6.74 36.11 -15.54
CA GLY A 1 6.12 34.81 -15.47
C GLY A 1 7.08 33.68 -15.79
N SER A 2 7.55 33.00 -14.74
CA SER A 2 8.48 31.89 -14.91
C SER A 2 7.81 30.56 -14.63
N SER A 3 7.70 29.73 -15.65
CA SER A 3 7.07 28.42 -15.52
C SER A 3 8.07 27.39 -15.00
N GLY A 4 7.55 26.35 -14.35
CA GLY A 4 8.41 25.31 -13.81
C GLY A 4 9.61 25.04 -14.70
N SER A 5 10.78 24.89 -14.07
CA SER A 5 12.01 24.62 -14.82
C SER A 5 13.02 23.87 -13.96
N SER A 6 13.44 22.70 -14.45
CA SER A 6 14.39 21.88 -13.72
C SER A 6 14.80 20.66 -14.54
N GLY A 7 15.82 19.96 -14.07
CA GLY A 7 16.30 18.78 -14.78
C GLY A 7 15.78 17.49 -14.17
N ARG A 8 16.69 16.62 -13.75
CA ARG A 8 16.31 15.35 -13.15
C ARG A 8 17.14 15.08 -11.91
N THR A 9 16.49 15.09 -10.75
CA THR A 9 17.17 14.84 -9.48
C THR A 9 16.47 13.74 -8.69
N HIS A 10 17.02 12.53 -8.76
CA HIS A 10 16.45 11.39 -8.05
C HIS A 10 17.21 11.13 -6.75
N THR A 11 17.54 12.20 -6.04
CA THR A 11 18.26 12.08 -4.78
C THR A 11 17.47 11.28 -3.76
N GLY A 12 16.16 11.54 -3.70
CA GLY A 12 15.31 10.83 -2.76
C GLY A 12 15.19 11.55 -1.44
N GLU A 13 14.86 12.84 -1.49
CA GLU A 13 14.71 13.65 -0.28
C GLU A 13 13.31 14.24 -0.19
N LYS A 14 12.37 13.45 0.31
CA LYS A 14 10.99 13.90 0.44
C LYS A 14 10.93 15.33 0.96
N PRO A 15 10.66 16.28 0.06
CA PRO A 15 10.57 17.70 0.40
C PRO A 15 9.34 18.02 1.24
N TYR A 16 8.29 17.23 1.05
CA TYR A 16 7.04 17.43 1.78
C TYR A 16 7.10 16.73 3.14
N ALA A 17 7.38 17.51 4.19
CA ALA A 17 7.46 16.97 5.54
C ALA A 17 6.30 17.47 6.40
N CYS A 18 5.44 16.55 6.81
CA CYS A 18 4.29 16.90 7.64
C CYS A 18 4.71 17.73 8.84
N SER A 19 3.84 18.65 9.25
CA SER A 19 4.13 19.52 10.39
C SER A 19 3.61 18.90 11.69
N HIS A 20 2.44 18.27 11.61
CA HIS A 20 1.82 17.65 12.77
C HIS A 20 2.71 16.52 13.32
N CYS A 21 3.28 15.74 12.41
CA CYS A 21 4.14 14.63 12.79
C CYS A 21 5.49 14.73 12.08
N ASP A 22 6.36 13.75 12.35
CA ASP A 22 7.68 13.72 11.73
C ASP A 22 7.69 12.79 10.52
N LYS A 23 6.74 12.98 9.62
CA LYS A 23 6.64 12.16 8.43
C LYS A 23 6.95 12.98 7.18
N THR A 24 7.48 12.31 6.16
CA THR A 24 7.82 12.98 4.90
C THR A 24 7.26 12.22 3.70
N PHE A 25 7.08 12.93 2.59
CA PHE A 25 6.55 12.33 1.38
C PHE A 25 7.09 13.03 0.14
N ARG A 26 7.33 12.26 -0.92
CA ARG A 26 7.85 12.80 -2.17
C ARG A 26 6.77 13.58 -2.92
N GLN A 27 5.56 13.03 -2.95
CA GLN A 27 4.45 13.66 -3.63
C GLN A 27 3.50 14.33 -2.64
N LYS A 28 3.13 15.57 -2.92
CA LYS A 28 2.23 16.31 -2.05
C LYS A 28 0.94 15.53 -1.80
N GLN A 29 0.56 14.71 -2.76
CA GLN A 29 -0.65 13.90 -2.65
C GLN A 29 -0.57 12.95 -1.47
N LEU A 30 0.61 12.37 -1.27
CA LEU A 30 0.83 11.44 -0.17
C LEU A 30 0.68 12.15 1.18
N LEU A 31 1.34 13.29 1.31
CA LEU A 31 1.28 14.07 2.54
C LEU A 31 -0.12 14.61 2.78
N ASP A 32 -0.89 14.71 1.71
CA ASP A 32 -2.27 15.22 1.81
C ASP A 32 -3.20 14.15 2.34
N MET A 33 -3.08 12.94 1.82
CA MET A 33 -3.92 11.82 2.24
C MET A 33 -3.48 11.31 3.61
N HIS A 34 -2.17 11.31 3.85
CA HIS A 34 -1.63 10.84 5.12
C HIS A 34 -2.29 11.57 6.29
N PHE A 35 -2.28 12.89 6.23
CA PHE A 35 -2.87 13.70 7.29
C PHE A 35 -4.34 13.34 7.50
N LYS A 36 -5.13 13.43 6.43
CA LYS A 36 -6.55 13.12 6.48
C LYS A 36 -6.76 11.64 6.81
N ARG A 37 -5.67 10.88 6.86
CA ARG A 37 -5.74 9.46 7.16
C ARG A 37 -5.45 9.21 8.65
N TYR A 38 -4.26 9.56 9.08
CA TYR A 38 -3.86 9.37 10.48
C TYR A 38 -4.50 10.42 11.38
N HIS A 39 -4.11 11.67 11.19
CA HIS A 39 -4.64 12.77 11.97
C HIS A 39 -6.16 12.81 11.89
N ASP A 40 -6.72 12.08 10.93
CA ASP A 40 -8.16 12.03 10.74
C ASP A 40 -8.61 10.65 10.27
N PRO A 41 -9.40 9.96 11.10
CA PRO A 41 -9.91 8.62 10.79
C PRO A 41 -10.94 8.63 9.67
N ASN A 42 -11.18 9.82 9.11
CA ASN A 42 -12.15 9.97 8.03
C ASN A 42 -11.66 9.26 6.77
N PHE A 43 -10.48 9.66 6.30
CA PHE A 43 -9.90 9.06 5.09
C PHE A 43 -9.53 7.61 5.34
N VAL A 44 -10.05 6.72 4.49
CA VAL A 44 -9.77 5.29 4.62
C VAL A 44 -9.44 4.68 3.26
N PRO A 45 -8.23 4.11 3.14
CA PRO A 45 -7.77 3.48 1.90
C PRO A 45 -8.52 2.18 1.60
N ALA A 46 -8.55 1.80 0.33
CA ALA A 46 -9.22 0.59 -0.09
C ALA A 46 -8.38 -0.64 0.21
N ALA A 47 -8.79 -1.43 1.20
CA ALA A 47 -8.07 -2.62 1.59
C ALA A 47 -8.96 -3.87 1.47
N PHE A 48 -8.69 -4.68 0.46
CA PHE A 48 -9.47 -5.89 0.23
C PHE A 48 -8.56 -7.12 0.19
N VAL A 49 -8.64 -7.95 1.22
CA VAL A 49 -7.83 -9.15 1.31
C VAL A 49 -8.63 -10.38 0.91
N CYS A 50 -8.04 -11.23 0.07
CA CYS A 50 -8.70 -12.45 -0.39
C CYS A 50 -9.26 -13.24 0.78
N SER A 51 -9.99 -14.31 0.47
CA SER A 51 -10.58 -15.15 1.50
C SER A 51 -10.18 -16.61 1.31
N LYS A 52 -9.68 -16.93 0.12
CA LYS A 52 -9.26 -18.28 -0.19
C LYS A 52 -7.82 -18.53 0.27
N CYS A 53 -6.95 -17.55 0.05
CA CYS A 53 -5.55 -17.65 0.44
C CYS A 53 -5.21 -16.61 1.50
N GLY A 54 -5.60 -15.36 1.25
CA GLY A 54 -5.32 -14.29 2.19
C GLY A 54 -4.42 -13.22 1.60
N LYS A 55 -4.47 -13.07 0.27
CA LYS A 55 -3.66 -12.07 -0.41
C LYS A 55 -4.26 -10.68 -0.26
N THR A 56 -3.46 -9.66 -0.57
CA THR A 56 -3.92 -8.28 -0.48
C THR A 56 -4.10 -7.66 -1.85
N PHE A 57 -5.19 -6.91 -2.03
CA PHE A 57 -5.47 -6.27 -3.31
C PHE A 57 -5.80 -4.79 -3.10
N THR A 58 -5.73 -4.02 -4.19
CA THR A 58 -6.01 -2.59 -4.13
C THR A 58 -7.49 -2.31 -4.37
N ARG A 59 -8.06 -2.99 -5.36
CA ARG A 59 -9.47 -2.80 -5.70
C ARG A 59 -10.28 -4.04 -5.32
N ARG A 60 -11.57 -3.83 -5.07
CA ARG A 60 -12.46 -4.93 -4.69
C ARG A 60 -12.83 -5.77 -5.91
N ASN A 61 -13.11 -5.11 -7.02
CA ASN A 61 -13.49 -5.80 -8.26
C ASN A 61 -12.38 -6.74 -8.70
N THR A 62 -11.14 -6.26 -8.66
CA THR A 62 -10.00 -7.06 -9.07
C THR A 62 -9.86 -8.30 -8.19
N MET A 63 -9.87 -8.09 -6.87
CA MET A 63 -9.73 -9.19 -5.92
C MET A 63 -10.82 -10.24 -6.17
N ALA A 64 -12.07 -9.79 -6.18
CA ALA A 64 -13.20 -10.69 -6.39
C ALA A 64 -12.92 -11.64 -7.56
N ARG A 65 -12.43 -11.08 -8.66
CA ARG A 65 -12.12 -11.88 -9.84
C ARG A 65 -11.07 -12.94 -9.54
N HIS A 66 -10.02 -12.52 -8.82
CA HIS A 66 -8.94 -13.44 -8.47
C HIS A 66 -9.46 -14.63 -7.68
N ALA A 67 -10.30 -14.35 -6.68
CA ALA A 67 -10.88 -15.39 -5.85
C ALA A 67 -11.35 -16.57 -6.70
N ASP A 68 -12.02 -16.27 -7.80
CA ASP A 68 -12.52 -17.30 -8.69
C ASP A 68 -11.39 -18.21 -9.17
N ASN A 69 -10.31 -17.60 -9.64
CA ASN A 69 -9.15 -18.35 -10.12
C ASN A 69 -8.22 -18.71 -8.98
N CYS A 70 -8.58 -18.30 -7.77
CA CYS A 70 -7.79 -18.58 -6.59
C CYS A 70 -8.02 -20.01 -6.11
N ALA A 71 -6.93 -20.68 -5.73
CA ALA A 71 -7.01 -22.06 -5.26
C ALA A 71 -6.38 -22.19 -3.87
N GLY A 72 -6.66 -21.24 -2.99
CA GLY A 72 -6.11 -21.27 -1.66
C GLY A 72 -4.70 -20.71 -1.60
N PRO A 73 -4.07 -20.82 -0.42
CA PRO A 73 -2.70 -20.32 -0.20
C PRO A 73 -1.67 -21.16 -0.94
N ASP A 74 -0.44 -20.64 -1.03
CA ASP A 74 0.64 -21.34 -1.70
C ASP A 74 1.95 -21.23 -0.91
N GLY A 75 2.73 -22.30 -0.93
CA GLY A 75 3.99 -22.30 -0.21
C GLY A 75 5.09 -21.59 -0.96
N VAL A 76 6.34 -21.99 -0.71
CA VAL A 76 7.48 -21.38 -1.37
C VAL A 76 7.41 -19.87 -1.32
N GLU A 77 7.14 -19.33 -0.15
CA GLU A 77 7.04 -17.88 0.03
C GLU A 77 8.25 -17.33 0.78
N GLY A 78 8.53 -16.05 0.57
CA GLY A 78 9.67 -15.43 1.23
C GLY A 78 9.54 -13.91 1.30
N GLU A 79 8.47 -13.44 1.93
CA GLU A 79 8.23 -12.01 2.05
C GLU A 79 8.71 -11.49 3.40
N ASN A 80 9.11 -10.22 3.44
CA ASN A 80 9.59 -9.61 4.67
C ASN A 80 9.36 -8.10 4.67
N SER A 81 9.58 -7.46 5.81
CA SER A 81 9.38 -6.02 5.93
C SER A 81 10.62 -5.36 6.53
N GLY A 82 10.63 -4.04 6.54
CA GLY A 82 11.75 -3.31 7.10
C GLY A 82 11.72 -1.83 6.74
N PRO A 83 12.27 -0.99 7.62
CA PRO A 83 12.31 0.46 7.42
C PRO A 83 13.28 0.86 6.31
N SER A 84 12.85 1.80 5.46
CA SER A 84 13.67 2.26 4.36
C SER A 84 14.42 3.54 4.73
N SER A 85 15.35 3.94 3.87
CA SER A 85 16.15 5.13 4.12
C SER A 85 16.29 5.97 2.85
N GLY A 86 16.27 7.28 3.02
CA GLY A 86 16.39 8.18 1.87
C GLY A 86 15.05 8.62 1.33
ZN ZN B . 1.33 13.99 9.85
ZN ZN C . -6.70 -15.76 -3.06
N GLY A 1 7.68 7.18 -19.02
CA GLY A 1 8.95 7.67 -19.52
C GLY A 1 10.13 6.93 -18.92
N SER A 2 10.58 7.36 -17.75
CA SER A 2 11.70 6.74 -17.08
C SER A 2 11.45 6.62 -15.58
N SER A 3 11.47 5.40 -15.07
CA SER A 3 11.24 5.14 -13.66
C SER A 3 12.17 4.05 -13.14
N GLY A 4 12.44 4.08 -11.84
CA GLY A 4 13.32 3.08 -11.24
C GLY A 4 12.90 2.73 -9.83
N SER A 5 11.65 2.29 -9.67
CA SER A 5 11.13 1.92 -8.37
C SER A 5 12.12 1.03 -7.61
N SER A 6 12.69 0.06 -8.33
CA SER A 6 13.65 -0.86 -7.73
C SER A 6 15.08 -0.42 -8.05
N GLY A 7 15.61 0.49 -7.24
CA GLY A 7 16.97 0.98 -7.45
C GLY A 7 17.85 0.76 -6.24
N ARG A 8 17.92 1.76 -5.37
CA ARG A 8 18.73 1.67 -4.17
C ARG A 8 17.87 1.42 -2.93
N THR A 9 18.53 1.24 -1.79
CA THR A 9 17.81 0.98 -0.54
C THR A 9 17.88 2.21 0.38
N HIS A 10 19.05 2.81 0.47
CA HIS A 10 19.24 3.99 1.32
C HIS A 10 18.76 5.25 0.61
N THR A 11 17.45 5.45 0.61
CA THR A 11 16.86 6.62 -0.05
C THR A 11 15.79 7.26 0.83
N GLY A 12 15.80 8.58 0.90
CA GLY A 12 14.83 9.29 1.71
C GLY A 12 14.84 10.78 1.45
N GLU A 13 15.10 11.56 2.49
CA GLU A 13 15.13 13.02 2.36
C GLU A 13 13.82 13.54 1.77
N LYS A 14 12.70 12.98 2.24
CA LYS A 14 11.39 13.39 1.77
C LYS A 14 11.19 14.90 1.93
N PRO A 15 11.02 15.59 0.80
CA PRO A 15 10.81 17.05 0.80
C PRO A 15 9.46 17.45 1.37
N TYR A 16 8.45 16.62 1.13
CA TYR A 16 7.11 16.88 1.61
C TYR A 16 7.01 16.60 3.12
N ALA A 17 6.98 17.67 3.91
CA ALA A 17 6.88 17.53 5.36
C ALA A 17 5.60 18.18 5.88
N CYS A 18 4.70 17.36 6.42
CA CYS A 18 3.44 17.85 6.96
C CYS A 18 3.67 19.04 7.87
N SER A 19 2.70 19.96 7.89
CA SER A 19 2.80 21.16 8.71
C SER A 19 2.20 20.91 10.10
N HIS A 20 0.98 20.36 10.12
CA HIS A 20 0.30 20.08 11.38
C HIS A 20 1.16 19.18 12.27
N CYS A 21 1.88 18.25 11.66
CA CYS A 21 2.74 17.33 12.40
C CYS A 21 4.14 17.33 11.82
N ASP A 22 5.01 16.48 12.38
CA ASP A 22 6.39 16.38 11.92
C ASP A 22 6.58 15.13 11.07
N LYS A 23 5.67 14.92 10.12
CA LYS A 23 5.75 13.76 9.23
C LYS A 23 6.22 14.17 7.84
N THR A 24 6.89 13.24 7.16
CA THR A 24 7.40 13.50 5.82
C THR A 24 6.99 12.40 4.85
N PHE A 25 6.95 12.73 3.57
CA PHE A 25 6.57 11.77 2.54
C PHE A 25 7.28 12.08 1.22
N ARG A 26 7.60 11.03 0.46
CA ARG A 26 8.27 11.19 -0.82
C ARG A 26 7.40 11.97 -1.80
N GLN A 27 6.20 11.46 -2.06
CA GLN A 27 5.27 12.10 -2.97
C GLN A 27 4.19 12.87 -2.21
N LYS A 28 3.68 13.93 -2.83
CA LYS A 28 2.64 14.75 -2.21
C LYS A 28 1.39 13.93 -1.95
N GLN A 29 1.15 12.92 -2.78
CA GLN A 29 -0.02 12.07 -2.64
C GLN A 29 -0.06 11.45 -1.24
N LEU A 30 1.08 10.99 -0.77
CA LEU A 30 1.18 10.37 0.55
C LEU A 30 0.89 11.39 1.65
N LEU A 31 1.52 12.55 1.56
CA LEU A 31 1.32 13.61 2.54
C LEU A 31 -0.09 14.17 2.46
N ASP A 32 -0.73 14.00 1.31
CA ASP A 32 -2.09 14.50 1.11
C ASP A 32 -3.10 13.57 1.76
N MET A 33 -2.92 12.27 1.56
CA MET A 33 -3.81 11.27 2.13
C MET A 33 -3.58 11.11 3.63
N HIS A 34 -2.32 11.25 4.04
CA HIS A 34 -1.96 11.12 5.45
C HIS A 34 -2.75 12.11 6.30
N PHE A 35 -2.86 13.34 5.81
CA PHE A 35 -3.59 14.38 6.54
C PHE A 35 -5.07 14.03 6.66
N LYS A 36 -5.71 13.84 5.51
CA LYS A 36 -7.13 13.50 5.49
C LYS A 36 -7.37 12.11 6.09
N ARG A 37 -6.28 11.42 6.41
CA ARG A 37 -6.37 10.09 6.99
C ARG A 37 -6.27 10.14 8.52
N TYR A 38 -5.13 10.61 9.00
CA TYR A 38 -4.91 10.72 10.45
C TYR A 38 -5.70 11.88 11.03
N HIS A 39 -5.33 13.09 10.66
CA HIS A 39 -6.00 14.28 11.16
C HIS A 39 -7.50 14.22 10.86
N ASP A 40 -7.88 13.33 9.96
CA ASP A 40 -9.29 13.16 9.59
C ASP A 40 -9.63 11.69 9.39
N PRO A 41 -10.49 11.15 10.26
CA PRO A 41 -10.92 9.76 10.20
C PRO A 41 -11.81 9.48 9.00
N ASN A 42 -12.01 10.49 8.17
CA ASN A 42 -12.85 10.36 6.98
C ASN A 42 -12.16 9.49 5.93
N PHE A 43 -11.00 9.94 5.48
CA PHE A 43 -10.24 9.22 4.47
C PHE A 43 -9.91 7.81 4.94
N VAL A 44 -10.02 6.83 4.04
CA VAL A 44 -9.74 5.44 4.36
C VAL A 44 -9.16 4.70 3.17
N PRO A 45 -7.93 4.20 3.32
CA PRO A 45 -7.24 3.46 2.26
C PRO A 45 -7.87 2.09 1.99
N ALA A 46 -7.99 1.74 0.73
CA ALA A 46 -8.58 0.46 0.34
C ALA A 46 -7.59 -0.68 0.54
N ALA A 47 -7.89 -1.55 1.50
CA ALA A 47 -7.02 -2.68 1.79
C ALA A 47 -7.77 -4.00 1.65
N PHE A 48 -7.47 -4.74 0.59
CA PHE A 48 -8.11 -6.03 0.35
C PHE A 48 -7.10 -7.09 -0.03
N VAL A 49 -6.79 -7.97 0.92
CA VAL A 49 -5.83 -9.04 0.69
C VAL A 49 -6.53 -10.35 0.36
N CYS A 50 -5.98 -11.08 -0.61
CA CYS A 50 -6.55 -12.35 -1.03
C CYS A 50 -6.41 -13.40 0.07
N SER A 51 -7.50 -14.13 0.33
CA SER A 51 -7.50 -15.15 1.36
C SER A 51 -7.09 -16.50 0.78
N LYS A 52 -6.85 -16.53 -0.53
CA LYS A 52 -6.44 -17.75 -1.21
C LYS A 52 -4.92 -17.85 -1.30
N CYS A 53 -4.30 -16.85 -1.91
CA CYS A 53 -2.85 -16.82 -2.06
C CYS A 53 -2.22 -15.88 -1.03
N GLY A 54 -2.83 -14.72 -0.84
CA GLY A 54 -2.30 -13.76 0.10
C GLY A 54 -1.75 -12.51 -0.56
N LYS A 55 -2.38 -12.12 -1.67
CA LYS A 55 -1.95 -10.94 -2.42
C LYS A 55 -2.63 -9.68 -1.87
N THR A 56 -2.34 -8.55 -2.49
CA THR A 56 -2.91 -7.28 -2.06
C THR A 56 -3.61 -6.58 -3.23
N PHE A 57 -4.77 -5.98 -2.94
CA PHE A 57 -5.54 -5.28 -3.96
C PHE A 57 -6.07 -3.95 -3.42
N THR A 58 -6.82 -3.24 -4.26
CA THR A 58 -7.38 -1.96 -3.87
C THR A 58 -8.88 -1.93 -4.12
N ARG A 59 -9.32 -2.57 -5.20
CA ARG A 59 -10.73 -2.61 -5.54
C ARG A 59 -11.34 -3.97 -5.19
N ARG A 60 -12.48 -3.93 -4.49
CA ARG A 60 -13.16 -5.15 -4.09
C ARG A 60 -13.40 -6.06 -5.29
N ASN A 61 -14.14 -5.55 -6.27
CA ASN A 61 -14.44 -6.32 -7.47
C ASN A 61 -13.20 -7.02 -8.00
N THR A 62 -12.19 -6.22 -8.36
CA THR A 62 -10.95 -6.77 -8.89
C THR A 62 -10.46 -7.95 -8.06
N MET A 63 -10.27 -7.72 -6.77
CA MET A 63 -9.81 -8.77 -5.86
C MET A 63 -10.79 -9.94 -5.85
N ALA A 64 -11.99 -9.71 -5.35
CA ALA A 64 -13.02 -10.74 -5.29
C ALA A 64 -12.98 -11.62 -6.53
N ARG A 65 -12.97 -10.99 -7.71
CA ARG A 65 -12.94 -11.72 -8.96
C ARG A 65 -11.67 -12.56 -9.08
N HIS A 66 -10.53 -11.95 -8.69
CA HIS A 66 -9.25 -12.64 -8.76
C HIS A 66 -9.28 -13.93 -7.96
N ALA A 67 -9.97 -13.90 -6.82
CA ALA A 67 -10.08 -15.08 -5.95
C ALA A 67 -10.63 -16.26 -6.72
N ASP A 68 -11.65 -16.02 -7.55
CA ASP A 68 -12.26 -17.08 -8.35
C ASP A 68 -11.21 -17.83 -9.14
N ASN A 69 -10.47 -17.11 -9.97
CA ASN A 69 -9.42 -17.72 -10.80
C ASN A 69 -8.21 -18.11 -9.95
N CYS A 70 -8.16 -17.58 -8.74
CA CYS A 70 -7.05 -17.87 -7.83
C CYS A 70 -7.26 -19.22 -7.14
N ALA A 71 -6.16 -19.90 -6.85
CA ALA A 71 -6.23 -21.20 -6.19
C ALA A 71 -5.48 -21.18 -4.86
N GLY A 72 -4.34 -20.49 -4.83
CA GLY A 72 -3.56 -20.39 -3.61
C GLY A 72 -2.12 -20.00 -3.88
N PRO A 73 -1.26 -20.15 -2.86
CA PRO A 73 0.16 -19.82 -2.97
C PRO A 73 0.92 -20.78 -3.88
N ASP A 74 1.07 -20.38 -5.14
CA ASP A 74 1.78 -21.20 -6.13
C ASP A 74 2.61 -20.33 -7.06
N GLY A 75 3.43 -20.97 -7.88
CA GLY A 75 4.27 -20.25 -8.83
C GLY A 75 5.48 -19.63 -8.16
N VAL A 76 5.81 -18.40 -8.55
CA VAL A 76 6.95 -17.70 -7.98
C VAL A 76 6.51 -16.72 -6.89
N GLU A 77 7.33 -16.59 -5.86
CA GLU A 77 7.03 -15.68 -4.75
C GLU A 77 8.25 -14.86 -4.39
N GLY A 78 9.41 -15.50 -4.35
CA GLY A 78 10.63 -14.80 -4.01
C GLY A 78 10.74 -14.49 -2.53
N GLU A 79 9.95 -13.52 -2.08
CA GLU A 79 9.96 -13.13 -0.67
C GLU A 79 8.68 -12.37 -0.31
N ASN A 80 7.98 -12.86 0.71
CA ASN A 80 6.74 -12.23 1.14
C ASN A 80 6.88 -11.69 2.57
N SER A 81 7.39 -12.53 3.46
CA SER A 81 7.57 -12.15 4.86
C SER A 81 8.41 -10.87 4.96
N GLY A 82 8.07 -10.04 5.94
CA GLY A 82 8.81 -8.80 6.14
C GLY A 82 8.06 -7.60 5.59
N PRO A 83 7.06 -7.12 6.35
CA PRO A 83 6.24 -5.97 5.96
C PRO A 83 7.02 -4.66 6.02
N SER A 84 8.23 -4.72 6.58
CA SER A 84 9.08 -3.54 6.70
C SER A 84 8.97 -2.67 5.45
N SER A 85 9.13 -3.28 4.29
CA SER A 85 9.05 -2.57 3.03
C SER A 85 7.86 -1.61 3.01
N GLY A 86 8.13 -0.34 2.73
CA GLY A 86 7.07 0.65 2.69
C GLY A 86 7.24 1.73 3.75
ZN ZN B . 0.18 15.39 9.50
ZN ZN C . -5.23 -14.81 -4.81
N GLY A 1 2.03 -11.88 14.81
CA GLY A 1 2.55 -10.53 14.93
C GLY A 1 2.22 -9.67 13.73
N SER A 2 3.23 -9.06 13.14
CA SER A 2 3.03 -8.19 11.97
C SER A 2 3.29 -8.96 10.68
N SER A 3 3.01 -8.32 9.56
CA SER A 3 3.21 -8.95 8.24
C SER A 3 4.17 -8.13 7.40
N GLY A 4 5.47 -8.42 7.53
CA GLY A 4 6.47 -7.69 6.78
C GLY A 4 6.70 -8.30 5.40
N SER A 5 5.62 -8.55 4.68
CA SER A 5 5.71 -9.13 3.34
C SER A 5 6.47 -8.21 2.40
N SER A 6 6.13 -6.93 2.44
CA SER A 6 6.78 -5.94 1.59
C SER A 6 7.62 -4.96 2.41
N GLY A 7 8.86 -5.35 2.68
CA GLY A 7 9.74 -4.49 3.47
C GLY A 7 9.63 -3.03 3.07
N ARG A 8 10.05 -2.15 3.97
CA ARG A 8 9.99 -0.71 3.71
C ARG A 8 11.19 -0.25 2.91
N THR A 9 11.00 0.78 2.09
CA THR A 9 12.08 1.31 1.26
C THR A 9 12.45 2.72 1.69
N HIS A 10 13.69 2.91 2.08
CA HIS A 10 14.18 4.22 2.52
C HIS A 10 15.37 4.66 1.68
N THR A 11 15.14 5.60 0.77
CA THR A 11 16.19 6.11 -0.11
C THR A 11 15.86 7.51 -0.61
N GLY A 12 16.84 8.40 -0.57
CA GLY A 12 16.64 9.75 -1.03
C GLY A 12 16.18 10.68 0.08
N GLU A 13 15.21 11.54 -0.23
CA GLU A 13 14.69 12.48 0.76
C GLU A 13 13.22 12.79 0.49
N LYS A 14 12.50 13.18 1.53
CA LYS A 14 11.08 13.50 1.41
C LYS A 14 10.84 14.98 1.68
N PRO A 15 10.66 15.76 0.59
CA PRO A 15 10.42 17.20 0.69
C PRO A 15 9.03 17.52 1.27
N TYR A 16 8.14 16.55 1.21
CA TYR A 16 6.79 16.71 1.72
C TYR A 16 6.70 16.30 3.19
N ALA A 17 6.75 17.28 4.08
CA ALA A 17 6.67 17.01 5.51
C ALA A 17 5.42 17.64 6.13
N CYS A 18 4.50 16.80 6.57
CA CYS A 18 3.26 17.27 7.18
C CYS A 18 3.55 18.31 8.26
N SER A 19 2.66 19.29 8.38
CA SER A 19 2.82 20.35 9.37
C SER A 19 2.12 19.99 10.68
N HIS A 20 0.93 19.41 10.56
CA HIS A 20 0.16 19.01 11.73
C HIS A 20 0.94 18.00 12.57
N CYS A 21 1.72 17.15 11.91
CA CYS A 21 2.51 16.15 12.59
C CYS A 21 3.94 16.12 12.05
N ASP A 22 4.77 15.24 12.62
CA ASP A 22 6.15 15.11 12.20
C ASP A 22 6.32 13.95 11.23
N LYS A 23 5.51 13.94 10.18
CA LYS A 23 5.56 12.87 9.18
C LYS A 23 6.04 13.43 7.83
N THR A 24 6.74 12.59 7.08
CA THR A 24 7.26 12.98 5.77
C THR A 24 6.89 11.97 4.70
N PHE A 25 6.84 12.42 3.46
CA PHE A 25 6.50 11.55 2.33
C PHE A 25 7.23 11.98 1.07
N ARG A 26 7.75 11.01 0.33
CA ARG A 26 8.48 11.29 -0.91
C ARG A 26 7.51 11.57 -2.05
N GLN A 27 6.22 11.30 -1.82
CA GLN A 27 5.20 11.52 -2.82
C GLN A 27 4.07 12.38 -2.26
N LYS A 28 3.87 13.56 -2.85
CA LYS A 28 2.82 14.47 -2.41
C LYS A 28 1.52 13.71 -2.16
N GLN A 29 1.17 12.80 -3.07
CA GLN A 29 -0.04 12.02 -2.94
C GLN A 29 -0.14 11.39 -1.54
N LEU A 30 0.95 10.80 -1.09
CA LEU A 30 0.98 10.17 0.23
C LEU A 30 0.62 11.17 1.32
N LEU A 31 1.35 12.28 1.36
CA LEU A 31 1.10 13.32 2.36
C LEU A 31 -0.31 13.86 2.24
N ASP A 32 -0.91 13.71 1.06
CA ASP A 32 -2.27 14.18 0.83
C ASP A 32 -3.29 13.22 1.43
N MET A 33 -3.15 11.94 1.12
CA MET A 33 -4.05 10.92 1.64
C MET A 33 -3.81 10.68 3.12
N HIS A 34 -2.58 10.90 3.55
CA HIS A 34 -2.22 10.70 4.95
C HIS A 34 -3.02 11.62 5.86
N PHE A 35 -3.09 12.90 5.48
CA PHE A 35 -3.83 13.88 6.27
C PHE A 35 -5.32 13.56 6.28
N LYS A 36 -5.91 13.47 5.10
CA LYS A 36 -7.33 13.16 4.97
C LYS A 36 -7.64 11.79 5.54
N ARG A 37 -6.60 11.04 5.90
CA ARG A 37 -6.77 9.71 6.46
C ARG A 37 -6.70 9.76 7.99
N TYR A 38 -5.57 10.18 8.51
CA TYR A 38 -5.37 10.28 9.96
C TYR A 38 -6.11 11.48 10.53
N HIS A 39 -5.65 12.67 10.18
CA HIS A 39 -6.26 13.91 10.65
C HIS A 39 -7.73 13.96 10.29
N ASP A 40 -8.13 13.16 9.30
CA ASP A 40 -9.51 13.11 8.86
C ASP A 40 -9.98 11.67 8.70
N PRO A 41 -11.03 11.30 9.45
CA PRO A 41 -11.59 9.95 9.42
C PRO A 41 -12.32 9.66 8.11
N ASN A 42 -12.44 10.68 7.26
CA ASN A 42 -13.10 10.54 5.98
C ASN A 42 -12.39 9.52 5.10
N PHE A 43 -11.17 9.85 4.68
CA PHE A 43 -10.38 8.96 3.83
C PHE A 43 -10.09 7.65 4.55
N VAL A 44 -10.43 6.54 3.90
CA VAL A 44 -10.21 5.22 4.47
C VAL A 44 -9.55 4.29 3.46
N PRO A 45 -8.36 3.80 3.81
CA PRO A 45 -7.60 2.89 2.94
C PRO A 45 -8.25 1.50 2.83
N ALA A 46 -8.72 1.17 1.64
CA ALA A 46 -9.36 -0.12 1.41
C ALA A 46 -8.33 -1.25 1.37
N ALA A 47 -8.32 -2.07 2.42
CA ALA A 47 -7.39 -3.18 2.50
C ALA A 47 -8.08 -4.50 2.18
N PHE A 48 -7.82 -5.03 0.99
CA PHE A 48 -8.41 -6.28 0.56
C PHE A 48 -7.36 -7.22 -0.01
N VAL A 49 -6.90 -8.17 0.80
CA VAL A 49 -5.90 -9.13 0.37
C VAL A 49 -6.53 -10.48 0.06
N CYS A 50 -6.13 -11.07 -1.07
CA CYS A 50 -6.66 -12.35 -1.49
C CYS A 50 -6.66 -13.34 -0.33
N SER A 51 -7.32 -14.47 -0.52
CA SER A 51 -7.41 -15.50 0.51
C SER A 51 -6.77 -16.80 0.04
N LYS A 52 -6.63 -16.94 -1.27
CA LYS A 52 -6.03 -18.13 -1.85
C LYS A 52 -4.51 -18.06 -1.79
N CYS A 53 -3.95 -16.94 -2.24
CA CYS A 53 -2.51 -16.74 -2.23
C CYS A 53 -2.09 -15.77 -1.13
N GLY A 54 -2.79 -14.64 -1.05
CA GLY A 54 -2.48 -13.65 -0.03
C GLY A 54 -1.95 -12.36 -0.63
N LYS A 55 -2.37 -12.05 -1.85
CA LYS A 55 -1.94 -10.84 -2.54
C LYS A 55 -2.74 -9.63 -2.05
N THR A 56 -2.03 -8.53 -1.80
CA THR A 56 -2.67 -7.30 -1.33
C THR A 56 -3.20 -6.48 -2.50
N PHE A 57 -4.44 -6.03 -2.38
CA PHE A 57 -5.08 -5.23 -3.43
C PHE A 57 -5.54 -3.88 -2.88
N THR A 58 -5.87 -2.97 -3.78
CA THR A 58 -6.34 -1.64 -3.39
C THR A 58 -7.85 -1.56 -3.38
N ARG A 59 -8.48 -2.18 -4.36
CA ARG A 59 -9.94 -2.18 -4.47
C ARG A 59 -10.51 -3.55 -4.10
N ARG A 60 -11.71 -3.54 -3.53
CA ARG A 60 -12.36 -4.78 -3.12
C ARG A 60 -12.78 -5.60 -4.34
N ASN A 61 -13.65 -5.03 -5.16
CA ASN A 61 -14.13 -5.70 -6.36
C ASN A 61 -12.98 -6.35 -7.12
N THR A 62 -12.02 -5.54 -7.54
CA THR A 62 -10.86 -6.04 -8.27
C THR A 62 -10.33 -7.33 -7.65
N MET A 63 -10.19 -7.33 -6.33
CA MET A 63 -9.70 -8.50 -5.62
C MET A 63 -10.71 -9.64 -5.68
N ALA A 64 -11.91 -9.39 -5.18
CA ALA A 64 -12.96 -10.40 -5.20
C ALA A 64 -12.90 -11.25 -6.46
N ARG A 65 -12.86 -10.59 -7.61
CA ARG A 65 -12.80 -11.27 -8.89
C ARG A 65 -11.50 -12.06 -9.03
N HIS A 66 -10.39 -11.43 -8.66
CA HIS A 66 -9.08 -12.07 -8.74
C HIS A 66 -9.12 -13.45 -8.08
N ALA A 67 -9.70 -13.52 -6.89
CA ALA A 67 -9.80 -14.77 -6.16
C ALA A 67 -10.31 -15.90 -7.06
N ASP A 68 -11.50 -15.70 -7.62
CA ASP A 68 -12.10 -16.70 -8.50
C ASP A 68 -11.06 -17.27 -9.45
N ASN A 69 -10.44 -16.41 -10.23
CA ASN A 69 -9.42 -16.83 -11.20
C ASN A 69 -8.18 -17.36 -10.47
N CYS A 70 -8.07 -17.03 -9.19
CA CYS A 70 -6.93 -17.47 -8.39
C CYS A 70 -7.14 -18.89 -7.87
N ALA A 71 -6.06 -19.54 -7.46
CA ALA A 71 -6.13 -20.90 -6.94
C ALA A 71 -5.30 -21.04 -5.66
N GLY A 72 -4.17 -20.34 -5.61
CA GLY A 72 -3.31 -20.40 -4.45
C GLY A 72 -1.87 -20.06 -4.78
N PRO A 73 -0.99 -20.19 -3.77
CA PRO A 73 0.44 -19.90 -3.93
C PRO A 73 1.14 -20.93 -4.82
N ASP A 74 2.09 -20.46 -5.62
CA ASP A 74 2.84 -21.33 -6.51
C ASP A 74 1.94 -22.44 -7.07
N GLY A 75 0.72 -22.06 -7.44
CA GLY A 75 -0.21 -23.03 -7.98
C GLY A 75 -1.31 -22.38 -8.79
N VAL A 76 -0.99 -21.99 -10.02
CA VAL A 76 -1.96 -21.34 -10.90
C VAL A 76 -2.59 -22.35 -11.85
N GLU A 77 -3.90 -22.27 -12.00
CA GLU A 77 -4.62 -23.17 -12.90
C GLU A 77 -5.55 -22.41 -13.84
N GLY A 78 -5.46 -22.73 -15.12
CA GLY A 78 -6.29 -22.05 -16.11
C GLY A 78 -5.51 -21.65 -17.35
N GLU A 79 -6.09 -21.89 -18.51
CA GLU A 79 -5.45 -21.55 -19.78
C GLU A 79 -6.40 -20.79 -20.70
N ASN A 80 -5.89 -20.33 -21.83
CA ASN A 80 -6.69 -19.59 -22.79
C ASN A 80 -7.44 -18.45 -22.11
N SER A 81 -6.76 -17.75 -21.22
CA SER A 81 -7.36 -16.64 -20.49
C SER A 81 -8.36 -15.90 -21.37
N GLY A 82 -9.46 -15.46 -20.76
CA GLY A 82 -10.48 -14.75 -21.51
C GLY A 82 -11.29 -13.82 -20.63
N PRO A 83 -11.87 -12.77 -21.23
CA PRO A 83 -12.68 -11.79 -20.51
C PRO A 83 -14.01 -12.37 -20.05
N SER A 84 -14.31 -13.59 -20.50
CA SER A 84 -15.55 -14.24 -20.13
C SER A 84 -15.29 -15.41 -19.18
N SER A 85 -16.37 -16.03 -18.69
CA SER A 85 -16.26 -17.15 -17.78
C SER A 85 -17.60 -17.85 -17.59
N GLY A 86 -17.62 -19.15 -17.81
CA GLY A 86 -18.86 -19.91 -17.66
C GLY A 86 -20.07 -19.13 -18.13
ZN ZN B . 0.07 14.65 9.41
ZN ZN C . -4.91 -14.91 -5.03
N GLY A 1 24.31 30.96 -1.15
CA GLY A 1 23.94 32.33 -1.42
C GLY A 1 22.72 32.44 -2.33
N SER A 2 22.96 32.46 -3.63
CA SER A 2 21.88 32.56 -4.61
C SER A 2 21.99 31.46 -5.66
N SER A 3 21.48 30.28 -5.33
CA SER A 3 21.54 29.14 -6.24
C SER A 3 20.30 29.12 -7.14
N GLY A 4 19.12 29.03 -6.51
CA GLY A 4 17.88 28.99 -7.27
C GLY A 4 17.46 27.57 -7.62
N SER A 5 17.97 27.06 -8.72
CA SER A 5 17.63 25.71 -9.17
C SER A 5 18.85 25.01 -9.76
N SER A 6 19.20 23.86 -9.21
CA SER A 6 20.35 23.09 -9.69
C SER A 6 20.12 21.60 -9.51
N GLY A 7 20.68 20.81 -10.42
CA GLY A 7 20.52 19.36 -10.35
C GLY A 7 21.47 18.73 -9.34
N ARG A 8 20.97 18.52 -8.13
CA ARG A 8 21.78 17.91 -7.08
C ARG A 8 21.11 16.65 -6.54
N THR A 9 21.94 15.73 -6.02
CA THR A 9 21.43 14.48 -5.48
C THR A 9 20.52 14.73 -4.29
N HIS A 10 19.72 13.72 -3.94
CA HIS A 10 18.80 13.83 -2.81
C HIS A 10 19.44 14.63 -1.67
N THR A 11 18.68 15.59 -1.14
CA THR A 11 19.17 16.42 -0.05
C THR A 11 19.46 15.59 1.20
N GLY A 12 18.47 14.82 1.63
CA GLY A 12 18.63 13.99 2.80
C GLY A 12 17.45 13.06 3.03
N GLU A 13 16.24 13.64 3.05
CA GLU A 13 15.03 12.85 3.26
C GLU A 13 13.84 13.50 2.56
N LYS A 14 12.69 12.83 2.61
CA LYS A 14 11.48 13.34 1.99
C LYS A 14 11.30 14.82 2.27
N PRO A 15 11.12 15.62 1.20
CA PRO A 15 10.93 17.06 1.31
C PRO A 15 9.59 17.42 1.93
N TYR A 16 8.53 16.73 1.50
CA TYR A 16 7.19 16.97 2.01
C TYR A 16 7.06 16.51 3.46
N ALA A 17 7.10 17.46 4.38
CA ALA A 17 6.97 17.15 5.81
C ALA A 17 5.68 17.72 6.38
N CYS A 18 4.77 16.83 6.76
CA CYS A 18 3.48 17.23 7.32
C CYS A 18 3.70 18.25 8.44
N SER A 19 2.75 19.17 8.58
CA SER A 19 2.82 20.20 9.61
C SER A 19 2.16 19.72 10.90
N HIS A 20 1.02 19.05 10.76
CA HIS A 20 0.29 18.55 11.92
C HIS A 20 1.13 17.55 12.71
N CYS A 21 1.82 16.68 11.99
CA CYS A 21 2.67 15.67 12.62
C CYS A 21 4.11 15.77 12.10
N ASP A 22 4.97 14.89 12.61
CA ASP A 22 6.37 14.87 12.19
C ASP A 22 6.61 13.78 11.14
N LYS A 23 5.70 13.69 10.17
CA LYS A 23 5.81 12.70 9.11
C LYS A 23 6.30 13.34 7.82
N THR A 24 6.89 12.53 6.95
CA THR A 24 7.40 13.02 5.67
C THR A 24 7.03 12.08 4.53
N PHE A 25 6.94 12.62 3.32
CA PHE A 25 6.59 11.83 2.14
C PHE A 25 7.31 12.35 0.91
N ARG A 26 7.50 11.48 -0.07
CA ARG A 26 8.17 11.84 -1.31
C ARG A 26 7.26 12.69 -2.19
N GLN A 27 6.10 12.16 -2.53
CA GLN A 27 5.14 12.87 -3.36
C GLN A 27 4.06 13.54 -2.52
N LYS A 28 3.69 14.75 -2.89
CA LYS A 28 2.67 15.50 -2.17
C LYS A 28 1.40 14.67 -2.01
N GLN A 29 1.17 13.77 -2.96
CA GLN A 29 0.00 12.91 -2.92
C GLN A 29 -0.07 12.11 -1.62
N LEU A 30 1.04 11.47 -1.28
CA LEU A 30 1.12 10.67 -0.06
C LEU A 30 0.84 11.53 1.18
N LEU A 31 1.49 12.68 1.24
CA LEU A 31 1.32 13.61 2.37
C LEU A 31 -0.09 14.19 2.37
N ASP A 32 -0.73 14.18 1.21
CA ASP A 32 -2.09 14.70 1.09
C ASP A 32 -3.11 13.70 1.61
N MET A 33 -2.97 12.46 1.19
CA MET A 33 -3.88 11.40 1.63
C MET A 33 -3.66 11.04 3.09
N HIS A 34 -2.40 11.09 3.52
CA HIS A 34 -2.05 10.78 4.90
C HIS A 34 -2.82 11.66 5.87
N PHE A 35 -2.87 12.95 5.58
CA PHE A 35 -3.57 13.90 6.42
C PHE A 35 -5.07 13.59 6.46
N LYS A 36 -5.69 13.55 5.29
CA LYS A 36 -7.12 13.27 5.18
C LYS A 36 -7.42 11.85 5.66
N ARG A 37 -6.37 11.08 5.92
CA ARG A 37 -6.53 9.71 6.39
C ARG A 37 -6.45 9.63 7.90
N TYR A 38 -5.31 10.04 8.45
CA TYR A 38 -5.10 10.01 9.90
C TYR A 38 -5.81 11.18 10.57
N HIS A 39 -5.35 12.39 10.27
CA HIS A 39 -5.95 13.59 10.85
C HIS A 39 -7.45 13.64 10.56
N ASP A 40 -7.90 12.82 9.63
CA ASP A 40 -9.31 12.77 9.25
C ASP A 40 -9.74 11.35 8.91
N PRO A 41 -10.73 10.84 9.65
CA PRO A 41 -11.26 9.48 9.46
C PRO A 41 -12.03 9.36 8.15
N ASN A 42 -12.13 10.45 7.41
CA ASN A 42 -12.85 10.47 6.13
C ASN A 42 -12.16 9.55 5.13
N PHE A 43 -10.91 9.87 4.81
CA PHE A 43 -10.14 9.08 3.85
C PHE A 43 -9.77 7.72 4.44
N VAL A 44 -10.08 6.65 3.72
CA VAL A 44 -9.77 5.31 4.17
C VAL A 44 -9.29 4.43 3.01
N PRO A 45 -8.05 3.91 3.12
CA PRO A 45 -7.46 3.05 2.10
C PRO A 45 -8.12 1.69 2.02
N ALA A 46 -8.50 1.28 0.81
CA ALA A 46 -9.15 0.00 0.61
C ALA A 46 -8.14 -1.15 0.71
N ALA A 47 -8.23 -1.92 1.79
CA ALA A 47 -7.34 -3.05 2.02
C ALA A 47 -8.08 -4.38 1.96
N PHE A 48 -7.91 -5.10 0.86
CA PHE A 48 -8.58 -6.38 0.69
C PHE A 48 -7.57 -7.47 0.32
N VAL A 49 -7.27 -8.34 1.28
CA VAL A 49 -6.32 -9.42 1.07
C VAL A 49 -7.03 -10.70 0.67
N CYS A 50 -6.50 -11.38 -0.33
CA CYS A 50 -7.09 -12.64 -0.80
C CYS A 50 -7.25 -13.63 0.34
N SER A 51 -7.93 -14.74 0.06
CA SER A 51 -8.15 -15.77 1.07
C SER A 51 -7.68 -17.13 0.57
N LYS A 52 -7.49 -17.24 -0.74
CA LYS A 52 -7.04 -18.49 -1.35
C LYS A 52 -5.53 -18.60 -1.29
N CYS A 53 -4.85 -17.49 -1.51
CA CYS A 53 -3.39 -17.47 -1.48
C CYS A 53 -2.88 -16.55 -0.37
N GLY A 54 -3.44 -15.35 -0.30
CA GLY A 54 -3.03 -14.39 0.72
C GLY A 54 -2.37 -13.16 0.11
N LYS A 55 -2.82 -12.76 -1.06
CA LYS A 55 -2.25 -11.59 -1.73
C LYS A 55 -2.90 -10.31 -1.23
N THR A 56 -2.51 -9.18 -1.81
CA THR A 56 -3.06 -7.89 -1.42
C THR A 56 -3.74 -7.20 -2.60
N PHE A 57 -4.85 -6.51 -2.30
CA PHE A 57 -5.60 -5.82 -3.33
C PHE A 57 -6.18 -4.51 -2.80
N THR A 58 -6.00 -3.44 -3.56
CA THR A 58 -6.49 -2.12 -3.16
C THR A 58 -7.92 -1.90 -3.65
N ARG A 59 -8.69 -2.98 -3.69
CA ARG A 59 -10.08 -2.90 -4.14
C ARG A 59 -10.86 -4.15 -3.70
N ARG A 60 -12.17 -3.98 -3.54
CA ARG A 60 -13.02 -5.10 -3.13
C ARG A 60 -13.44 -5.93 -4.34
N ASN A 61 -13.83 -5.25 -5.42
CA ASN A 61 -14.25 -5.94 -6.64
C ASN A 61 -13.08 -6.69 -7.26
N THR A 62 -12.02 -5.96 -7.60
CA THR A 62 -10.84 -6.56 -8.21
C THR A 62 -10.43 -7.83 -7.48
N MET A 63 -10.30 -7.72 -6.16
CA MET A 63 -9.91 -8.88 -5.35
C MET A 63 -10.85 -10.05 -5.57
N ALA A 64 -12.14 -9.79 -5.42
CA ALA A 64 -13.15 -10.83 -5.60
C ALA A 64 -12.98 -11.54 -6.94
N ARG A 65 -12.75 -10.76 -7.99
CA ARG A 65 -12.56 -11.32 -9.33
C ARG A 65 -11.31 -12.19 -9.39
N HIS A 66 -10.24 -11.71 -8.77
CA HIS A 66 -8.98 -12.45 -8.74
C HIS A 66 -9.15 -13.81 -8.07
N ALA A 67 -9.91 -13.82 -6.98
CA ALA A 67 -10.16 -15.05 -6.24
C ALA A 67 -10.68 -16.15 -7.16
N ASP A 68 -11.54 -15.77 -8.09
CA ASP A 68 -12.10 -16.73 -9.05
C ASP A 68 -11.00 -17.44 -9.82
N ASN A 69 -10.12 -16.66 -10.44
CA ASN A 69 -9.02 -17.22 -11.21
C ASN A 69 -7.86 -17.62 -10.31
N CYS A 70 -8.04 -17.42 -9.01
CA CYS A 70 -7.00 -17.76 -8.03
C CYS A 70 -6.98 -19.26 -7.75
N ALA A 71 -5.80 -19.86 -7.84
CA ALA A 71 -5.65 -21.28 -7.59
C ALA A 71 -4.79 -21.54 -6.36
N GLY A 72 -4.85 -20.61 -5.40
CA GLY A 72 -4.07 -20.75 -4.18
C GLY A 72 -2.66 -20.22 -4.32
N PRO A 73 -1.83 -20.44 -3.30
CA PRO A 73 -0.43 -19.98 -3.30
C PRO A 73 0.42 -20.73 -4.30
N ASP A 74 1.56 -20.14 -4.66
CA ASP A 74 2.48 -20.76 -5.61
C ASP A 74 3.91 -20.26 -5.39
N GLY A 75 4.88 -21.10 -5.72
CA GLY A 75 6.27 -20.72 -5.56
C GLY A 75 6.64 -19.48 -6.33
N VAL A 76 6.67 -18.34 -5.63
CA VAL A 76 7.01 -17.06 -6.26
C VAL A 76 8.03 -16.30 -5.43
N GLU A 77 8.88 -15.54 -6.10
CA GLU A 77 9.91 -14.75 -5.42
C GLU A 77 9.90 -13.31 -5.92
N GLY A 78 10.44 -12.41 -5.11
CA GLY A 78 10.49 -11.01 -5.49
C GLY A 78 9.11 -10.37 -5.54
N GLU A 79 8.27 -10.72 -4.57
CA GLU A 79 6.91 -10.18 -4.51
C GLU A 79 6.95 -8.66 -4.29
N ASN A 80 7.79 -8.23 -3.35
CA ASN A 80 7.93 -6.81 -3.05
C ASN A 80 9.13 -6.56 -2.14
N SER A 81 10.00 -5.65 -2.56
CA SER A 81 11.19 -5.32 -1.80
C SER A 81 11.21 -3.84 -1.43
N GLY A 82 11.46 -3.56 -0.15
CA GLY A 82 11.49 -2.19 0.31
C GLY A 82 12.09 -2.05 1.69
N PRO A 83 12.73 -0.90 1.96
CA PRO A 83 13.35 -0.62 3.25
C PRO A 83 12.33 -0.44 4.37
N SER A 84 12.81 -0.33 5.60
CA SER A 84 11.94 -0.15 6.76
C SER A 84 12.45 0.97 7.66
N SER A 85 11.73 2.09 7.66
CA SER A 85 12.11 3.24 8.46
C SER A 85 10.88 4.05 8.86
N GLY A 86 11.10 5.07 9.68
CA GLY A 86 10.00 5.91 10.13
C GLY A 86 10.17 7.36 9.70
ZN ZN B . 0.28 14.48 9.43
ZN ZN C . -5.39 -15.18 -4.38
N GLY A 1 -0.24 -13.95 13.54
CA GLY A 1 1.15 -14.32 13.40
C GLY A 1 1.91 -13.36 12.49
N SER A 2 3.00 -13.84 11.90
CA SER A 2 3.81 -13.03 11.01
C SER A 2 4.51 -13.90 9.96
N SER A 3 4.68 -13.35 8.76
CA SER A 3 5.34 -14.07 7.68
C SER A 3 5.92 -13.10 6.66
N GLY A 4 7.10 -13.42 6.14
CA GLY A 4 7.74 -12.58 5.16
C GLY A 4 9.14 -13.06 4.79
N SER A 5 9.50 -12.90 3.53
CA SER A 5 10.81 -13.32 3.05
C SER A 5 11.66 -12.13 2.64
N SER A 6 12.96 -12.34 2.51
CA SER A 6 13.88 -11.28 2.12
C SER A 6 13.31 -10.49 0.94
N GLY A 7 13.09 -9.20 1.15
CA GLY A 7 12.57 -8.35 0.10
C GLY A 7 12.90 -6.88 0.31
N ARG A 8 13.91 -6.40 -0.42
CA ARG A 8 14.33 -5.01 -0.31
C ARG A 8 14.07 -4.26 -1.61
N THR A 9 13.38 -3.13 -1.51
CA THR A 9 13.07 -2.32 -2.69
C THR A 9 14.00 -1.12 -2.79
N HIS A 10 14.32 -0.73 -4.03
CA HIS A 10 15.20 0.41 -4.27
C HIS A 10 14.86 1.57 -3.34
N THR A 11 15.77 1.86 -2.41
CA THR A 11 15.56 2.94 -1.46
C THR A 11 15.38 4.28 -2.18
N GLY A 12 14.81 5.25 -1.48
CA GLY A 12 14.59 6.56 -2.06
C GLY A 12 14.40 7.64 -1.03
N GLU A 13 13.92 8.81 -1.45
CA GLU A 13 13.70 9.92 -0.55
C GLU A 13 12.29 10.48 -0.71
N LYS A 14 11.74 11.01 0.38
CA LYS A 14 10.40 11.58 0.36
C LYS A 14 10.44 13.09 0.57
N PRO A 15 10.29 13.83 -0.54
CA PRO A 15 10.31 15.30 -0.51
C PRO A 15 9.07 15.88 0.16
N TYR A 16 7.95 15.18 0.03
CA TYR A 16 6.69 15.63 0.63
C TYR A 16 6.64 15.27 2.11
N ALA A 17 6.86 16.26 2.97
CA ALA A 17 6.84 16.06 4.41
C ALA A 17 5.67 16.80 5.04
N CYS A 18 4.84 16.06 5.77
CA CYS A 18 3.68 16.65 6.44
C CYS A 18 4.11 17.72 7.44
N SER A 19 3.24 18.69 7.67
CA SER A 19 3.53 19.78 8.59
C SER A 19 2.97 19.47 9.98
N HIS A 20 1.79 18.87 10.01
CA HIS A 20 1.14 18.51 11.27
C HIS A 20 1.98 17.53 12.06
N CYS A 21 2.48 16.50 11.38
CA CYS A 21 3.31 15.48 12.01
C CYS A 21 4.68 15.39 11.35
N ASP A 22 5.49 14.45 11.80
CA ASP A 22 6.83 14.26 11.25
C ASP A 22 6.85 13.07 10.29
N LYS A 23 5.93 13.08 9.33
CA LYS A 23 5.83 12.01 8.34
C LYS A 23 6.22 12.51 6.96
N THR A 24 6.78 11.62 6.14
CA THR A 24 7.20 11.98 4.79
C THR A 24 6.63 10.99 3.77
N PHE A 25 6.52 11.44 2.53
CA PHE A 25 5.99 10.60 1.45
C PHE A 25 6.66 10.95 0.12
N ARG A 26 6.64 10.00 -0.81
CA ARG A 26 7.23 10.19 -2.12
C ARG A 26 6.34 11.06 -3.00
N GLN A 27 5.11 10.60 -3.21
CA GLN A 27 4.14 11.33 -4.03
C GLN A 27 3.16 12.10 -3.16
N LYS A 28 2.89 13.35 -3.53
CA LYS A 28 1.97 14.19 -2.80
C LYS A 28 0.73 13.41 -2.39
N GLN A 29 0.13 12.72 -3.36
CA GLN A 29 -1.07 11.93 -3.10
C GLN A 29 -0.99 11.24 -1.75
N LEU A 30 0.14 10.60 -1.48
CA LEU A 30 0.34 9.90 -0.22
C LEU A 30 0.16 10.84 0.97
N LEU A 31 0.87 11.96 0.92
CA LEU A 31 0.79 12.96 1.99
C LEU A 31 -0.59 13.61 2.02
N ASP A 32 -1.29 13.56 0.90
CA ASP A 32 -2.62 14.15 0.81
C ASP A 32 -3.66 13.24 1.47
N MET A 33 -3.56 11.95 1.21
CA MET A 33 -4.49 10.98 1.77
C MET A 33 -4.15 10.68 3.22
N HIS A 34 -2.86 10.77 3.55
CA HIS A 34 -2.40 10.50 4.91
C HIS A 34 -3.06 11.47 5.90
N PHE A 35 -3.08 12.74 5.55
CA PHE A 35 -3.68 13.76 6.40
C PHE A 35 -5.16 13.49 6.61
N LYS A 36 -5.90 13.39 5.51
CA LYS A 36 -7.33 13.12 5.57
C LYS A 36 -7.61 11.75 6.17
N ARG A 37 -6.55 10.98 6.39
CA ARG A 37 -6.68 9.64 6.96
C ARG A 37 -6.44 9.66 8.47
N TYR A 38 -5.24 10.05 8.88
CA TYR A 38 -4.89 10.11 10.29
C TYR A 38 -5.50 11.34 10.95
N HIS A 39 -5.06 12.52 10.53
CA HIS A 39 -5.57 13.77 11.08
C HIS A 39 -7.08 13.86 10.93
N ASP A 40 -7.65 12.96 10.13
CA ASP A 40 -9.08 12.93 9.91
C ASP A 40 -9.57 11.50 9.68
N PRO A 41 -10.46 11.03 10.57
CA PRO A 41 -11.02 9.68 10.48
C PRO A 41 -11.97 9.51 9.29
N ASN A 42 -12.12 10.57 8.51
CA ASN A 42 -12.99 10.55 7.34
C ASN A 42 -12.45 9.59 6.28
N PHE A 43 -11.24 9.86 5.81
CA PHE A 43 -10.61 9.02 4.79
C PHE A 43 -10.25 7.66 5.37
N VAL A 44 -10.75 6.60 4.73
CA VAL A 44 -10.48 5.24 5.17
C VAL A 44 -10.00 4.38 4.01
N PRO A 45 -8.75 3.86 4.13
CA PRO A 45 -8.15 3.01 3.10
C PRO A 45 -8.81 1.64 3.02
N ALA A 46 -9.12 1.20 1.81
CA ALA A 46 -9.75 -0.09 1.60
C ALA A 46 -8.75 -1.23 1.77
N ALA A 47 -8.88 -1.97 2.87
CA ALA A 47 -7.99 -3.08 3.16
C ALA A 47 -8.70 -4.42 3.00
N PHE A 48 -8.38 -5.13 1.93
CA PHE A 48 -9.00 -6.43 1.67
C PHE A 48 -7.95 -7.50 1.42
N VAL A 49 -8.19 -8.70 1.94
CA VAL A 49 -7.25 -9.81 1.77
C VAL A 49 -7.91 -10.96 1.01
N CYS A 50 -7.11 -11.65 0.22
CA CYS A 50 -7.60 -12.78 -0.57
C CYS A 50 -7.83 -14.00 0.32
N SER A 51 -8.86 -14.77 0.01
CA SER A 51 -9.19 -15.97 0.78
C SER A 51 -8.67 -17.22 0.08
N LYS A 52 -8.10 -17.03 -1.11
CA LYS A 52 -7.56 -18.15 -1.88
C LYS A 52 -6.08 -18.34 -1.61
N CYS A 53 -5.33 -17.24 -1.62
CA CYS A 53 -3.89 -17.28 -1.38
C CYS A 53 -3.54 -16.58 -0.08
N GLY A 54 -4.17 -15.43 0.16
CA GLY A 54 -3.91 -14.68 1.37
C GLY A 54 -3.11 -13.42 1.12
N LYS A 55 -3.30 -12.82 -0.06
CA LYS A 55 -2.60 -11.61 -0.42
C LYS A 55 -3.40 -10.37 -0.01
N THR A 56 -2.73 -9.22 0.03
CA THR A 56 -3.37 -7.97 0.40
C THR A 56 -3.71 -7.14 -0.84
N PHE A 57 -4.88 -6.51 -0.81
CA PHE A 57 -5.32 -5.68 -1.93
C PHE A 57 -5.93 -4.37 -1.43
N THR A 58 -5.46 -3.26 -1.98
CA THR A 58 -5.96 -1.94 -1.58
C THR A 58 -7.19 -1.56 -2.40
N ARG A 59 -7.92 -2.56 -2.87
CA ARG A 59 -9.12 -2.33 -3.67
C ARG A 59 -10.03 -3.55 -3.66
N ARG A 60 -11.17 -3.43 -2.98
CA ARG A 60 -12.12 -4.53 -2.89
C ARG A 60 -12.44 -5.08 -4.27
N ASN A 61 -12.76 -4.18 -5.21
CA ASN A 61 -13.08 -4.59 -6.58
C ASN A 61 -11.95 -5.40 -7.19
N THR A 62 -10.72 -4.91 -7.03
CA THR A 62 -9.56 -5.59 -7.58
C THR A 62 -9.39 -6.98 -6.97
N MET A 63 -9.54 -7.06 -5.65
CA MET A 63 -9.40 -8.32 -4.94
C MET A 63 -10.46 -9.32 -5.40
N ALA A 64 -11.72 -8.87 -5.41
CA ALA A 64 -12.83 -9.73 -5.83
C ALA A 64 -12.50 -10.43 -7.14
N ARG A 65 -12.09 -9.67 -8.14
CA ARG A 65 -11.74 -10.23 -9.44
C ARG A 65 -10.50 -11.10 -9.34
N HIS A 66 -9.48 -10.61 -8.66
CA HIS A 66 -8.23 -11.35 -8.50
C HIS A 66 -8.51 -12.78 -8.03
N ALA A 67 -9.41 -12.91 -7.06
CA ALA A 67 -9.77 -14.22 -6.52
C ALA A 67 -10.18 -15.18 -7.64
N ASP A 68 -10.96 -14.66 -8.59
CA ASP A 68 -11.43 -15.47 -9.71
C ASP A 68 -10.25 -16.08 -10.47
N ASN A 69 -9.29 -15.23 -10.86
CA ASN A 69 -8.12 -15.69 -11.59
C ASN A 69 -7.05 -16.20 -10.63
N CYS A 70 -7.36 -16.19 -9.34
CA CYS A 70 -6.42 -16.64 -8.33
C CYS A 70 -6.42 -18.16 -8.23
N ALA A 71 -5.31 -18.73 -7.75
CA ALA A 71 -5.19 -20.17 -7.61
C ALA A 71 -4.87 -20.54 -6.16
N GLY A 72 -4.00 -19.77 -5.53
CA GLY A 72 -3.63 -20.05 -4.15
C GLY A 72 -2.33 -19.37 -3.75
N PRO A 73 -1.72 -19.86 -2.67
CA PRO A 73 -0.46 -19.31 -2.15
C PRO A 73 0.72 -19.63 -3.07
N ASP A 74 1.36 -18.59 -3.58
CA ASP A 74 2.51 -18.76 -4.46
C ASP A 74 3.67 -17.85 -4.04
N GLY A 75 3.39 -16.56 -3.93
CA GLY A 75 4.42 -15.61 -3.53
C GLY A 75 3.83 -14.32 -2.99
N VAL A 76 4.20 -13.98 -1.76
CA VAL A 76 3.71 -12.76 -1.13
C VAL A 76 4.24 -11.51 -1.83
N GLU A 77 3.38 -10.53 -1.99
CA GLU A 77 3.76 -9.28 -2.66
C GLU A 77 4.12 -8.20 -1.64
N GLY A 78 3.31 -8.10 -0.59
CA GLY A 78 3.56 -7.11 0.44
C GLY A 78 4.99 -7.13 0.93
N GLU A 79 5.37 -6.10 1.69
CA GLU A 79 6.73 -6.01 2.22
C GLU A 79 6.72 -5.57 3.68
N ASN A 80 7.88 -5.63 4.32
CA ASN A 80 8.01 -5.25 5.72
C ASN A 80 9.15 -4.26 5.91
N SER A 81 8.81 -2.98 6.06
CA SER A 81 9.83 -1.95 6.25
C SER A 81 10.66 -2.22 7.49
N GLY A 82 11.89 -1.72 7.50
CA GLY A 82 12.77 -1.91 8.63
C GLY A 82 14.02 -1.07 8.56
N PRO A 83 15.12 -1.66 8.05
CA PRO A 83 16.40 -0.97 7.91
C PRO A 83 16.36 0.12 6.83
N SER A 84 16.69 1.35 7.22
CA SER A 84 16.69 2.46 6.29
C SER A 84 18.08 3.08 6.18
N SER A 85 18.46 3.47 4.96
CA SER A 85 19.77 4.06 4.73
C SER A 85 19.63 5.49 4.22
N GLY A 86 20.64 6.31 4.47
CA GLY A 86 20.61 7.69 4.02
C GLY A 86 20.93 7.84 2.55
ZN ZN B . 0.56 14.34 9.13
ZN ZN C . -5.38 -14.74 -4.22
N GLY A 1 11.31 9.64 18.74
CA GLY A 1 12.48 9.42 17.91
C GLY A 1 12.13 9.03 16.49
N SER A 2 12.58 9.83 15.52
CA SER A 2 12.30 9.56 14.12
C SER A 2 12.52 8.08 13.79
N SER A 3 11.57 7.48 13.09
CA SER A 3 11.66 6.07 12.71
C SER A 3 11.72 5.92 11.20
N GLY A 4 12.83 5.38 10.70
CA GLY A 4 12.97 5.17 9.27
C GLY A 4 14.17 4.31 8.92
N SER A 5 14.18 3.76 7.72
CA SER A 5 15.27 2.91 7.28
C SER A 5 16.57 3.70 7.16
N SER A 6 17.55 3.34 7.98
CA SER A 6 18.84 4.02 7.98
C SER A 6 19.96 3.06 7.61
N GLY A 7 20.21 2.93 6.30
CA GLY A 7 21.26 2.05 5.83
C GLY A 7 21.81 2.46 4.48
N ARG A 8 21.59 1.64 3.47
CA ARG A 8 22.07 1.93 2.12
C ARG A 8 20.91 2.25 1.18
N THR A 9 20.68 3.53 0.95
CA THR A 9 19.60 3.97 0.08
C THR A 9 19.86 5.38 -0.46
N HIS A 10 19.37 5.65 -1.66
CA HIS A 10 19.55 6.96 -2.28
C HIS A 10 18.22 7.71 -2.36
N THR A 11 17.14 7.03 -1.96
CA THR A 11 15.81 7.64 -1.99
C THR A 11 15.38 8.08 -0.59
N GLY A 12 15.37 9.39 -0.37
CA GLY A 12 14.97 9.92 0.92
C GLY A 12 14.97 11.43 0.95
N GLU A 13 15.15 12.01 2.14
CA GLU A 13 15.16 13.46 2.30
C GLU A 13 13.79 14.05 2.02
N LYS A 14 12.75 13.39 2.54
CA LYS A 14 11.38 13.84 2.34
C LYS A 14 11.24 15.31 2.70
N PRO A 15 11.09 16.17 1.68
CA PRO A 15 10.95 17.62 1.86
C PRO A 15 9.61 17.99 2.49
N TYR A 16 8.57 17.27 2.10
CA TYR A 16 7.23 17.52 2.63
C TYR A 16 7.08 16.97 4.04
N ALA A 17 7.07 17.86 5.02
CA ALA A 17 6.93 17.47 6.42
C ALA A 17 5.64 17.99 7.02
N CYS A 18 4.79 17.08 7.48
CA CYS A 18 3.51 17.46 8.07
C CYS A 18 3.72 18.40 9.25
N SER A 19 2.71 19.22 9.52
CA SER A 19 2.77 20.17 10.63
C SER A 19 2.08 19.63 11.86
N HIS A 20 0.93 18.98 11.65
CA HIS A 20 0.16 18.40 12.75
C HIS A 20 0.96 17.30 13.45
N CYS A 21 1.76 16.57 12.68
CA CYS A 21 2.56 15.49 13.23
C CYS A 21 3.99 15.56 12.71
N ASP A 22 4.83 14.64 13.17
CA ASP A 22 6.23 14.60 12.74
C ASP A 22 6.43 13.57 11.63
N LYS A 23 5.62 13.68 10.58
CA LYS A 23 5.71 12.77 9.45
C LYS A 23 6.22 13.50 8.21
N THR A 24 7.02 12.79 7.40
CA THR A 24 7.58 13.38 6.18
C THR A 24 7.24 12.51 4.98
N PHE A 25 7.27 13.13 3.79
CA PHE A 25 6.97 12.41 2.56
C PHE A 25 7.77 12.99 1.40
N ARG A 26 8.01 12.16 0.38
CA ARG A 26 8.76 12.59 -0.79
C ARG A 26 7.93 13.50 -1.68
N GLN A 27 6.66 13.11 -1.90
CA GLN A 27 5.76 13.90 -2.73
C GLN A 27 4.62 14.47 -1.89
N LYS A 28 4.06 15.59 -2.36
CA LYS A 28 2.96 16.23 -1.66
C LYS A 28 1.74 15.31 -1.56
N GLN A 29 1.42 14.66 -2.68
CA GLN A 29 0.29 13.74 -2.72
C GLN A 29 0.27 12.83 -1.51
N LEU A 30 1.46 12.39 -1.09
CA LEU A 30 1.58 11.51 0.07
C LEU A 30 1.20 12.25 1.35
N LEU A 31 1.79 13.41 1.56
CA LEU A 31 1.51 14.21 2.74
C LEU A 31 0.07 14.73 2.73
N ASP A 32 -0.56 14.69 1.55
CA ASP A 32 -1.93 15.14 1.41
C ASP A 32 -2.91 14.05 1.80
N MET A 33 -2.68 12.84 1.30
CA MET A 33 -3.54 11.71 1.62
C MET A 33 -3.33 11.24 3.05
N HIS A 34 -2.16 11.54 3.59
CA HIS A 34 -1.83 11.15 4.97
C HIS A 34 -2.69 11.91 5.97
N PHE A 35 -2.87 13.21 5.73
CA PHE A 35 -3.66 14.04 6.61
C PHE A 35 -5.14 13.64 6.57
N LYS A 36 -5.69 13.61 5.37
CA LYS A 36 -7.09 13.24 5.18
C LYS A 36 -7.32 11.79 5.55
N ARG A 37 -6.24 11.07 5.84
CA ARG A 37 -6.33 9.67 6.21
C ARG A 37 -6.31 9.50 7.73
N TYR A 38 -5.21 9.93 8.35
CA TYR A 38 -5.07 9.84 9.80
C TYR A 38 -5.85 10.95 10.50
N HIS A 39 -5.40 12.19 10.30
CA HIS A 39 -6.05 13.34 10.92
C HIS A 39 -7.52 13.42 10.51
N ASP A 40 -7.89 12.61 9.52
CA ASP A 40 -9.28 12.59 9.04
C ASP A 40 -9.70 11.17 8.67
N PRO A 41 -10.68 10.63 9.39
CA PRO A 41 -11.20 9.28 9.16
C PRO A 41 -11.98 9.18 7.85
N ASN A 42 -12.08 10.29 7.14
CA ASN A 42 -12.80 10.33 5.87
C ASN A 42 -12.10 9.46 4.83
N PHE A 43 -10.88 9.84 4.46
CA PHE A 43 -10.12 9.09 3.47
C PHE A 43 -9.87 7.67 3.95
N VAL A 44 -10.03 6.71 3.03
CA VAL A 44 -9.82 5.30 3.35
C VAL A 44 -9.36 4.52 2.13
N PRO A 45 -8.09 4.08 2.16
CA PRO A 45 -7.51 3.31 1.06
C PRO A 45 -8.10 1.91 0.94
N ALA A 46 -8.38 1.50 -0.30
CA ALA A 46 -8.95 0.17 -0.55
C ALA A 46 -7.89 -0.92 -0.40
N ALA A 47 -8.01 -1.71 0.67
CA ALA A 47 -7.08 -2.79 0.92
C ALA A 47 -7.79 -4.14 1.00
N PHE A 48 -7.61 -4.95 -0.04
CA PHE A 48 -8.24 -6.26 -0.10
C PHE A 48 -7.23 -7.34 -0.47
N VAL A 49 -6.99 -8.28 0.45
CA VAL A 49 -6.05 -9.35 0.22
C VAL A 49 -6.77 -10.68 -0.02
N CYS A 50 -6.23 -11.48 -0.93
CA CYS A 50 -6.82 -12.78 -1.26
C CYS A 50 -6.64 -13.76 -0.10
N SER A 51 -7.75 -14.35 0.34
CA SER A 51 -7.72 -15.31 1.44
C SER A 51 -7.36 -16.71 0.93
N LYS A 52 -7.14 -16.81 -0.38
CA LYS A 52 -6.79 -18.09 -0.99
C LYS A 52 -5.28 -18.23 -1.13
N CYS A 53 -4.64 -17.23 -1.73
CA CYS A 53 -3.20 -17.25 -1.92
C CYS A 53 -2.53 -16.24 -1.01
N GLY A 54 -3.11 -15.05 -0.91
CA GLY A 54 -2.55 -14.01 -0.06
C GLY A 54 -2.00 -12.84 -0.86
N LYS A 55 -2.65 -12.55 -1.99
CA LYS A 55 -2.22 -11.46 -2.86
C LYS A 55 -2.93 -10.16 -2.47
N THR A 56 -2.28 -9.03 -2.74
CA THR A 56 -2.84 -7.73 -2.43
C THR A 56 -3.48 -7.10 -3.66
N PHE A 57 -4.67 -6.52 -3.48
CA PHE A 57 -5.38 -5.88 -4.58
C PHE A 57 -5.78 -4.46 -4.21
N THR A 58 -5.91 -3.61 -5.22
CA THR A 58 -6.28 -2.21 -5.00
C THR A 58 -7.81 -2.05 -5.00
N ARG A 59 -8.50 -2.99 -5.63
CA ARG A 59 -9.96 -2.95 -5.69
C ARG A 59 -10.57 -4.23 -5.15
N ARG A 60 -11.76 -4.12 -4.57
CA ARG A 60 -12.45 -5.28 -4.00
C ARG A 60 -13.01 -6.16 -5.11
N ASN A 61 -13.86 -5.59 -5.96
CA ASN A 61 -14.46 -6.34 -7.04
C ASN A 61 -13.41 -7.18 -7.78
N THR A 62 -12.29 -6.55 -8.13
CA THR A 62 -11.21 -7.24 -8.82
C THR A 62 -10.74 -8.46 -8.05
N MET A 63 -10.35 -8.25 -6.79
CA MET A 63 -9.87 -9.34 -5.94
C MET A 63 -10.92 -10.44 -5.85
N ALA A 64 -12.13 -10.07 -5.47
CA ALA A 64 -13.22 -11.03 -5.33
C ALA A 64 -13.24 -12.01 -6.50
N ARG A 65 -13.28 -11.47 -7.72
CA ARG A 65 -13.30 -12.30 -8.91
C ARG A 65 -12.07 -13.20 -8.98
N HIS A 66 -10.90 -12.59 -8.79
CA HIS A 66 -9.64 -13.33 -8.82
C HIS A 66 -9.73 -14.59 -7.97
N ALA A 67 -10.24 -14.44 -6.75
CA ALA A 67 -10.37 -15.57 -5.84
C ALA A 67 -11.10 -16.73 -6.50
N ASP A 68 -12.13 -16.41 -7.29
CA ASP A 68 -12.90 -17.43 -7.99
C ASP A 68 -12.00 -18.34 -8.81
N ASN A 69 -11.21 -17.73 -9.71
CA ASN A 69 -10.30 -18.48 -10.56
C ASN A 69 -9.00 -18.78 -9.83
N CYS A 70 -8.91 -18.35 -8.57
CA CYS A 70 -7.72 -18.58 -7.77
C CYS A 70 -7.71 -19.99 -7.21
N ALA A 71 -6.51 -20.55 -7.07
CA ALA A 71 -6.35 -21.90 -6.54
C ALA A 71 -5.68 -21.87 -5.17
N GLY A 72 -4.68 -21.02 -5.02
CA GLY A 72 -3.98 -20.91 -3.76
C GLY A 72 -2.48 -20.71 -3.94
N PRO A 73 -1.73 -20.82 -2.83
CA PRO A 73 -0.27 -20.66 -2.85
C PRO A 73 0.43 -21.81 -3.55
N ASP A 74 1.36 -21.47 -4.45
CA ASP A 74 2.11 -22.48 -5.19
C ASP A 74 3.61 -22.28 -5.02
N GLY A 75 4.01 -21.78 -3.85
CA GLY A 75 5.41 -21.54 -3.59
C GLY A 75 6.11 -20.83 -4.73
N VAL A 76 7.44 -20.78 -4.66
CA VAL A 76 8.23 -20.12 -5.70
C VAL A 76 7.56 -18.83 -6.17
N GLU A 77 6.97 -18.10 -5.23
CA GLU A 77 6.31 -16.84 -5.54
C GLU A 77 6.67 -15.75 -4.54
N GLY A 78 6.94 -14.55 -5.04
CA GLY A 78 7.30 -13.45 -4.16
C GLY A 78 6.66 -12.14 -4.59
N GLU A 79 6.70 -11.86 -5.89
CA GLU A 79 6.12 -10.63 -6.42
C GLU A 79 6.18 -10.61 -7.94
N ASN A 80 5.06 -10.29 -8.57
CA ASN A 80 4.98 -10.23 -10.02
C ASN A 80 4.29 -8.95 -10.49
N SER A 81 4.14 -8.81 -11.80
CA SER A 81 3.51 -7.62 -12.38
C SER A 81 2.23 -8.01 -13.12
N GLY A 82 2.32 -9.05 -13.95
CA GLY A 82 1.17 -9.49 -14.70
C GLY A 82 0.95 -8.68 -15.97
N PRO A 83 0.85 -9.38 -17.11
CA PRO A 83 0.64 -8.75 -18.42
C PRO A 83 -0.75 -8.13 -18.54
N SER A 84 -0.90 -7.23 -19.51
CA SER A 84 -2.17 -6.56 -19.74
C SER A 84 -2.70 -6.85 -21.14
N SER A 85 -3.53 -7.89 -21.26
CA SER A 85 -4.10 -8.28 -22.54
C SER A 85 -5.46 -8.94 -22.35
N GLY A 86 -6.36 -8.72 -23.31
CA GLY A 86 -7.68 -9.30 -23.23
C GLY A 86 -8.73 -8.46 -23.92
ZN ZN B . 0.23 14.53 9.96
ZN ZN C . -5.65 -15.59 -4.82
N GLY A 1 -2.46 -5.62 9.37
CA GLY A 1 -2.60 -5.60 10.81
C GLY A 1 -1.27 -5.73 11.53
N SER A 2 -1.12 -6.76 12.34
CA SER A 2 0.11 -7.00 13.08
C SER A 2 1.33 -6.71 12.21
N SER A 3 2.13 -5.74 12.63
CA SER A 3 3.33 -5.36 11.89
C SER A 3 4.55 -6.16 12.37
N GLY A 4 4.71 -7.36 11.82
CA GLY A 4 5.83 -8.20 12.20
C GLY A 4 7.16 -7.52 12.00
N SER A 5 7.33 -6.87 10.85
CA SER A 5 8.57 -6.18 10.53
C SER A 5 9.08 -5.39 11.73
N SER A 6 10.38 -5.13 11.76
CA SER A 6 10.99 -4.39 12.86
C SER A 6 10.81 -2.89 12.64
N GLY A 7 9.59 -2.48 12.32
CA GLY A 7 9.32 -1.07 12.09
C GLY A 7 9.15 -0.73 10.63
N ARG A 8 8.61 0.45 10.35
CA ARG A 8 8.39 0.88 8.98
C ARG A 8 9.43 1.94 8.57
N THR A 9 10.67 1.71 8.96
CA THR A 9 11.74 2.65 8.64
C THR A 9 12.53 2.18 7.42
N HIS A 10 12.27 2.82 6.28
CA HIS A 10 12.95 2.48 5.03
C HIS A 10 13.92 3.59 4.62
N THR A 11 14.83 3.26 3.71
CA THR A 11 15.81 4.22 3.23
C THR A 11 15.25 5.06 2.09
N GLY A 12 15.50 6.36 2.13
CA GLY A 12 15.01 7.25 1.10
C GLY A 12 14.95 8.69 1.57
N GLU A 13 14.46 9.58 0.69
CA GLU A 13 14.35 10.99 1.01
C GLU A 13 12.94 11.50 0.75
N LYS A 14 12.38 12.21 1.71
CA LYS A 14 11.03 12.77 1.59
C LYS A 14 11.01 14.24 1.94
N PRO A 15 10.90 15.11 0.92
CA PRO A 15 10.86 16.56 1.11
C PRO A 15 9.57 17.03 1.76
N TYR A 16 8.50 16.28 1.53
CA TYR A 16 7.20 16.62 2.11
C TYR A 16 7.07 16.08 3.53
N ALA A 17 7.27 16.96 4.50
CA ALA A 17 7.18 16.57 5.91
C ALA A 17 5.92 17.16 6.55
N CYS A 18 5.09 16.29 7.11
CA CYS A 18 3.86 16.71 7.76
C CYS A 18 4.16 17.60 8.98
N SER A 19 3.26 18.55 9.24
CA SER A 19 3.43 19.45 10.37
C SER A 19 2.81 18.87 11.63
N HIS A 20 1.54 18.50 11.54
CA HIS A 20 0.83 17.93 12.68
C HIS A 20 1.63 16.80 13.31
N CYS A 21 2.25 15.98 12.48
CA CYS A 21 3.06 14.86 12.96
C CYS A 21 4.46 14.90 12.36
N ASP A 22 5.30 13.96 12.78
CA ASP A 22 6.67 13.90 12.30
C ASP A 22 6.79 12.89 11.15
N LYS A 23 5.79 12.86 10.28
CA LYS A 23 5.78 11.94 9.15
C LYS A 23 6.28 12.63 7.89
N THR A 24 6.82 11.85 6.96
CA THR A 24 7.34 12.38 5.71
C THR A 24 6.87 11.55 4.52
N PHE A 25 6.87 12.16 3.34
CA PHE A 25 6.45 11.48 2.12
C PHE A 25 7.18 12.04 0.90
N ARG A 26 7.27 11.23 -0.15
CA ARG A 26 7.95 11.64 -1.38
C ARG A 26 7.06 12.58 -2.20
N GLN A 27 5.87 12.11 -2.55
CA GLN A 27 4.94 12.91 -3.33
C GLN A 27 3.89 13.54 -2.44
N LYS A 28 3.63 14.83 -2.64
CA LYS A 28 2.64 15.56 -1.86
C LYS A 28 1.37 14.74 -1.69
N GLN A 29 0.94 14.08 -2.78
CA GLN A 29 -0.26 13.26 -2.74
C GLN A 29 -0.30 12.41 -1.48
N LEU A 30 0.80 11.74 -1.20
CA LEU A 30 0.90 10.88 -0.01
C LEU A 30 0.64 11.68 1.26
N LEU A 31 1.40 12.75 1.44
CA LEU A 31 1.26 13.60 2.61
C LEU A 31 -0.14 14.21 2.68
N ASP A 32 -0.76 14.37 1.52
CA ASP A 32 -2.11 14.93 1.44
C ASP A 32 -3.15 13.93 1.92
N MET A 33 -3.08 12.71 1.38
CA MET A 33 -4.03 11.67 1.75
C MET A 33 -3.78 11.19 3.18
N HIS A 34 -2.51 11.25 3.60
CA HIS A 34 -2.14 10.83 4.94
C HIS A 34 -2.87 11.64 6.00
N PHE A 35 -2.92 12.96 5.80
CA PHE A 35 -3.59 13.85 6.73
C PHE A 35 -5.08 13.56 6.79
N LYS A 36 -5.74 13.66 5.63
CA LYS A 36 -7.18 13.40 5.55
C LYS A 36 -7.50 11.96 5.91
N ARG A 37 -6.45 11.15 6.08
CA ARG A 37 -6.61 9.74 6.43
C ARG A 37 -6.49 9.54 7.94
N TYR A 38 -5.31 9.84 8.47
CA TYR A 38 -5.06 9.69 9.90
C TYR A 38 -5.74 10.79 10.70
N HIS A 39 -5.25 12.02 10.53
CA HIS A 39 -5.80 13.17 11.23
C HIS A 39 -7.31 13.27 11.00
N ASP A 40 -7.79 12.61 9.94
CA ASP A 40 -9.21 12.64 9.61
C ASP A 40 -9.71 11.24 9.26
N PRO A 41 -10.63 10.71 10.08
CA PRO A 41 -11.20 9.38 9.88
C PRO A 41 -12.11 9.32 8.66
N ASN A 42 -12.18 10.41 7.92
CA ASN A 42 -13.01 10.48 6.73
C ASN A 42 -12.39 9.67 5.59
N PHE A 43 -11.23 10.11 5.12
CA PHE A 43 -10.53 9.43 4.04
C PHE A 43 -10.09 8.04 4.46
N VAL A 44 -10.32 7.06 3.60
CA VAL A 44 -9.95 5.67 3.89
C VAL A 44 -9.54 4.94 2.62
N PRO A 45 -8.27 4.53 2.55
CA PRO A 45 -7.72 3.80 1.41
C PRO A 45 -8.29 2.39 1.29
N ALA A 46 -8.70 2.03 0.08
CA ALA A 46 -9.26 0.71 -0.17
C ALA A 46 -8.16 -0.36 -0.17
N ALA A 47 -8.14 -1.18 0.87
CA ALA A 47 -7.13 -2.24 0.98
C ALA A 47 -7.80 -3.61 1.05
N PHE A 48 -7.70 -4.36 -0.05
CA PHE A 48 -8.29 -5.69 -0.12
C PHE A 48 -7.24 -6.73 -0.47
N VAL A 49 -6.91 -7.59 0.50
CA VAL A 49 -5.91 -8.63 0.29
C VAL A 49 -6.58 -9.99 0.09
N CYS A 50 -5.97 -10.82 -0.74
CA CYS A 50 -6.50 -12.16 -1.02
C CYS A 50 -6.30 -13.07 0.17
N SER A 51 -7.26 -13.97 0.39
CA SER A 51 -7.20 -14.92 1.50
C SER A 51 -6.68 -16.27 1.03
N LYS A 52 -6.56 -16.43 -0.28
CA LYS A 52 -6.08 -17.68 -0.86
C LYS A 52 -4.56 -17.69 -0.93
N CYS A 53 -3.98 -16.65 -1.52
CA CYS A 53 -2.54 -16.55 -1.65
C CYS A 53 -1.99 -15.44 -0.75
N GLY A 54 -2.64 -14.29 -0.78
CA GLY A 54 -2.20 -13.16 0.04
C GLY A 54 -1.75 -11.98 -0.80
N LYS A 55 -2.37 -11.81 -1.96
CA LYS A 55 -2.03 -10.70 -2.85
C LYS A 55 -2.82 -9.45 -2.50
N THR A 56 -2.17 -8.29 -2.62
CA THR A 56 -2.82 -7.03 -2.31
C THR A 56 -3.47 -6.43 -3.55
N PHE A 57 -4.70 -5.92 -3.38
CA PHE A 57 -5.43 -5.32 -4.48
C PHE A 57 -5.94 -3.93 -4.10
N THR A 58 -5.83 -3.00 -5.04
CA THR A 58 -6.28 -1.63 -4.81
C THR A 58 -7.81 -1.54 -4.75
N ARG A 59 -8.47 -2.34 -5.58
CA ARG A 59 -9.92 -2.36 -5.62
C ARG A 59 -10.46 -3.68 -5.09
N ARG A 60 -11.72 -3.66 -4.64
CA ARG A 60 -12.36 -4.86 -4.11
C ARG A 60 -12.76 -5.81 -5.23
N ASN A 61 -13.67 -5.35 -6.08
CA ASN A 61 -14.15 -6.16 -7.20
C ASN A 61 -13.00 -6.93 -7.85
N THR A 62 -11.96 -6.20 -8.24
CA THR A 62 -10.79 -6.81 -8.87
C THR A 62 -10.27 -7.97 -8.03
N MET A 63 -10.23 -7.79 -6.73
CA MET A 63 -9.75 -8.82 -5.82
C MET A 63 -10.75 -9.97 -5.72
N ALA A 64 -11.97 -9.65 -5.34
CA ALA A 64 -13.02 -10.65 -5.21
C ALA A 64 -13.00 -11.62 -6.39
N ARG A 65 -12.92 -11.07 -7.60
CA ARG A 65 -12.89 -11.88 -8.81
C ARG A 65 -11.62 -12.72 -8.86
N HIS A 66 -10.48 -12.11 -8.51
CA HIS A 66 -9.21 -12.81 -8.53
C HIS A 66 -9.27 -14.07 -7.67
N ALA A 67 -9.88 -13.96 -6.50
CA ALA A 67 -10.00 -15.09 -5.59
C ALA A 67 -10.57 -16.31 -6.31
N ASP A 68 -11.71 -16.14 -6.96
CA ASP A 68 -12.36 -17.22 -7.68
C ASP A 68 -11.34 -18.00 -8.51
N ASN A 69 -10.64 -17.30 -9.39
CA ASN A 69 -9.64 -17.94 -10.25
C ASN A 69 -8.42 -18.34 -9.44
N CYS A 70 -8.28 -17.76 -8.25
CA CYS A 70 -7.16 -18.07 -7.37
C CYS A 70 -7.39 -19.38 -6.62
N ALA A 71 -6.30 -19.98 -6.14
CA ALA A 71 -6.40 -21.23 -5.40
C ALA A 71 -5.58 -21.17 -4.12
N GLY A 72 -4.37 -20.60 -4.22
CA GLY A 72 -3.51 -20.49 -3.06
C GLY A 72 -2.12 -20.00 -3.43
N PRO A 73 -1.18 -20.06 -2.46
CA PRO A 73 0.19 -19.63 -2.66
C PRO A 73 0.96 -20.55 -3.60
N ASP A 74 0.25 -21.49 -4.21
CA ASP A 74 0.88 -22.44 -5.14
C ASP A 74 0.61 -22.03 -6.59
N GLY A 75 1.69 -21.82 -7.34
CA GLY A 75 1.55 -21.43 -8.73
C GLY A 75 2.47 -20.29 -9.10
N VAL A 76 2.19 -19.64 -10.23
CA VAL A 76 3.00 -18.53 -10.70
C VAL A 76 2.48 -17.21 -10.14
N GLU A 77 3.18 -16.12 -10.45
CA GLU A 77 2.78 -14.80 -9.99
C GLU A 77 2.89 -13.76 -11.11
N GLY A 78 2.19 -12.64 -10.94
CA GLY A 78 2.21 -11.60 -11.95
C GLY A 78 2.63 -10.25 -11.38
N GLU A 79 2.68 -9.24 -12.24
CA GLU A 79 3.08 -7.90 -11.81
C GLU A 79 2.06 -6.86 -12.28
N ASN A 80 1.08 -6.57 -11.44
CA ASN A 80 0.05 -5.59 -11.78
C ASN A 80 0.59 -4.18 -11.66
N SER A 81 -0.16 -3.22 -12.19
CA SER A 81 0.24 -1.82 -12.15
C SER A 81 1.49 -1.59 -13.00
N GLY A 82 1.52 -2.19 -14.18
CA GLY A 82 2.67 -2.05 -15.06
C GLY A 82 3.02 -0.59 -15.31
N PRO A 83 3.98 -0.36 -16.22
CA PRO A 83 4.42 0.99 -16.57
C PRO A 83 3.37 1.77 -17.35
N SER A 84 2.82 1.15 -18.38
CA SER A 84 1.80 1.78 -19.21
C SER A 84 2.25 3.17 -19.65
N SER A 85 3.51 3.29 -20.03
CA SER A 85 4.07 4.56 -20.47
C SER A 85 3.23 5.16 -21.59
N GLY A 86 3.13 4.43 -22.70
CA GLY A 86 2.36 4.90 -23.84
C GLY A 86 3.10 5.95 -24.63
ZN ZN B . 0.43 14.13 9.75
ZN ZN C . -5.10 -15.02 -4.48
N GLY A 1 -12.65 0.48 19.06
CA GLY A 1 -11.50 0.41 18.18
C GLY A 1 -11.29 -0.98 17.60
N SER A 2 -10.31 -1.10 16.71
CA SER A 2 -10.02 -2.39 16.07
C SER A 2 -8.54 -2.48 15.71
N SER A 3 -8.08 -3.70 15.46
CA SER A 3 -6.69 -3.93 15.09
C SER A 3 -6.54 -4.13 13.59
N GLY A 4 -6.43 -3.01 12.86
CA GLY A 4 -6.29 -3.09 11.42
C GLY A 4 -4.88 -3.47 11.00
N SER A 5 -4.66 -3.57 9.69
CA SER A 5 -3.36 -3.95 9.15
C SER A 5 -2.31 -2.90 9.49
N SER A 6 -1.75 -3.00 10.68
CA SER A 6 -0.73 -2.06 11.13
C SER A 6 0.20 -1.67 9.99
N GLY A 7 0.77 -0.47 10.07
CA GLY A 7 1.67 -0.01 9.04
C GLY A 7 3.07 0.28 9.56
N ARG A 8 4.08 -0.23 8.87
CA ARG A 8 5.46 -0.04 9.28
C ARG A 8 5.87 1.42 9.10
N THR A 9 6.25 2.06 10.20
CA THR A 9 6.67 3.46 10.17
C THR A 9 8.17 3.57 9.95
N HIS A 10 8.57 4.46 9.05
CA HIS A 10 9.99 4.68 8.76
C HIS A 10 10.18 5.87 7.84
N THR A 11 11.01 6.82 8.27
CA THR A 11 11.28 8.02 7.50
C THR A 11 12.28 7.74 6.37
N GLY A 12 12.61 8.77 5.60
CA GLY A 12 13.55 8.61 4.51
C GLY A 12 13.88 9.93 3.84
N GLU A 13 14.25 9.86 2.57
CA GLU A 13 14.60 11.06 1.81
C GLU A 13 13.37 11.67 1.16
N LYS A 14 12.62 12.45 1.93
CA LYS A 14 11.41 13.09 1.42
C LYS A 14 11.30 14.52 1.93
N PRO A 15 11.13 15.47 1.00
CA PRO A 15 11.00 16.90 1.34
C PRO A 15 9.68 17.21 2.05
N TYR A 16 8.62 16.52 1.64
CA TYR A 16 7.30 16.72 2.23
C TYR A 16 7.23 16.12 3.63
N ALA A 17 7.36 16.96 4.64
CA ALA A 17 7.32 16.51 6.03
C ALA A 17 6.07 17.04 6.73
N CYS A 18 5.15 16.14 7.04
CA CYS A 18 3.91 16.52 7.72
C CYS A 18 4.20 17.36 8.96
N SER A 19 3.33 18.33 9.22
CA SER A 19 3.50 19.21 10.37
C SER A 19 2.93 18.56 11.63
N HIS A 20 1.68 18.13 11.55
CA HIS A 20 1.01 17.50 12.69
C HIS A 20 1.87 16.39 13.26
N CYS A 21 2.53 15.63 12.38
CA CYS A 21 3.38 14.53 12.81
C CYS A 21 4.79 14.67 12.22
N ASP A 22 5.63 13.67 12.46
CA ASP A 22 6.99 13.68 11.95
C ASP A 22 7.14 12.75 10.75
N LYS A 23 6.05 12.56 10.02
CA LYS A 23 6.04 11.69 8.86
C LYS A 23 6.50 12.45 7.61
N THR A 24 6.93 11.72 6.59
CA THR A 24 7.39 12.32 5.35
C THR A 24 6.90 11.53 4.14
N PHE A 25 6.83 12.20 3.00
CA PHE A 25 6.39 11.56 1.76
C PHE A 25 7.08 12.17 0.55
N ARG A 26 7.28 11.35 -0.49
CA ARG A 26 7.94 11.81 -1.70
C ARG A 26 6.99 12.64 -2.55
N GLN A 27 5.76 12.14 -2.71
CA GLN A 27 4.76 12.83 -3.51
C GLN A 27 3.78 13.59 -2.62
N LYS A 28 3.72 14.90 -2.78
CA LYS A 28 2.82 15.73 -1.98
C LYS A 28 1.47 15.04 -1.78
N GLN A 29 0.96 14.44 -2.85
CA GLN A 29 -0.32 13.75 -2.78
C GLN A 29 -0.38 12.81 -1.58
N LEU A 30 0.57 11.89 -1.52
CA LEU A 30 0.63 10.93 -0.42
C LEU A 30 0.51 11.63 0.93
N LEU A 31 1.28 12.70 1.10
CA LEU A 31 1.26 13.48 2.34
C LEU A 31 -0.09 14.15 2.54
N ASP A 32 -0.77 14.44 1.44
CA ASP A 32 -2.08 15.08 1.49
C ASP A 32 -3.15 14.09 1.96
N MET A 33 -3.15 12.90 1.37
CA MET A 33 -4.12 11.87 1.72
C MET A 33 -3.83 11.32 3.11
N HIS A 34 -2.56 11.30 3.49
CA HIS A 34 -2.14 10.78 4.79
C HIS A 34 -2.82 11.56 5.91
N PHE A 35 -2.73 12.89 5.85
CA PHE A 35 -3.34 13.75 6.86
C PHE A 35 -4.84 13.48 6.98
N LYS A 36 -5.53 13.54 5.85
CA LYS A 36 -6.97 13.30 5.82
C LYS A 36 -7.29 11.86 6.16
N ARG A 37 -6.25 11.03 6.28
CA ARG A 37 -6.42 9.62 6.60
C ARG A 37 -6.24 9.38 8.10
N TYR A 38 -5.04 9.67 8.60
CA TYR A 38 -4.74 9.47 10.01
C TYR A 38 -5.39 10.56 10.87
N HIS A 39 -4.94 11.80 10.68
CA HIS A 39 -5.49 12.93 11.43
C HIS A 39 -6.99 13.05 11.21
N ASP A 40 -7.48 12.40 10.16
CA ASP A 40 -8.91 12.44 9.84
C ASP A 40 -9.41 11.06 9.42
N PRO A 41 -10.35 10.50 10.20
CA PRO A 41 -10.93 9.18 9.93
C PRO A 41 -11.82 9.19 8.68
N ASN A 42 -12.00 10.37 8.10
CA ASN A 42 -12.82 10.50 6.90
C ASN A 42 -12.21 9.72 5.74
N PHE A 43 -11.01 10.11 5.33
CA PHE A 43 -10.32 9.45 4.23
C PHE A 43 -9.91 8.03 4.61
N VAL A 44 -10.11 7.09 3.70
CA VAL A 44 -9.77 5.69 3.94
C VAL A 44 -9.43 4.98 2.63
N PRO A 45 -8.18 4.52 2.52
CA PRO A 45 -7.70 3.82 1.33
C PRO A 45 -8.32 2.42 1.19
N ALA A 46 -8.60 2.03 -0.04
CA ALA A 46 -9.20 0.72 -0.32
C ALA A 46 -8.17 -0.39 -0.16
N ALA A 47 -8.31 -1.17 0.91
CA ALA A 47 -7.39 -2.27 1.17
C ALA A 47 -8.14 -3.61 1.22
N PHE A 48 -7.98 -4.41 0.17
CA PHE A 48 -8.64 -5.71 0.10
C PHE A 48 -7.61 -6.82 -0.10
N VAL A 49 -7.38 -7.60 0.95
CA VAL A 49 -6.43 -8.71 0.90
C VAL A 49 -7.13 -10.02 0.60
N CYS A 50 -6.56 -10.80 -0.31
CA CYS A 50 -7.13 -12.09 -0.69
C CYS A 50 -7.38 -12.95 0.55
N SER A 51 -8.01 -14.11 0.34
CA SER A 51 -8.30 -15.02 1.43
C SER A 51 -7.79 -16.42 1.11
N LYS A 52 -7.36 -16.63 -0.12
CA LYS A 52 -6.84 -17.92 -0.56
C LYS A 52 -5.33 -17.98 -0.41
N CYS A 53 -4.66 -16.90 -0.79
CA CYS A 53 -3.21 -16.82 -0.70
C CYS A 53 -2.78 -15.75 0.30
N GLY A 54 -3.37 -14.56 0.19
CA GLY A 54 -3.03 -13.47 1.09
C GLY A 54 -2.44 -12.29 0.36
N LYS A 55 -2.75 -12.16 -0.92
CA LYS A 55 -2.25 -11.06 -1.73
C LYS A 55 -2.97 -9.76 -1.40
N THR A 56 -2.50 -8.66 -1.98
CA THR A 56 -3.11 -7.35 -1.74
C THR A 56 -3.79 -6.82 -3.00
N PHE A 57 -4.91 -6.13 -2.80
CA PHE A 57 -5.65 -5.57 -3.92
C PHE A 57 -6.27 -4.22 -3.54
N THR A 58 -6.10 -3.24 -4.42
CA THR A 58 -6.66 -1.91 -4.17
C THR A 58 -8.02 -1.74 -4.81
N ARG A 59 -8.73 -2.86 -4.97
CA ARG A 59 -10.06 -2.84 -5.58
C ARG A 59 -10.87 -4.06 -5.16
N ARG A 60 -11.98 -3.83 -4.49
CA ARG A 60 -12.84 -4.93 -4.03
C ARG A 60 -13.24 -5.82 -5.20
N ASN A 61 -13.81 -5.20 -6.24
CA ASN A 61 -14.24 -5.95 -7.42
C ASN A 61 -13.12 -6.85 -7.94
N THR A 62 -11.97 -6.25 -8.23
CA THR A 62 -10.82 -6.99 -8.73
C THR A 62 -10.48 -8.16 -7.81
N MET A 63 -10.18 -7.84 -6.55
CA MET A 63 -9.83 -8.87 -5.58
C MET A 63 -10.82 -10.03 -5.64
N ALA A 64 -12.08 -9.75 -5.31
CA ALA A 64 -13.12 -10.77 -5.34
C ALA A 64 -12.99 -11.65 -6.57
N ARG A 65 -12.78 -11.02 -7.73
CA ARG A 65 -12.65 -11.75 -8.99
C ARG A 65 -11.38 -12.60 -8.99
N HIS A 66 -10.29 -12.03 -8.47
CA HIS A 66 -9.01 -12.74 -8.41
C HIS A 66 -9.17 -14.10 -7.72
N ALA A 67 -9.77 -14.08 -6.53
CA ALA A 67 -9.97 -15.30 -5.77
C ALA A 67 -10.49 -16.42 -6.65
N ASP A 68 -11.46 -16.10 -7.51
CA ASP A 68 -12.04 -17.08 -8.41
C ASP A 68 -10.94 -17.85 -9.15
N ASN A 69 -10.04 -17.13 -9.80
CA ASN A 69 -8.95 -17.75 -10.54
C ASN A 69 -7.76 -18.02 -9.63
N CYS A 70 -7.91 -17.70 -8.35
CA CYS A 70 -6.86 -17.91 -7.37
C CYS A 70 -6.83 -19.36 -6.91
N ALA A 71 -5.66 -19.82 -6.49
CA ALA A 71 -5.50 -21.20 -6.02
C ALA A 71 -5.02 -21.22 -4.57
N GLY A 72 -4.00 -20.41 -4.27
CA GLY A 72 -3.47 -20.36 -2.91
C GLY A 72 -2.02 -19.92 -2.89
N PRO A 73 -1.40 -20.01 -1.70
CA PRO A 73 0.00 -19.62 -1.51
C PRO A 73 0.97 -20.58 -2.19
N ASP A 74 0.42 -21.63 -2.80
CA ASP A 74 1.24 -22.62 -3.50
C ASP A 74 1.34 -22.30 -4.98
N GLY A 75 2.55 -22.09 -5.46
CA GLY A 75 2.76 -21.78 -6.86
C GLY A 75 3.24 -20.35 -7.08
N VAL A 76 3.70 -20.06 -8.28
CA VAL A 76 4.19 -18.72 -8.61
C VAL A 76 3.20 -17.99 -9.51
N GLU A 77 2.78 -16.80 -9.07
CA GLU A 77 1.84 -15.99 -9.83
C GLU A 77 2.45 -15.54 -11.15
N GLY A 78 1.63 -14.92 -12.00
CA GLY A 78 2.10 -14.45 -13.28
C GLY A 78 1.00 -14.34 -14.31
N GLU A 79 0.81 -13.13 -14.84
CA GLU A 79 -0.24 -12.90 -15.84
C GLU A 79 0.27 -11.97 -16.94
N ASN A 80 -0.12 -12.26 -18.17
CA ASN A 80 0.29 -11.46 -19.32
C ASN A 80 -0.75 -11.51 -20.43
N SER A 81 -0.87 -10.42 -21.18
CA SER A 81 -1.84 -10.35 -22.27
C SER A 81 -1.58 -9.11 -23.14
N GLY A 82 -2.28 -9.04 -24.27
CA GLY A 82 -2.11 -7.91 -25.16
C GLY A 82 -3.04 -7.99 -26.37
N PRO A 83 -2.85 -9.02 -27.20
CA PRO A 83 -3.66 -9.22 -28.40
C PRO A 83 -5.09 -9.62 -28.07
N SER A 84 -5.89 -9.84 -29.10
CA SER A 84 -7.28 -10.23 -28.92
C SER A 84 -7.42 -11.74 -28.75
N SER A 85 -6.94 -12.49 -29.73
CA SER A 85 -7.00 -13.94 -29.69
C SER A 85 -6.07 -14.49 -28.62
N GLY A 86 -6.52 -15.52 -27.91
CA GLY A 86 -5.71 -16.12 -26.86
C GLY A 86 -6.29 -15.92 -25.48
ZN ZN B . 0.63 13.74 9.66
ZN ZN C . -5.28 -15.06 -3.82
N GLY A 1 1.68 -9.93 13.26
CA GLY A 1 0.77 -11.00 12.86
C GLY A 1 0.78 -11.24 11.37
N SER A 2 1.25 -12.41 10.96
CA SER A 2 1.31 -12.76 9.55
C SER A 2 1.97 -11.65 8.73
N SER A 3 3.11 -11.17 9.22
CA SER A 3 3.84 -10.09 8.55
C SER A 3 5.27 -10.52 8.23
N GLY A 4 5.69 -10.26 7.00
CA GLY A 4 7.04 -10.62 6.58
C GLY A 4 8.10 -10.04 7.49
N SER A 5 8.86 -10.91 8.14
CA SER A 5 9.92 -10.48 9.05
C SER A 5 10.99 -9.70 8.29
N SER A 6 11.45 -10.25 7.18
CA SER A 6 12.48 -9.61 6.37
C SER A 6 11.93 -8.37 5.68
N GLY A 7 12.83 -7.45 5.31
CA GLY A 7 12.41 -6.22 4.65
C GLY A 7 13.38 -5.09 4.87
N ARG A 8 14.67 -5.37 4.72
CA ARG A 8 15.71 -4.36 4.92
C ARG A 8 15.44 -3.14 4.04
N THR A 9 14.96 -2.06 4.66
CA THR A 9 14.67 -0.84 3.94
C THR A 9 15.23 0.39 4.66
N HIS A 10 15.43 1.47 3.92
CA HIS A 10 15.96 2.70 4.49
C HIS A 10 15.21 3.92 3.97
N THR A 11 14.46 4.58 4.85
CA THR A 11 13.69 5.75 4.46
C THR A 11 14.43 6.58 3.42
N GLY A 12 13.86 6.65 2.22
CA GLY A 12 14.48 7.42 1.15
C GLY A 12 14.35 8.92 1.36
N GLU A 13 14.25 9.66 0.25
CA GLU A 13 14.12 11.10 0.32
C GLU A 13 12.66 11.53 0.19
N LYS A 14 12.16 12.24 1.20
CA LYS A 14 10.78 12.70 1.19
C LYS A 14 10.72 14.23 1.28
N PRO A 15 10.59 14.87 0.11
CA PRO A 15 10.51 16.34 0.03
C PRO A 15 9.21 16.88 0.58
N TYR A 16 8.22 16.00 0.75
CA TYR A 16 6.93 16.41 1.27
C TYR A 16 6.86 16.17 2.78
N ALA A 17 6.90 17.27 3.54
CA ALA A 17 6.83 17.18 5.00
C ALA A 17 5.54 17.80 5.53
N CYS A 18 4.73 16.98 6.20
CA CYS A 18 3.47 17.45 6.76
C CYS A 18 3.71 18.59 7.76
N SER A 19 2.78 19.55 7.78
CA SER A 19 2.89 20.67 8.70
C SER A 19 2.24 20.36 10.04
N HIS A 20 1.04 19.78 10.00
CA HIS A 20 0.32 19.42 11.21
C HIS A 20 1.16 18.50 12.10
N CYS A 21 1.77 17.49 11.47
CA CYS A 21 2.61 16.54 12.20
C CYS A 21 4.02 16.52 11.64
N ASP A 22 4.86 15.64 12.18
CA ASP A 22 6.24 15.51 11.75
C ASP A 22 6.43 14.29 10.86
N LYS A 23 5.62 14.20 9.81
CA LYS A 23 5.69 13.07 8.89
C LYS A 23 6.14 13.53 7.50
N THR A 24 6.76 12.62 6.76
CA THR A 24 7.25 12.93 5.42
C THR A 24 6.82 11.87 4.42
N PHE A 25 6.77 12.24 3.14
CA PHE A 25 6.38 11.32 2.09
C PHE A 25 7.08 11.67 0.78
N ARG A 26 7.53 10.64 0.07
CA ARG A 26 8.22 10.82 -1.21
C ARG A 26 7.25 11.28 -2.29
N GLN A 27 5.97 10.95 -2.10
CA GLN A 27 4.94 11.31 -3.07
C GLN A 27 3.88 12.20 -2.42
N LYS A 28 3.48 13.25 -3.11
CA LYS A 28 2.47 14.17 -2.61
C LYS A 28 1.19 13.42 -2.22
N GLN A 29 0.72 12.58 -3.13
CA GLN A 29 -0.49 11.80 -2.89
C GLN A 29 -0.48 11.20 -1.48
N LEU A 30 0.65 10.64 -1.09
CA LEU A 30 0.81 10.03 0.22
C LEU A 30 0.54 11.05 1.32
N LEU A 31 1.18 12.21 1.22
CA LEU A 31 1.03 13.26 2.21
C LEU A 31 -0.38 13.87 2.13
N ASP A 32 -1.06 13.61 1.02
CA ASP A 32 -2.42 14.13 0.83
C ASP A 32 -3.45 13.22 1.49
N MET A 33 -3.25 11.91 1.35
CA MET A 33 -4.17 10.94 1.94
C MET A 33 -3.87 10.73 3.42
N HIS A 34 -2.60 10.93 3.79
CA HIS A 34 -2.19 10.76 5.18
C HIS A 34 -2.93 11.74 6.09
N PHE A 35 -3.10 12.96 5.61
CA PHE A 35 -3.80 13.99 6.39
C PHE A 35 -5.28 13.67 6.51
N LYS A 36 -5.95 13.57 5.37
CA LYS A 36 -7.38 13.27 5.35
C LYS A 36 -7.66 11.90 5.99
N ARG A 37 -6.59 11.16 6.27
CA ARG A 37 -6.71 9.85 6.88
C ARG A 37 -6.51 9.93 8.38
N TYR A 38 -5.32 10.36 8.80
CA TYR A 38 -5.01 10.48 10.21
C TYR A 38 -5.70 11.69 10.84
N HIS A 39 -5.35 12.88 10.35
CA HIS A 39 -5.94 14.12 10.85
C HIS A 39 -7.45 14.13 10.63
N ASP A 40 -7.94 13.15 9.87
CA ASP A 40 -9.36 13.05 9.58
C ASP A 40 -9.78 11.60 9.39
N PRO A 41 -10.67 11.12 10.26
CA PRO A 41 -11.17 9.73 10.20
C PRO A 41 -12.06 9.49 8.99
N ASN A 42 -12.21 10.51 8.15
CA ASN A 42 -13.04 10.40 6.96
C ASN A 42 -12.41 9.46 5.94
N PHE A 43 -11.22 9.82 5.46
CA PHE A 43 -10.52 9.02 4.48
C PHE A 43 -10.09 7.68 5.09
N VAL A 44 -10.45 6.59 4.41
CA VAL A 44 -10.10 5.25 4.89
C VAL A 44 -9.56 4.39 3.75
N PRO A 45 -8.32 3.90 3.91
CA PRO A 45 -7.67 3.05 2.91
C PRO A 45 -8.31 1.68 2.81
N ALA A 46 -8.66 1.28 1.59
CA ALA A 46 -9.28 -0.02 1.35
C ALA A 46 -8.25 -1.14 1.43
N ALA A 47 -8.32 -1.94 2.49
CA ALA A 47 -7.40 -3.05 2.67
C ALA A 47 -8.10 -4.38 2.48
N PHE A 48 -7.84 -5.02 1.34
CA PHE A 48 -8.45 -6.31 1.02
C PHE A 48 -7.39 -7.33 0.62
N VAL A 49 -7.23 -8.36 1.45
CA VAL A 49 -6.26 -9.41 1.19
C VAL A 49 -6.93 -10.68 0.68
N CYS A 50 -6.28 -11.35 -0.27
CA CYS A 50 -6.82 -12.58 -0.84
C CYS A 50 -6.76 -13.71 0.17
N SER A 51 -7.94 -14.13 0.64
CA SER A 51 -8.03 -15.20 1.62
C SER A 51 -7.66 -16.54 0.99
N LYS A 52 -7.38 -16.52 -0.31
CA LYS A 52 -7.00 -17.72 -1.03
C LYS A 52 -5.48 -17.91 -1.03
N CYS A 53 -4.77 -16.91 -1.52
CA CYS A 53 -3.31 -16.97 -1.57
C CYS A 53 -2.70 -16.15 -0.44
N GLY A 54 -3.18 -14.92 -0.28
CA GLY A 54 -2.66 -14.05 0.75
C GLY A 54 -2.03 -12.79 0.20
N LYS A 55 -2.54 -12.32 -0.94
CA LYS A 55 -2.02 -11.12 -1.58
C LYS A 55 -2.77 -9.88 -1.10
N THR A 56 -2.08 -8.74 -1.08
CA THR A 56 -2.69 -7.49 -0.65
C THR A 56 -3.14 -6.66 -1.84
N PHE A 57 -4.41 -6.27 -1.83
CA PHE A 57 -4.97 -5.47 -2.91
C PHE A 57 -5.39 -4.08 -2.41
N THR A 58 -5.67 -3.19 -3.34
CA THR A 58 -6.07 -1.83 -3.00
C THR A 58 -7.58 -1.67 -3.07
N ARG A 59 -8.20 -2.33 -4.04
CA ARG A 59 -9.64 -2.27 -4.23
C ARG A 59 -10.29 -3.63 -3.97
N ARG A 60 -11.54 -3.61 -3.53
CA ARG A 60 -12.27 -4.84 -3.24
C ARG A 60 -12.70 -5.53 -4.53
N ASN A 61 -13.43 -4.80 -5.37
CA ASN A 61 -13.91 -5.35 -6.64
C ASN A 61 -12.78 -6.04 -7.40
N THR A 62 -11.63 -5.36 -7.49
CA THR A 62 -10.48 -5.92 -8.20
C THR A 62 -10.07 -7.25 -7.60
N MET A 63 -9.97 -7.31 -6.28
CA MET A 63 -9.59 -8.55 -5.59
C MET A 63 -10.62 -9.64 -5.83
N ALA A 64 -11.88 -9.35 -5.53
CA ALA A 64 -12.96 -10.31 -5.72
C ALA A 64 -12.81 -11.06 -7.04
N ARG A 65 -12.62 -10.30 -8.13
CA ARG A 65 -12.46 -10.90 -9.45
C ARG A 65 -11.22 -11.78 -9.50
N HIS A 66 -10.13 -11.29 -8.92
CA HIS A 66 -8.87 -12.02 -8.91
C HIS A 66 -9.03 -13.36 -8.17
N ALA A 67 -9.74 -13.33 -7.05
CA ALA A 67 -9.96 -14.53 -6.25
C ALA A 67 -10.60 -15.63 -7.10
N ASP A 68 -11.46 -15.24 -8.04
CA ASP A 68 -12.12 -16.19 -8.91
C ASP A 68 -11.10 -17.01 -9.69
N ASN A 69 -10.20 -16.32 -10.37
CA ASN A 69 -9.17 -16.98 -11.17
C ASN A 69 -8.00 -17.43 -10.28
N CYS A 70 -8.11 -17.16 -8.99
CA CYS A 70 -7.06 -17.53 -8.04
C CYS A 70 -7.19 -19.00 -7.64
N ALA A 71 -6.06 -19.60 -7.26
CA ALA A 71 -6.04 -20.99 -6.86
C ALA A 71 -5.48 -21.14 -5.44
N GLY A 72 -4.59 -20.23 -5.06
CA GLY A 72 -3.99 -20.28 -3.74
C GLY A 72 -2.61 -19.69 -3.71
N PRO A 73 -1.85 -19.97 -2.63
CA PRO A 73 -0.49 -19.47 -2.45
C PRO A 73 0.49 -20.10 -3.43
N ASP A 74 0.65 -19.50 -4.60
CA ASP A 74 1.56 -20.00 -5.61
C ASP A 74 2.70 -19.03 -5.86
N GLY A 75 3.73 -19.10 -5.03
CA GLY A 75 4.87 -18.21 -5.18
C GLY A 75 5.27 -17.55 -3.88
N VAL A 76 5.59 -16.26 -3.94
CA VAL A 76 5.98 -15.50 -2.76
C VAL A 76 5.74 -14.01 -2.94
N GLU A 77 5.27 -13.36 -1.88
CA GLU A 77 4.99 -11.94 -1.93
C GLU A 77 4.58 -11.41 -0.56
N GLY A 78 5.37 -10.49 -0.02
CA GLY A 78 5.07 -9.92 1.28
C GLY A 78 4.46 -8.54 1.19
N GLU A 79 5.07 -7.57 1.87
CA GLU A 79 4.57 -6.20 1.87
C GLU A 79 5.69 -5.21 1.56
N ASN A 80 5.44 -4.29 0.64
CA ASN A 80 6.43 -3.29 0.26
C ASN A 80 6.23 -2.01 1.04
N SER A 81 7.33 -1.37 1.42
CA SER A 81 7.28 -0.13 2.18
C SER A 81 6.15 -0.16 3.20
N GLY A 82 6.02 -1.29 3.89
CA GLY A 82 4.97 -1.43 4.89
C GLY A 82 5.25 -0.61 6.13
N PRO A 83 5.28 -1.28 7.29
CA PRO A 83 5.53 -0.63 8.58
C PRO A 83 6.97 -0.13 8.71
N SER A 84 7.23 0.63 9.77
CA SER A 84 8.57 1.17 10.01
C SER A 84 9.04 0.83 11.42
N SER A 85 10.29 1.18 11.71
CA SER A 85 10.87 0.91 13.02
C SER A 85 10.07 1.61 14.12
N GLY A 86 10.03 2.93 14.07
CA GLY A 86 9.31 3.70 15.07
C GLY A 86 8.51 4.83 14.46
ZN ZN B . 0.27 14.93 9.22
ZN ZN C . -5.28 -14.79 -4.68
N GLY A 1 -11.19 -5.67 14.81
CA GLY A 1 -10.22 -4.68 15.27
C GLY A 1 -8.81 -5.02 14.82
N SER A 2 -7.94 -4.02 14.83
CA SER A 2 -6.56 -4.20 14.42
C SER A 2 -5.64 -4.36 15.64
N SER A 3 -5.28 -5.60 15.94
CA SER A 3 -4.41 -5.89 17.07
C SER A 3 -2.94 -5.74 16.69
N GLY A 4 -2.63 -5.99 15.43
CA GLY A 4 -1.26 -5.86 14.96
C GLY A 4 -1.03 -4.58 14.18
N SER A 5 0.19 -4.41 13.68
CA SER A 5 0.55 -3.22 12.92
C SER A 5 0.68 -3.54 11.43
N SER A 6 -0.08 -2.81 10.61
CA SER A 6 -0.05 -3.02 9.17
C SER A 6 0.59 -1.83 8.46
N GLY A 7 1.82 -2.02 8.00
CA GLY A 7 2.53 -0.96 7.30
C GLY A 7 3.73 -0.47 8.08
N ARG A 8 4.92 -0.72 7.55
CA ARG A 8 6.15 -0.31 8.20
C ARG A 8 6.60 1.07 7.70
N THR A 9 7.10 1.89 8.62
CA THR A 9 7.57 3.23 8.26
C THR A 9 9.08 3.34 8.39
N HIS A 10 9.72 3.82 7.34
CA HIS A 10 11.17 3.98 7.33
C HIS A 10 11.57 5.31 6.70
N THR A 11 12.03 6.24 7.53
CA THR A 11 12.45 7.56 7.05
C THR A 11 13.68 7.45 6.16
N GLY A 12 13.91 8.49 5.37
CA GLY A 12 15.07 8.50 4.48
C GLY A 12 15.29 9.86 3.84
N GLU A 13 14.57 10.13 2.76
CA GLU A 13 14.70 11.40 2.05
C GLU A 13 13.38 11.78 1.39
N LYS A 14 12.70 12.76 1.98
CA LYS A 14 11.42 13.23 1.45
C LYS A 14 11.24 14.73 1.72
N PRO A 15 11.03 15.50 0.65
CA PRO A 15 10.84 16.95 0.74
C PRO A 15 9.50 17.31 1.39
N TYR A 16 8.47 16.55 1.07
CA TYR A 16 7.13 16.79 1.60
C TYR A 16 7.06 16.37 3.07
N ALA A 17 7.19 17.35 3.96
CA ALA A 17 7.12 17.09 5.40
C ALA A 17 5.88 17.72 6.02
N CYS A 18 4.95 16.88 6.46
CA CYS A 18 3.72 17.36 7.08
C CYS A 18 4.02 18.44 8.11
N SER A 19 3.19 19.48 8.13
CA SER A 19 3.37 20.59 9.06
C SER A 19 2.76 20.24 10.42
N HIS A 20 1.56 19.68 10.40
CA HIS A 20 0.87 19.31 11.63
C HIS A 20 1.72 18.35 12.46
N CYS A 21 2.31 17.36 11.80
CA CYS A 21 3.15 16.38 12.47
C CYS A 21 4.55 16.35 11.88
N ASP A 22 5.39 15.49 12.41
CA ASP A 22 6.77 15.37 11.93
C ASP A 22 6.91 14.17 10.98
N LYS A 23 6.03 14.11 10.00
CA LYS A 23 6.05 13.02 9.03
C LYS A 23 6.43 13.54 7.64
N THR A 24 7.13 12.69 6.87
CA THR A 24 7.54 13.07 5.53
C THR A 24 7.05 12.06 4.50
N PHE A 25 6.98 12.48 3.24
CA PHE A 25 6.54 11.61 2.16
C PHE A 25 7.21 11.98 0.84
N ARG A 26 7.40 10.99 -0.01
CA ARG A 26 8.05 11.20 -1.30
C ARG A 26 7.16 12.08 -2.20
N GLN A 27 5.94 11.64 -2.43
CA GLN A 27 5.01 12.37 -3.27
C GLN A 27 3.96 13.09 -2.42
N LYS A 28 3.62 14.31 -2.82
CA LYS A 28 2.64 15.10 -2.10
C LYS A 28 1.37 14.29 -1.82
N GLN A 29 0.98 13.48 -2.80
CA GLN A 29 -0.21 12.64 -2.67
C GLN A 29 -0.22 11.93 -1.32
N LEU A 30 0.88 11.27 -1.00
CA LEU A 30 1.00 10.53 0.25
C LEU A 30 0.76 11.46 1.44
N LEU A 31 1.47 12.58 1.47
CA LEU A 31 1.33 13.55 2.55
C LEU A 31 -0.08 14.12 2.59
N ASP A 32 -0.74 14.12 1.43
CA ASP A 32 -2.10 14.64 1.34
C ASP A 32 -3.10 13.67 1.95
N MET A 33 -3.02 12.40 1.55
CA MET A 33 -3.91 11.38 2.06
C MET A 33 -3.61 11.08 3.52
N HIS A 34 -2.36 11.28 3.92
CA HIS A 34 -1.95 11.04 5.30
C HIS A 34 -2.67 11.97 6.27
N PHE A 35 -2.79 13.23 5.87
CA PHE A 35 -3.46 14.24 6.70
C PHE A 35 -4.95 13.93 6.83
N LYS A 36 -5.63 13.85 5.68
CA LYS A 36 -7.05 13.57 5.66
C LYS A 36 -7.35 12.17 6.21
N ARG A 37 -6.28 11.41 6.45
CA ARG A 37 -6.42 10.05 6.97
C ARG A 37 -6.25 10.03 8.49
N TYR A 38 -5.06 10.41 8.93
CA TYR A 38 -4.75 10.43 10.36
C TYR A 38 -5.45 11.61 11.06
N HIS A 39 -5.02 12.82 10.72
CA HIS A 39 -5.60 14.02 11.30
C HIS A 39 -7.11 14.06 11.08
N ASP A 40 -7.59 13.20 10.18
CA ASP A 40 -9.01 13.13 9.88
C ASP A 40 -9.45 11.69 9.61
N PRO A 41 -10.30 11.15 10.48
CA PRO A 41 -10.81 9.78 10.35
C PRO A 41 -11.76 9.63 9.18
N ASN A 42 -11.93 10.70 8.41
CA ASN A 42 -12.82 10.68 7.25
C ASN A 42 -12.23 9.83 6.13
N PHE A 43 -11.08 10.25 5.61
CA PHE A 43 -10.43 9.52 4.54
C PHE A 43 -10.09 8.10 4.97
N VAL A 44 -10.26 7.15 4.06
CA VAL A 44 -9.98 5.75 4.34
C VAL A 44 -9.59 5.00 3.06
N PRO A 45 -8.35 4.51 3.02
CA PRO A 45 -7.82 3.75 1.88
C PRO A 45 -8.48 2.39 1.73
N ALA A 46 -8.77 2.00 0.49
CA ALA A 46 -9.38 0.71 0.21
C ALA A 46 -8.39 -0.43 0.38
N ALA A 47 -8.57 -1.21 1.43
CA ALA A 47 -7.69 -2.34 1.72
C ALA A 47 -8.43 -3.67 1.59
N PHE A 48 -8.19 -4.38 0.50
CA PHE A 48 -8.84 -5.66 0.26
C PHE A 48 -7.80 -6.74 -0.09
N VAL A 49 -7.44 -7.55 0.89
CA VAL A 49 -6.46 -8.61 0.68
C VAL A 49 -7.16 -9.94 0.40
N CYS A 50 -6.65 -10.66 -0.59
CA CYS A 50 -7.22 -11.96 -0.97
C CYS A 50 -7.42 -12.84 0.26
N SER A 51 -8.02 -14.00 0.06
CA SER A 51 -8.28 -14.93 1.15
C SER A 51 -7.75 -16.32 0.81
N LYS A 52 -7.36 -16.51 -0.44
CA LYS A 52 -6.83 -17.79 -0.91
C LYS A 52 -5.31 -17.82 -0.83
N CYS A 53 -4.69 -16.74 -1.29
CA CYS A 53 -3.23 -16.64 -1.28
C CYS A 53 -2.77 -15.61 -0.26
N GLY A 54 -3.38 -14.43 -0.29
CA GLY A 54 -3.03 -13.38 0.63
C GLY A 54 -2.38 -12.20 -0.06
N LYS A 55 -2.90 -11.85 -1.23
CA LYS A 55 -2.37 -10.72 -1.99
C LYS A 55 -3.14 -9.44 -1.70
N THR A 56 -2.47 -8.30 -1.85
CA THR A 56 -3.10 -7.01 -1.60
C THR A 56 -3.68 -6.42 -2.87
N PHE A 57 -4.91 -5.91 -2.78
CA PHE A 57 -5.58 -5.31 -3.93
C PHE A 57 -6.04 -3.90 -3.62
N THR A 58 -6.33 -3.13 -4.66
CA THR A 58 -6.79 -1.75 -4.50
C THR A 58 -8.31 -1.67 -4.49
N ARG A 59 -8.95 -2.49 -5.32
CA ARG A 59 -10.40 -2.52 -5.39
C ARG A 59 -10.96 -3.85 -4.91
N ARG A 60 -12.20 -3.83 -4.44
CA ARG A 60 -12.84 -5.04 -3.94
C ARG A 60 -13.13 -6.01 -5.07
N ASN A 61 -13.96 -5.57 -6.01
CA ASN A 61 -14.32 -6.40 -7.15
C ASN A 61 -13.10 -7.10 -7.74
N THR A 62 -12.08 -6.32 -8.08
CA THR A 62 -10.84 -6.85 -8.64
C THR A 62 -10.35 -8.05 -7.82
N MET A 63 -10.28 -7.87 -6.51
CA MET A 63 -9.82 -8.94 -5.62
C MET A 63 -10.78 -10.12 -5.65
N ALA A 64 -12.05 -9.86 -5.42
CA ALA A 64 -13.07 -10.90 -5.42
C ALA A 64 -12.95 -11.78 -6.66
N ARG A 65 -12.92 -11.14 -7.82
CA ARG A 65 -12.81 -11.86 -9.09
C ARG A 65 -11.52 -12.70 -9.12
N HIS A 66 -10.41 -12.07 -8.77
CA HIS A 66 -9.12 -12.76 -8.76
C HIS A 66 -9.23 -14.11 -8.05
N ALA A 67 -9.90 -14.11 -6.90
CA ALA A 67 -10.07 -15.34 -6.13
C ALA A 67 -10.53 -16.48 -7.02
N ASP A 68 -11.54 -16.22 -7.84
CA ASP A 68 -12.08 -17.23 -8.74
C ASP A 68 -10.96 -17.92 -9.51
N ASN A 69 -10.04 -17.12 -10.04
CA ASN A 69 -8.91 -17.65 -10.81
C ASN A 69 -7.69 -17.84 -9.93
N CYS A 70 -7.85 -17.55 -8.64
CA CYS A 70 -6.76 -17.69 -7.68
C CYS A 70 -6.58 -19.15 -7.26
N ALA A 71 -5.32 -19.58 -7.14
CA ALA A 71 -5.02 -20.94 -6.74
C ALA A 71 -4.17 -20.97 -5.48
N GLY A 72 -4.53 -20.15 -4.51
CA GLY A 72 -3.78 -20.10 -3.27
C GLY A 72 -2.44 -19.41 -3.43
N PRO A 73 -1.61 -19.47 -2.37
CA PRO A 73 -0.29 -18.85 -2.37
C PRO A 73 0.69 -19.58 -3.29
N ASP A 74 0.71 -19.18 -4.56
CA ASP A 74 1.60 -19.80 -5.54
C ASP A 74 3.06 -19.50 -5.21
N GLY A 75 3.40 -18.21 -5.14
CA GLY A 75 4.77 -17.82 -4.85
C GLY A 75 5.48 -17.25 -6.05
N VAL A 76 5.95 -16.01 -5.92
CA VAL A 76 6.66 -15.34 -7.01
C VAL A 76 7.32 -14.05 -6.52
N GLU A 77 8.58 -13.87 -6.88
CA GLU A 77 9.33 -12.68 -6.49
C GLU A 77 8.41 -11.46 -6.46
N GLY A 78 7.63 -11.29 -7.52
CA GLY A 78 6.72 -10.15 -7.60
C GLY A 78 7.34 -8.98 -8.33
N GLU A 79 6.90 -8.75 -9.55
CA GLU A 79 7.41 -7.64 -10.36
C GLU A 79 6.29 -6.66 -10.71
N ASN A 80 6.55 -5.37 -10.48
CA ASN A 80 5.57 -4.33 -10.75
C ASN A 80 5.41 -4.13 -12.26
N SER A 81 4.18 -3.88 -12.68
CA SER A 81 3.89 -3.67 -14.09
C SER A 81 3.49 -2.22 -14.37
N GLY A 82 4.44 -1.46 -14.91
CA GLY A 82 4.17 -0.06 -15.21
C GLY A 82 2.83 0.14 -15.90
N PRO A 83 2.20 1.29 -15.64
CA PRO A 83 0.90 1.63 -16.24
C PRO A 83 1.00 1.91 -17.73
N SER A 84 -0.08 1.62 -18.46
CA SER A 84 -0.11 1.83 -19.90
C SER A 84 -1.53 1.81 -20.42
N SER A 85 -2.01 2.95 -20.91
CA SER A 85 -3.36 3.06 -21.44
C SER A 85 -4.39 2.67 -20.38
N GLY A 86 -4.17 3.13 -19.15
CA GLY A 86 -5.08 2.82 -18.07
C GLY A 86 -6.52 3.17 -18.40
ZN ZN B . 0.54 14.92 9.54
ZN ZN C . -5.38 -14.70 -4.32
N GLY A 1 -2.36 -4.35 10.18
CA GLY A 1 -2.05 -4.42 8.76
C GLY A 1 -1.96 -5.85 8.27
N SER A 2 -0.93 -6.13 7.46
CA SER A 2 -0.73 -7.46 6.92
C SER A 2 0.74 -7.71 6.61
N SER A 3 1.13 -8.99 6.63
CA SER A 3 2.52 -9.36 6.35
C SER A 3 2.88 -9.09 4.90
N GLY A 4 3.33 -7.88 4.61
CA GLY A 4 3.70 -7.52 3.26
C GLY A 4 5.11 -7.97 2.90
N SER A 5 5.64 -7.41 1.83
CA SER A 5 6.99 -7.76 1.37
C SER A 5 8.01 -6.72 1.85
N SER A 6 9.12 -7.20 2.41
CA SER A 6 10.16 -6.32 2.91
C SER A 6 10.47 -5.22 1.91
N GLY A 7 9.95 -4.03 2.17
CA GLY A 7 10.17 -2.90 1.28
C GLY A 7 11.64 -2.55 1.15
N ARG A 8 12.18 -2.67 -0.06
CA ARG A 8 13.58 -2.35 -0.31
C ARG A 8 13.89 -0.90 0.05
N THR A 9 14.57 -0.70 1.18
CA THR A 9 14.93 0.64 1.62
C THR A 9 16.16 1.15 0.88
N HIS A 10 15.96 2.14 0.03
CA HIS A 10 17.06 2.73 -0.73
C HIS A 10 17.10 4.25 -0.55
N THR A 11 18.24 4.85 -0.90
CA THR A 11 18.41 6.28 -0.77
C THR A 11 17.17 7.03 -1.24
N GLY A 12 16.86 8.14 -0.57
CA GLY A 12 15.70 8.92 -0.94
C GLY A 12 15.18 9.77 0.21
N GLU A 13 15.18 11.08 0.04
CA GLU A 13 14.71 11.99 1.07
C GLU A 13 13.30 12.49 0.76
N LYS A 14 12.62 13.00 1.78
CA LYS A 14 11.26 13.51 1.62
C LYS A 14 11.17 14.97 2.06
N PRO A 15 11.04 15.88 1.07
CA PRO A 15 10.93 17.32 1.34
C PRO A 15 9.61 17.69 2.01
N TYR A 16 8.54 17.00 1.63
CA TYR A 16 7.23 17.26 2.18
C TYR A 16 7.10 16.67 3.58
N ALA A 17 7.26 17.51 4.60
CA ALA A 17 7.16 17.08 5.98
C ALA A 17 5.88 17.61 6.64
N CYS A 18 5.04 16.70 7.12
CA CYS A 18 3.80 17.08 7.76
C CYS A 18 4.05 18.01 8.94
N SER A 19 3.12 18.93 9.18
CA SER A 19 3.25 19.88 10.28
C SER A 19 2.59 19.35 11.54
N HIS A 20 1.45 18.67 11.37
CA HIS A 20 0.73 18.10 12.50
C HIS A 20 1.58 17.06 13.23
N CYS A 21 2.24 16.20 12.48
CA CYS A 21 3.08 15.16 13.06
C CYS A 21 4.50 15.23 12.48
N ASP A 22 5.33 14.27 12.86
CA ASP A 22 6.71 14.22 12.39
C ASP A 22 6.84 13.21 11.25
N LYS A 23 5.97 13.33 10.25
CA LYS A 23 6.00 12.44 9.10
C LYS A 23 6.46 13.17 7.84
N THR A 24 7.10 12.45 6.94
CA THR A 24 7.59 13.03 5.69
C THR A 24 7.16 12.21 4.49
N PHE A 25 7.10 12.84 3.33
CA PHE A 25 6.71 12.17 2.10
C PHE A 25 7.40 12.78 0.89
N ARG A 26 7.62 11.96 -0.13
CA ARG A 26 8.28 12.41 -1.35
C ARG A 26 7.31 13.17 -2.24
N GLN A 27 6.13 12.60 -2.45
CA GLN A 27 5.11 13.23 -3.28
C GLN A 27 4.05 13.90 -2.43
N LYS A 28 3.80 15.18 -2.69
CA LYS A 28 2.80 15.93 -1.95
C LYS A 28 1.53 15.12 -1.76
N GLN A 29 1.09 14.47 -2.82
CA GLN A 29 -0.12 13.65 -2.77
C GLN A 29 -0.13 12.77 -1.52
N LEU A 30 0.99 12.11 -1.27
CA LEU A 30 1.11 11.24 -0.10
C LEU A 30 0.81 12.00 1.18
N LEU A 31 1.58 13.05 1.43
CA LEU A 31 1.38 13.87 2.63
C LEU A 31 -0.04 14.42 2.70
N ASP A 32 -0.67 14.56 1.54
CA ASP A 32 -2.03 15.08 1.47
C ASP A 32 -3.03 14.02 1.94
N MET A 33 -2.93 12.82 1.39
CA MET A 33 -3.81 11.73 1.75
C MET A 33 -3.53 11.25 3.17
N HIS A 34 -2.27 11.36 3.59
CA HIS A 34 -1.87 10.94 4.93
C HIS A 34 -2.63 11.72 6.00
N PHE A 35 -2.77 13.03 5.78
CA PHE A 35 -3.47 13.88 6.73
C PHE A 35 -4.95 13.50 6.81
N LYS A 36 -5.63 13.55 5.67
CA LYS A 36 -7.04 13.22 5.61
C LYS A 36 -7.28 11.77 6.00
N ARG A 37 -6.19 11.01 6.17
CA ARG A 37 -6.27 9.61 6.53
C ARG A 37 -6.16 9.44 8.05
N TYR A 38 -5.02 9.85 8.59
CA TYR A 38 -4.77 9.75 10.02
C TYR A 38 -5.44 10.89 10.79
N HIS A 39 -4.96 12.11 10.56
CA HIS A 39 -5.53 13.28 11.22
C HIS A 39 -7.02 13.39 10.94
N ASP A 40 -7.49 12.67 9.93
CA ASP A 40 -8.90 12.68 9.57
C ASP A 40 -9.41 11.28 9.27
N PRO A 41 -10.41 10.83 10.05
CA PRO A 41 -11.00 9.50 9.89
C PRO A 41 -11.81 9.38 8.60
N ASN A 42 -11.89 10.46 7.85
CA ASN A 42 -12.63 10.48 6.60
C ASN A 42 -11.98 9.57 5.56
N PHE A 43 -10.80 9.97 5.10
CA PHE A 43 -10.07 9.20 4.10
C PHE A 43 -9.75 7.80 4.63
N VAL A 44 -10.10 6.78 3.85
CA VAL A 44 -9.85 5.40 4.24
C VAL A 44 -9.25 4.61 3.08
N PRO A 45 -8.04 4.08 3.30
CA PRO A 45 -7.33 3.28 2.28
C PRO A 45 -7.99 1.93 2.04
N ALA A 46 -8.20 1.61 0.77
CA ALA A 46 -8.82 0.34 0.40
C ALA A 46 -7.85 -0.82 0.58
N ALA A 47 -8.12 -1.68 1.56
CA ALA A 47 -7.26 -2.83 1.83
C ALA A 47 -8.05 -4.14 1.71
N PHE A 48 -7.82 -4.85 0.62
CA PHE A 48 -8.51 -6.12 0.38
C PHE A 48 -7.50 -7.24 0.12
N VAL A 49 -7.43 -8.19 1.05
CA VAL A 49 -6.52 -9.31 0.93
C VAL A 49 -7.27 -10.59 0.55
N CYS A 50 -6.63 -11.42 -0.28
CA CYS A 50 -7.23 -12.67 -0.72
C CYS A 50 -7.27 -13.69 0.41
N SER A 51 -8.38 -14.41 0.51
CA SER A 51 -8.54 -15.42 1.55
C SER A 51 -8.14 -16.81 1.04
N LYS A 52 -7.74 -16.86 -0.23
CA LYS A 52 -7.34 -18.13 -0.84
C LYS A 52 -5.82 -18.30 -0.79
N CYS A 53 -5.10 -17.33 -1.36
CA CYS A 53 -3.65 -17.38 -1.38
C CYS A 53 -3.06 -16.44 -0.32
N GLY A 54 -3.64 -15.24 -0.22
CA GLY A 54 -3.16 -14.26 0.74
C GLY A 54 -2.46 -13.10 0.09
N LYS A 55 -2.96 -12.68 -1.08
CA LYS A 55 -2.37 -11.57 -1.80
C LYS A 55 -3.01 -10.25 -1.39
N THR A 56 -2.54 -9.15 -1.97
CA THR A 56 -3.06 -7.82 -1.66
C THR A 56 -3.60 -7.15 -2.92
N PHE A 57 -4.73 -6.45 -2.76
CA PHE A 57 -5.35 -5.76 -3.88
C PHE A 57 -5.80 -4.35 -3.47
N THR A 58 -6.13 -3.53 -4.46
CA THR A 58 -6.57 -2.17 -4.19
C THR A 58 -8.09 -2.04 -4.34
N ARG A 59 -8.64 -2.76 -5.31
CA ARG A 59 -10.08 -2.73 -5.56
C ARG A 59 -10.72 -4.05 -5.17
N ARG A 60 -11.87 -3.98 -4.49
CA ARG A 60 -12.58 -5.17 -4.07
C ARG A 60 -13.05 -5.99 -5.27
N ASN A 61 -13.86 -5.37 -6.11
CA ASN A 61 -14.37 -6.05 -7.31
C ASN A 61 -13.26 -6.80 -8.02
N THR A 62 -12.09 -6.17 -8.12
CA THR A 62 -10.95 -6.78 -8.79
C THR A 62 -10.49 -8.04 -8.06
N MET A 63 -10.31 -7.93 -6.74
CA MET A 63 -9.88 -9.06 -5.94
C MET A 63 -10.93 -10.19 -5.98
N ALA A 64 -12.16 -9.85 -5.63
CA ALA A 64 -13.24 -10.83 -5.63
C ALA A 64 -13.14 -11.77 -6.82
N ARG A 65 -13.01 -11.21 -8.02
CA ARG A 65 -12.91 -12.00 -9.23
C ARG A 65 -11.65 -12.86 -9.21
N HIS A 66 -10.53 -12.25 -8.81
CA HIS A 66 -9.26 -12.97 -8.75
C HIS A 66 -9.40 -14.25 -7.94
N ALA A 67 -10.15 -14.17 -6.84
CA ALA A 67 -10.36 -15.34 -5.98
C ALA A 67 -10.87 -16.53 -6.79
N ASP A 68 -11.89 -16.30 -7.61
CA ASP A 68 -12.47 -17.35 -8.43
C ASP A 68 -11.38 -18.18 -9.10
N ASN A 69 -10.52 -17.51 -9.87
CA ASN A 69 -9.43 -18.19 -10.56
C ASN A 69 -8.35 -18.63 -9.58
N CYS A 70 -8.39 -18.06 -8.38
CA CYS A 70 -7.41 -18.40 -7.34
C CYS A 70 -7.77 -19.71 -6.65
N ALA A 71 -6.77 -20.37 -6.10
CA ALA A 71 -6.98 -21.63 -5.40
C ALA A 71 -6.27 -21.64 -4.04
N GLY A 72 -5.05 -21.10 -4.02
CA GLY A 72 -4.30 -21.06 -2.78
C GLY A 72 -2.91 -20.48 -2.98
N PRO A 73 -2.13 -20.42 -1.89
CA PRO A 73 -0.76 -19.89 -1.92
C PRO A 73 0.19 -20.80 -2.68
N ASP A 74 1.10 -20.20 -3.44
CA ASP A 74 2.07 -20.97 -4.21
C ASP A 74 3.08 -20.04 -4.88
N GLY A 75 4.36 -20.30 -4.68
CA GLY A 75 5.40 -19.48 -5.28
C GLY A 75 5.66 -19.84 -6.73
N VAL A 76 6.92 -19.73 -7.15
CA VAL A 76 7.29 -20.05 -8.52
C VAL A 76 7.87 -21.46 -8.62
N GLU A 77 8.11 -21.90 -9.85
CA GLU A 77 8.65 -23.23 -10.09
C GLU A 77 9.62 -23.22 -11.26
N GLY A 78 10.76 -23.90 -11.10
CA GLY A 78 11.74 -23.95 -12.15
C GLY A 78 12.42 -22.62 -12.39
N GLU A 79 13.24 -22.55 -13.43
CA GLU A 79 13.96 -21.31 -13.76
C GLU A 79 12.97 -20.20 -14.12
N ASN A 80 12.75 -19.30 -13.15
CA ASN A 80 11.82 -18.18 -13.37
C ASN A 80 12.46 -17.11 -14.24
N SER A 81 11.63 -16.30 -14.88
CA SER A 81 12.12 -15.23 -15.75
C SER A 81 12.88 -14.18 -14.94
N GLY A 82 13.72 -13.41 -15.63
CA GLY A 82 14.49 -12.38 -14.96
C GLY A 82 14.13 -10.98 -15.44
N PRO A 83 15.04 -10.02 -15.23
CA PRO A 83 14.83 -8.63 -15.64
C PRO A 83 14.87 -8.46 -17.15
N SER A 84 14.62 -7.24 -17.62
CA SER A 84 14.61 -6.95 -19.04
C SER A 84 15.09 -5.52 -19.30
N SER A 85 15.26 -5.19 -20.58
CA SER A 85 15.72 -3.86 -20.95
C SER A 85 14.58 -3.03 -21.54
N GLY A 86 14.84 -1.75 -21.77
CA GLY A 86 13.83 -0.86 -22.32
C GLY A 86 14.36 -0.01 -23.45
ZN ZN B . 0.72 14.19 9.82
ZN ZN C . -5.69 -15.30 -4.30
N GLY A 1 -2.30 0.31 17.00
CA GLY A 1 -1.09 0.02 16.27
C GLY A 1 -0.77 -1.46 16.23
N SER A 2 -0.07 -1.89 15.18
CA SER A 2 0.29 -3.29 15.03
C SER A 2 1.39 -3.68 16.02
N SER A 3 2.48 -2.91 16.02
CA SER A 3 3.60 -3.18 16.93
C SER A 3 4.07 -4.62 16.79
N GLY A 4 4.15 -5.11 15.55
CA GLY A 4 4.59 -6.47 15.32
C GLY A 4 5.97 -6.53 14.71
N SER A 5 6.48 -7.75 14.52
CA SER A 5 7.80 -7.95 13.95
C SER A 5 7.78 -7.75 12.43
N SER A 6 8.38 -6.65 11.98
CA SER A 6 8.42 -6.35 10.55
C SER A 6 9.72 -5.65 10.19
N GLY A 7 9.91 -5.39 8.89
CA GLY A 7 11.12 -4.73 8.44
C GLY A 7 10.82 -3.39 7.78
N ARG A 8 11.07 -3.31 6.47
CA ARG A 8 10.84 -2.08 5.73
C ARG A 8 11.73 -0.96 6.23
N THR A 9 13.04 -1.22 6.26
CA THR A 9 14.01 -0.23 6.71
C THR A 9 14.50 0.64 5.56
N HIS A 10 14.46 0.09 4.35
CA HIS A 10 14.90 0.81 3.17
C HIS A 10 14.07 2.07 2.95
N THR A 11 14.65 3.22 3.25
CA THR A 11 13.96 4.49 3.11
C THR A 11 14.78 5.46 2.25
N GLY A 12 14.22 6.65 2.01
CA GLY A 12 14.90 7.63 1.21
C GLY A 12 14.63 9.05 1.68
N GLU A 13 14.65 10.00 0.74
CA GLU A 13 14.40 11.40 1.07
C GLU A 13 12.93 11.76 0.85
N LYS A 14 12.41 12.64 1.70
CA LYS A 14 11.02 13.06 1.60
C LYS A 14 10.92 14.59 1.53
N PRO A 15 10.84 15.12 0.30
CA PRO A 15 10.73 16.56 0.07
C PRO A 15 9.40 17.14 0.52
N TYR A 16 8.39 16.27 0.61
CA TYR A 16 7.06 16.68 1.02
C TYR A 16 6.92 16.65 2.55
N ALA A 17 6.93 17.84 3.15
CA ALA A 17 6.82 17.96 4.60
C ALA A 17 5.50 18.63 4.99
N CYS A 18 4.65 17.88 5.68
CA CYS A 18 3.35 18.39 6.11
C CYS A 18 3.52 19.71 6.86
N SER A 19 2.59 20.64 6.63
CA SER A 19 2.64 21.95 7.28
C SER A 19 2.02 21.87 8.67
N HIS A 20 0.81 21.32 8.75
CA HIS A 20 0.11 21.20 10.02
C HIS A 20 1.00 20.53 11.07
N CYS A 21 1.69 19.47 10.65
CA CYS A 21 2.58 18.74 11.55
C CYS A 21 4.01 18.74 11.03
N ASP A 22 4.89 18.03 11.72
CA ASP A 22 6.29 17.95 11.33
C ASP A 22 6.61 16.59 10.73
N LYS A 23 5.78 16.15 9.78
CA LYS A 23 5.97 14.87 9.13
C LYS A 23 6.43 15.06 7.68
N THR A 24 7.08 14.04 7.13
CA THR A 24 7.57 14.10 5.76
C THR A 24 7.17 12.85 4.98
N PHE A 25 7.09 12.98 3.66
CA PHE A 25 6.71 11.86 2.80
C PHE A 25 7.42 11.94 1.45
N ARG A 26 7.66 10.79 0.85
CA ARG A 26 8.34 10.73 -0.44
C ARG A 26 7.44 11.23 -1.56
N GLN A 27 6.25 10.63 -1.66
CA GLN A 27 5.29 11.02 -2.68
C GLN A 27 4.19 11.89 -2.10
N LYS A 28 3.80 12.93 -2.84
CA LYS A 28 2.75 13.84 -2.39
C LYS A 28 1.50 13.07 -1.97
N GLN A 29 1.22 11.98 -2.68
CA GLN A 29 0.05 11.16 -2.38
C GLN A 29 0.00 10.82 -0.90
N LEU A 30 1.13 10.38 -0.35
CA LEU A 30 1.21 10.01 1.07
C LEU A 30 0.85 11.21 1.95
N LEU A 31 1.52 12.33 1.72
CA LEU A 31 1.28 13.53 2.51
C LEU A 31 -0.15 14.03 2.30
N ASP A 32 -0.75 13.62 1.19
CA ASP A 32 -2.12 14.04 0.88
C ASP A 32 -3.12 13.26 1.73
N MET A 33 -2.98 11.93 1.75
CA MET A 33 -3.88 11.08 2.52
C MET A 33 -3.59 11.20 4.01
N HIS A 34 -2.31 11.19 4.37
CA HIS A 34 -1.89 11.29 5.76
C HIS A 34 -2.64 12.41 6.46
N PHE A 35 -2.87 13.51 5.75
CA PHE A 35 -3.58 14.65 6.31
C PHE A 35 -5.06 14.33 6.51
N LYS A 36 -5.75 14.01 5.42
CA LYS A 36 -7.16 13.68 5.49
C LYS A 36 -7.40 12.39 6.26
N ARG A 37 -6.30 11.70 6.59
CA ARG A 37 -6.38 10.46 7.34
C ARG A 37 -6.11 10.69 8.83
N TYR A 38 -4.91 11.15 9.14
CA TYR A 38 -4.53 11.41 10.53
C TYR A 38 -5.33 12.58 11.09
N HIS A 39 -5.10 13.76 10.55
CA HIS A 39 -5.79 14.98 11.00
C HIS A 39 -7.31 14.81 10.86
N ASP A 40 -7.72 13.75 10.17
CA ASP A 40 -9.13 13.48 9.96
C ASP A 40 -9.38 11.99 9.79
N PRO A 41 -10.04 11.37 10.78
CA PRO A 41 -10.36 9.94 10.76
C PRO A 41 -11.41 9.59 9.71
N ASN A 42 -11.79 10.59 8.90
CA ASN A 42 -12.78 10.38 7.86
C ASN A 42 -12.22 9.55 6.72
N PHE A 43 -11.17 10.06 6.07
CA PHE A 43 -10.54 9.35 4.97
C PHE A 43 -10.24 7.91 5.34
N VAL A 44 -10.36 7.02 4.37
CA VAL A 44 -10.11 5.59 4.58
C VAL A 44 -9.89 4.87 3.27
N PRO A 45 -8.63 4.47 3.01
CA PRO A 45 -8.25 3.75 1.79
C PRO A 45 -8.82 2.34 1.75
N ALA A 46 -9.25 1.91 0.57
CA ALA A 46 -9.80 0.57 0.40
C ALA A 46 -8.71 -0.49 0.43
N ALA A 47 -8.66 -1.25 1.53
CA ALA A 47 -7.65 -2.30 1.68
C ALA A 47 -8.30 -3.69 1.66
N PHE A 48 -8.10 -4.42 0.57
CA PHE A 48 -8.66 -5.75 0.42
C PHE A 48 -7.58 -6.75 0.05
N VAL A 49 -7.49 -7.83 0.83
CA VAL A 49 -6.49 -8.87 0.58
C VAL A 49 -7.16 -10.19 0.18
N CYS A 50 -6.58 -10.86 -0.81
CA CYS A 50 -7.13 -12.12 -1.28
C CYS A 50 -7.22 -13.14 -0.14
N SER A 51 -7.91 -14.25 -0.40
CA SER A 51 -8.08 -15.29 0.61
C SER A 51 -7.45 -16.60 0.13
N LYS A 52 -7.17 -16.67 -1.16
CA LYS A 52 -6.56 -17.87 -1.74
C LYS A 52 -5.04 -17.84 -1.60
N CYS A 53 -4.45 -16.70 -1.95
CA CYS A 53 -3.00 -16.52 -1.86
C CYS A 53 -2.62 -15.59 -0.72
N GLY A 54 -3.30 -14.45 -0.66
CA GLY A 54 -3.02 -13.48 0.39
C GLY A 54 -2.44 -12.19 -0.15
N LYS A 55 -2.68 -11.92 -1.42
CA LYS A 55 -2.18 -10.71 -2.06
C LYS A 55 -3.01 -9.49 -1.66
N THR A 56 -2.51 -8.30 -2.01
CA THR A 56 -3.21 -7.07 -1.69
C THR A 56 -3.82 -6.44 -2.94
N PHE A 57 -5.02 -5.89 -2.79
CA PHE A 57 -5.72 -5.27 -3.91
C PHE A 57 -6.31 -3.92 -3.49
N THR A 58 -6.35 -2.99 -4.43
CA THR A 58 -6.89 -1.66 -4.16
C THR A 58 -8.41 -1.64 -4.30
N ARG A 59 -8.93 -2.49 -5.19
CA ARG A 59 -10.37 -2.57 -5.41
C ARG A 59 -10.90 -3.95 -5.03
N ARG A 60 -11.93 -3.96 -4.18
CA ARG A 60 -12.53 -5.20 -3.73
C ARG A 60 -13.14 -5.97 -4.91
N ASN A 61 -14.14 -5.39 -5.54
CA ASN A 61 -14.80 -6.02 -6.68
C ASN A 61 -13.79 -6.78 -7.54
N THR A 62 -12.60 -6.22 -7.68
CA THR A 62 -11.55 -6.84 -8.47
C THR A 62 -10.89 -7.98 -7.71
N MET A 63 -10.59 -7.74 -6.43
CA MET A 63 -9.95 -8.75 -5.60
C MET A 63 -10.79 -10.02 -5.55
N ALA A 64 -12.08 -9.87 -5.34
CA ALA A 64 -12.99 -11.01 -5.28
C ALA A 64 -12.92 -11.84 -6.56
N ARG A 65 -12.95 -11.17 -7.70
CA ARG A 65 -12.88 -11.84 -8.99
C ARG A 65 -11.57 -12.61 -9.13
N HIS A 66 -10.46 -11.91 -8.89
CA HIS A 66 -9.14 -12.52 -8.99
C HIS A 66 -9.12 -13.90 -8.33
N ALA A 67 -9.79 -14.01 -7.18
CA ALA A 67 -9.86 -15.26 -6.46
C ALA A 67 -10.22 -16.42 -7.38
N ASP A 68 -11.24 -16.20 -8.22
CA ASP A 68 -11.69 -17.22 -9.15
C ASP A 68 -10.53 -17.74 -10.00
N ASN A 69 -9.75 -16.81 -10.57
CA ASN A 69 -8.62 -17.17 -11.40
C ASN A 69 -7.35 -17.32 -10.56
N CYS A 70 -7.49 -17.15 -9.25
CA CYS A 70 -6.36 -17.26 -8.34
C CYS A 70 -6.03 -18.72 -8.06
N ALA A 71 -4.74 -19.04 -8.08
CA ALA A 71 -4.28 -20.40 -7.82
C ALA A 71 -3.91 -20.59 -6.35
N GLY A 72 -3.19 -19.61 -5.81
CA GLY A 72 -2.77 -19.68 -4.42
C GLY A 72 -1.53 -18.86 -4.14
N PRO A 73 -0.87 -19.14 -3.01
CA PRO A 73 0.34 -18.42 -2.61
C PRO A 73 1.53 -18.76 -3.49
N ASP A 74 1.83 -17.87 -4.44
CA ASP A 74 2.95 -18.07 -5.35
C ASP A 74 3.16 -16.84 -6.23
N GLY A 75 4.38 -16.31 -6.21
CA GLY A 75 4.70 -15.14 -7.01
C GLY A 75 5.63 -14.19 -6.30
N VAL A 76 5.75 -12.98 -6.83
CA VAL A 76 6.63 -11.97 -6.23
C VAL A 76 5.84 -10.96 -5.42
N GLU A 77 6.54 -10.01 -4.81
CA GLU A 77 5.89 -8.99 -3.99
C GLU A 77 6.62 -7.64 -4.14
N GLY A 78 6.07 -6.62 -3.51
CA GLY A 78 6.66 -5.30 -3.58
C GLY A 78 6.18 -4.38 -2.47
N GLU A 79 6.81 -3.21 -2.36
CA GLU A 79 6.45 -2.25 -1.33
C GLU A 79 6.11 -0.90 -1.94
N ASN A 80 4.84 -0.52 -1.87
CA ASN A 80 4.39 0.75 -2.43
C ASN A 80 4.75 1.91 -1.51
N SER A 81 4.43 1.77 -0.23
CA SER A 81 4.71 2.80 0.76
C SER A 81 5.76 2.32 1.76
N GLY A 82 6.06 3.16 2.75
CA GLY A 82 7.04 2.80 3.75
C GLY A 82 6.75 3.43 5.10
N PRO A 83 7.17 2.76 6.18
CA PRO A 83 6.96 3.24 7.55
C PRO A 83 7.81 4.46 7.87
N SER A 84 7.87 4.82 9.15
CA SER A 84 8.65 5.97 9.58
C SER A 84 10.13 5.66 9.57
N SER A 85 10.96 6.69 9.36
CA SER A 85 12.40 6.52 9.32
C SER A 85 13.07 7.33 10.42
N GLY A 86 14.37 7.10 10.61
CA GLY A 86 15.11 7.81 11.63
C GLY A 86 15.14 9.31 11.38
ZN ZN B . 0.27 16.19 8.93
ZN ZN C . -5.25 -14.67 -4.77
N GLY A 1 5.77 -27.47 -13.48
CA GLY A 1 6.62 -26.32 -13.72
C GLY A 1 6.08 -25.06 -13.05
N SER A 2 6.97 -24.10 -12.82
CA SER A 2 6.58 -22.84 -12.18
C SER A 2 7.13 -21.65 -12.96
N SER A 3 6.46 -20.50 -12.80
CA SER A 3 6.88 -19.29 -13.49
C SER A 3 6.61 -18.06 -12.63
N GLY A 4 7.61 -17.20 -12.51
CA GLY A 4 7.47 -16.00 -11.72
C GLY A 4 7.86 -14.75 -12.48
N SER A 5 7.10 -13.68 -12.28
CA SER A 5 7.36 -12.42 -12.96
C SER A 5 7.43 -11.26 -11.96
N SER A 6 8.64 -10.72 -11.78
CA SER A 6 8.85 -9.62 -10.85
C SER A 6 8.01 -8.42 -11.24
N GLY A 7 8.08 -8.04 -12.52
CA GLY A 7 7.32 -6.90 -13.00
C GLY A 7 8.09 -5.59 -12.88
N ARG A 8 7.65 -4.74 -11.96
CA ARG A 8 8.30 -3.45 -11.75
C ARG A 8 8.54 -3.20 -10.26
N THR A 9 9.79 -2.92 -9.90
CA THR A 9 10.14 -2.66 -8.51
C THR A 9 9.58 -1.32 -8.05
N HIS A 10 8.80 -1.36 -6.96
CA HIS A 10 8.20 -0.16 -6.41
C HIS A 10 9.10 0.45 -5.33
N THR A 11 10.41 0.40 -5.56
CA THR A 11 11.38 0.94 -4.61
C THR A 11 11.69 2.39 -4.91
N GLY A 12 11.70 3.22 -3.87
CA GLY A 12 11.98 4.64 -4.04
C GLY A 12 11.88 5.41 -2.74
N GLU A 13 12.59 6.54 -2.67
CA GLU A 13 12.57 7.37 -1.48
C GLU A 13 11.30 8.20 -1.41
N LYS A 14 10.97 8.67 -0.21
CA LYS A 14 9.77 9.48 -0.01
C LYS A 14 10.14 10.92 0.31
N PRO A 15 10.15 11.78 -0.72
CA PRO A 15 10.48 13.21 -0.55
C PRO A 15 9.40 13.97 0.20
N TYR A 16 8.15 13.54 0.06
CA TYR A 16 7.04 14.18 0.72
C TYR A 16 6.99 13.81 2.21
N ALA A 17 7.47 14.71 3.05
CA ALA A 17 7.49 14.49 4.49
C ALA A 17 6.42 15.31 5.19
N CYS A 18 5.46 14.63 5.81
CA CYS A 18 4.38 15.31 6.52
C CYS A 18 4.93 16.30 7.54
N SER A 19 4.20 17.39 7.75
CA SER A 19 4.61 18.42 8.70
C SER A 19 4.15 18.08 10.10
N HIS A 20 2.86 17.77 10.24
CA HIS A 20 2.28 17.44 11.54
C HIS A 20 3.03 16.25 12.17
N CYS A 21 3.28 15.23 11.36
CA CYS A 21 3.98 14.04 11.84
C CYS A 21 5.31 13.87 11.11
N ASP A 22 6.05 12.83 11.49
CA ASP A 22 7.35 12.56 10.88
C ASP A 22 7.23 11.44 9.85
N LYS A 23 6.08 11.39 9.18
CA LYS A 23 5.85 10.38 8.15
C LYS A 23 6.31 10.86 6.79
N THR A 24 6.57 9.91 5.89
CA THR A 24 7.02 10.24 4.54
C THR A 24 6.27 9.43 3.49
N PHE A 25 6.13 9.99 2.30
CA PHE A 25 5.43 9.32 1.21
C PHE A 25 6.08 9.65 -0.13
N ARG A 26 5.91 8.76 -1.10
CA ARG A 26 6.47 8.94 -2.43
C ARG A 26 5.68 9.98 -3.22
N GLN A 27 4.38 9.74 -3.36
CA GLN A 27 3.51 10.65 -4.09
C GLN A 27 2.71 11.52 -3.13
N LYS A 28 2.52 12.79 -3.48
CA LYS A 28 1.77 13.72 -2.66
C LYS A 28 0.39 13.15 -2.31
N GLN A 29 -0.19 12.41 -3.25
CA GLN A 29 -1.50 11.81 -3.04
C GLN A 29 -1.54 11.03 -1.73
N LEU A 30 -0.50 10.24 -1.48
CA LEU A 30 -0.42 9.46 -0.25
C LEU A 30 -0.37 10.35 0.98
N LEU A 31 0.50 11.36 0.92
CA LEU A 31 0.65 12.31 2.03
C LEU A 31 -0.58 13.19 2.16
N ASP A 32 -1.40 13.21 1.12
CA ASP A 32 -2.61 14.03 1.11
C ASP A 32 -3.76 13.29 1.81
N MET A 33 -3.93 12.02 1.48
CA MET A 33 -4.98 11.20 2.07
C MET A 33 -4.60 10.77 3.49
N HIS A 34 -3.30 10.65 3.73
CA HIS A 34 -2.81 10.22 5.04
C HIS A 34 -3.19 11.24 6.11
N PHE A 35 -3.00 12.52 5.79
CA PHE A 35 -3.32 13.59 6.73
C PHE A 35 -4.80 13.58 7.09
N LYS A 36 -5.65 13.53 6.08
CA LYS A 36 -7.09 13.51 6.28
C LYS A 36 -7.56 12.14 6.78
N ARG A 37 -6.62 11.20 6.84
CA ARG A 37 -6.94 9.86 7.31
C ARG A 37 -6.55 9.69 8.78
N TYR A 38 -5.26 9.80 9.07
CA TYR A 38 -4.76 9.66 10.43
C TYR A 38 -5.21 10.83 11.29
N HIS A 39 -4.67 12.02 11.00
CA HIS A 39 -5.01 13.22 11.74
C HIS A 39 -6.52 13.46 11.74
N ASP A 40 -7.23 12.72 10.88
CA ASP A 40 -8.67 12.85 10.78
C ASP A 40 -9.31 11.53 10.36
N PRO A 41 -10.06 10.92 11.29
CA PRO A 41 -10.74 9.65 11.04
C PRO A 41 -11.89 9.78 10.05
N ASN A 42 -12.03 10.97 9.47
CA ASN A 42 -13.09 11.23 8.50
C ASN A 42 -12.79 10.56 7.17
N PHE A 43 -11.68 10.95 6.55
CA PHE A 43 -11.27 10.39 5.27
C PHE A 43 -10.73 8.98 5.44
N VAL A 44 -11.13 8.08 4.55
CA VAL A 44 -10.68 6.69 4.59
C VAL A 44 -10.75 6.04 3.22
N PRO A 45 -9.57 5.81 2.61
CA PRO A 45 -9.49 5.19 1.28
C PRO A 45 -9.87 3.72 1.31
N ALA A 46 -10.37 3.23 0.18
CA ALA A 46 -10.76 1.83 0.06
C ALA A 46 -9.55 0.91 -0.01
N ALA A 47 -9.31 0.17 1.07
CA ALA A 47 -8.18 -0.75 1.12
C ALA A 47 -8.65 -2.18 1.34
N PHE A 48 -8.55 -3.00 0.28
CA PHE A 48 -8.96 -4.39 0.37
C PHE A 48 -7.78 -5.33 0.16
N VAL A 49 -7.43 -6.07 1.21
CA VAL A 49 -6.30 -7.00 1.15
C VAL A 49 -6.78 -8.40 0.79
N CYS A 50 -5.97 -9.12 0.02
CA CYS A 50 -6.31 -10.48 -0.39
C CYS A 50 -6.14 -11.46 0.78
N SER A 51 -7.08 -12.38 0.92
CA SER A 51 -7.04 -13.36 2.00
C SER A 51 -6.31 -14.62 1.55
N LYS A 52 -5.90 -14.63 0.28
CA LYS A 52 -5.18 -15.77 -0.27
C LYS A 52 -3.67 -15.58 -0.17
N CYS A 53 -3.18 -14.52 -0.79
CA CYS A 53 -1.75 -14.21 -0.77
C CYS A 53 -1.44 -13.12 0.25
N GLY A 54 -2.29 -12.10 0.29
CA GLY A 54 -2.09 -11.01 1.23
C GLY A 54 -1.66 -9.73 0.54
N LYS A 55 -2.17 -9.50 -0.65
CA LYS A 55 -1.83 -8.31 -1.42
C LYS A 55 -2.82 -7.18 -1.15
N THR A 56 -2.33 -5.94 -1.22
CA THR A 56 -3.18 -4.77 -0.98
C THR A 56 -3.75 -4.24 -2.28
N PHE A 57 -5.06 -3.99 -2.29
CA PHE A 57 -5.73 -3.47 -3.47
C PHE A 57 -6.43 -2.15 -3.16
N THR A 58 -6.59 -1.33 -4.19
CA THR A 58 -7.25 -0.03 -4.04
C THR A 58 -8.76 -0.16 -4.11
N ARG A 59 -9.23 -1.15 -4.86
CA ARG A 59 -10.65 -1.39 -5.02
C ARG A 59 -11.02 -2.81 -4.59
N ARG A 60 -12.28 -2.98 -4.18
CA ARG A 60 -12.77 -4.28 -3.73
C ARG A 60 -12.92 -5.24 -4.92
N ASN A 61 -13.90 -4.95 -5.77
CA ASN A 61 -14.16 -5.78 -6.94
C ASN A 61 -12.86 -6.27 -7.56
N THR A 62 -11.94 -5.35 -7.84
CA THR A 62 -10.66 -5.69 -8.43
C THR A 62 -9.98 -6.80 -7.64
N MET A 63 -10.00 -6.70 -6.32
CA MET A 63 -9.39 -7.69 -5.46
C MET A 63 -10.16 -9.00 -5.51
N ALA A 64 -11.47 -8.92 -5.27
CA ALA A 64 -12.32 -10.11 -5.29
C ALA A 64 -12.03 -10.98 -6.51
N ARG A 65 -12.01 -10.36 -7.69
CA ARG A 65 -11.75 -11.08 -8.93
C ARG A 65 -10.37 -11.73 -8.89
N HIS A 66 -9.38 -10.97 -8.42
CA HIS A 66 -8.01 -11.47 -8.34
C HIS A 66 -7.96 -12.76 -7.51
N ALA A 67 -8.58 -12.73 -6.33
CA ALA A 67 -8.60 -13.88 -5.45
C ALA A 67 -8.93 -15.15 -6.22
N ASP A 68 -9.90 -15.06 -7.13
CA ASP A 68 -10.32 -16.19 -7.93
C ASP A 68 -9.13 -16.80 -8.67
N ASN A 69 -8.38 -15.95 -9.36
CA ASN A 69 -7.22 -16.41 -10.11
C ASN A 69 -5.98 -16.45 -9.24
N CYS A 70 -6.15 -16.09 -7.97
CA CYS A 70 -5.04 -16.08 -7.02
C CYS A 70 -4.77 -17.50 -6.50
N ALA A 71 -3.50 -17.78 -6.23
CA ALA A 71 -3.11 -19.09 -5.73
C ALA A 71 -2.72 -19.02 -4.25
N GLY A 72 -1.92 -18.02 -3.91
CA GLY A 72 -1.49 -17.85 -2.53
C GLY A 72 -0.31 -16.91 -2.40
N PRO A 73 0.31 -16.90 -1.21
CA PRO A 73 1.47 -16.03 -0.92
C PRO A 73 2.71 -16.47 -1.69
N ASP A 74 3.81 -15.75 -1.48
CA ASP A 74 5.07 -16.07 -2.14
C ASP A 74 6.25 -15.65 -1.29
N GLY A 75 7.26 -16.52 -1.19
CA GLY A 75 8.43 -16.22 -0.41
C GLY A 75 9.15 -14.98 -0.88
N VAL A 76 9.06 -13.90 -0.09
CA VAL A 76 9.71 -12.64 -0.44
C VAL A 76 9.63 -11.65 0.71
N GLU A 77 10.78 -11.08 1.08
CA GLU A 77 10.84 -10.11 2.17
C GLU A 77 11.42 -8.79 1.69
N GLY A 78 11.11 -7.71 2.41
CA GLY A 78 11.61 -6.41 2.04
C GLY A 78 12.85 -6.02 2.81
N GLU A 79 13.48 -4.91 2.41
CA GLU A 79 14.69 -4.45 3.06
C GLU A 79 15.10 -3.07 2.54
N ASN A 80 16.07 -2.45 3.20
CA ASN A 80 16.55 -1.14 2.80
C ASN A 80 15.42 -0.12 2.83
N SER A 81 14.73 -0.05 3.95
CA SER A 81 13.62 0.89 4.11
C SER A 81 13.82 1.76 5.34
N GLY A 82 14.39 2.94 5.15
CA GLY A 82 14.62 3.85 6.26
C GLY A 82 14.42 5.30 5.87
N PRO A 83 14.48 6.19 6.87
CA PRO A 83 14.30 7.64 6.65
C PRO A 83 15.48 8.26 5.90
N SER A 84 15.31 8.42 4.59
CA SER A 84 16.35 9.00 3.74
C SER A 84 16.16 10.51 3.60
N SER A 85 17.25 11.22 3.31
CA SER A 85 17.21 12.67 3.16
C SER A 85 16.29 13.06 2.01
N GLY A 86 15.21 13.77 2.33
CA GLY A 86 14.28 14.19 1.32
C GLY A 86 13.79 15.61 1.54
ZN ZN B . 0.83 13.30 9.02
ZN ZN C . -4.17 -12.95 -3.76
N GLY A 1 8.57 0.98 -20.63
CA GLY A 1 7.98 0.07 -19.67
C GLY A 1 8.38 0.39 -18.24
N SER A 2 7.40 0.51 -17.37
CA SER A 2 7.64 0.82 -15.96
C SER A 2 7.75 -0.46 -15.13
N SER A 3 8.71 -0.48 -14.22
CA SER A 3 8.92 -1.64 -13.37
C SER A 3 8.36 -1.40 -11.96
N GLY A 4 7.53 -2.32 -11.50
CA GLY A 4 6.94 -2.19 -10.18
C GLY A 4 7.98 -2.18 -9.08
N SER A 5 7.89 -1.19 -8.20
CA SER A 5 8.83 -1.06 -7.09
C SER A 5 8.14 -1.28 -5.75
N SER A 6 8.60 -2.28 -5.01
CA SER A 6 8.01 -2.60 -3.71
C SER A 6 8.59 -1.69 -2.62
N GLY A 7 8.72 -0.41 -2.94
CA GLY A 7 9.26 0.54 -1.98
C GLY A 7 10.76 0.44 -1.84
N ARG A 8 11.39 1.53 -1.42
CA ARG A 8 12.84 1.56 -1.24
C ARG A 8 13.21 1.29 0.21
N THR A 9 14.03 0.26 0.42
CA THR A 9 14.46 -0.10 1.76
C THR A 9 15.10 1.08 2.48
N HIS A 10 15.51 2.08 1.70
CA HIS A 10 16.13 3.27 2.26
C HIS A 10 15.62 4.54 1.58
N THR A 11 15.22 5.52 2.38
CA THR A 11 14.70 6.77 1.85
C THR A 11 15.78 7.85 1.81
N GLY A 12 15.75 8.67 0.77
CA GLY A 12 16.74 9.73 0.65
C GLY A 12 16.46 10.90 1.56
N GLU A 13 15.33 11.56 1.34
CA GLU A 13 14.96 12.71 2.17
C GLU A 13 13.52 13.15 1.86
N LYS A 14 12.78 13.46 2.92
CA LYS A 14 11.39 13.89 2.76
C LYS A 14 11.24 15.38 3.05
N PRO A 15 11.27 16.19 1.99
CA PRO A 15 11.14 17.64 2.11
C PRO A 15 9.74 18.08 2.54
N TYR A 16 8.76 17.21 2.29
CA TYR A 16 7.38 17.50 2.65
C TYR A 16 7.06 17.00 4.06
N ALA A 17 7.09 17.91 5.03
CA ALA A 17 6.81 17.57 6.41
C ALA A 17 5.48 18.15 6.86
N CYS A 18 4.60 17.29 7.36
CA CYS A 18 3.28 17.73 7.83
C CYS A 18 3.41 18.86 8.85
N SER A 19 2.40 19.72 8.91
CA SER A 19 2.41 20.85 9.83
C SER A 19 1.57 20.54 11.07
N HIS A 20 0.83 19.44 11.01
CA HIS A 20 -0.02 19.03 12.13
C HIS A 20 0.68 17.97 12.97
N CYS A 21 1.53 17.17 12.33
CA CYS A 21 2.26 16.12 13.02
C CYS A 21 3.74 16.15 12.66
N ASP A 22 4.52 15.30 13.31
CA ASP A 22 5.95 15.23 13.06
C ASP A 22 6.26 14.20 11.97
N LYS A 23 5.33 14.03 11.04
CA LYS A 23 5.51 13.08 9.95
C LYS A 23 6.15 13.75 8.74
N THR A 24 6.71 12.94 7.85
CA THR A 24 7.35 13.46 6.64
C THR A 24 7.07 12.56 5.44
N PHE A 25 7.11 13.15 4.25
CA PHE A 25 6.86 12.40 3.02
C PHE A 25 7.72 12.94 1.87
N ARG A 26 8.18 12.04 1.02
CA ARG A 26 9.01 12.42 -0.13
C ARG A 26 8.19 13.24 -1.13
N GLN A 27 7.00 12.75 -1.44
CA GLN A 27 6.13 13.44 -2.40
C GLN A 27 4.92 14.04 -1.69
N LYS A 28 4.49 15.21 -2.15
CA LYS A 28 3.34 15.89 -1.57
C LYS A 28 2.11 14.98 -1.58
N GLN A 29 1.94 14.24 -2.66
CA GLN A 29 0.80 13.34 -2.80
C GLN A 29 0.59 12.53 -1.53
N LEU A 30 1.65 11.88 -1.06
CA LEU A 30 1.59 11.08 0.16
C LEU A 30 1.17 11.93 1.36
N LEU A 31 1.87 13.04 1.57
CA LEU A 31 1.57 13.93 2.68
C LEU A 31 0.16 14.49 2.55
N ASP A 32 -0.38 14.45 1.34
CA ASP A 32 -1.73 14.95 1.09
C ASP A 32 -2.78 13.94 1.55
N MET A 33 -2.65 12.70 1.10
CA MET A 33 -3.58 11.64 1.47
C MET A 33 -3.45 11.30 2.95
N HIS A 34 -2.25 11.51 3.50
CA HIS A 34 -2.00 11.21 4.90
C HIS A 34 -2.88 12.06 5.81
N PHE A 35 -2.93 13.37 5.53
CA PHE A 35 -3.73 14.29 6.32
C PHE A 35 -5.21 13.89 6.28
N LYS A 36 -5.76 13.80 5.07
CA LYS A 36 -7.16 13.43 4.90
C LYS A 36 -7.41 11.99 5.37
N ARG A 37 -6.32 11.29 5.71
CA ARG A 37 -6.43 9.92 6.17
C ARG A 37 -6.47 9.86 7.70
N TYR A 38 -5.40 10.33 8.33
CA TYR A 38 -5.32 10.33 9.78
C TYR A 38 -6.14 11.47 10.38
N HIS A 39 -5.70 12.70 10.12
CA HIS A 39 -6.40 13.88 10.63
C HIS A 39 -7.86 13.88 10.19
N ASP A 40 -8.18 13.01 9.23
CA ASP A 40 -9.55 12.92 8.72
C ASP A 40 -9.92 11.46 8.44
N PRO A 41 -10.89 10.94 9.20
CA PRO A 41 -11.36 9.56 9.06
C PRO A 41 -12.12 9.34 7.75
N ASN A 42 -12.20 10.39 6.93
CA ASN A 42 -12.90 10.30 5.65
C ASN A 42 -12.12 9.44 4.67
N PHE A 43 -10.88 9.84 4.39
CA PHE A 43 -10.04 9.09 3.46
C PHE A 43 -9.65 7.74 4.03
N VAL A 44 -9.87 6.68 3.26
CA VAL A 44 -9.54 5.33 3.70
C VAL A 44 -8.96 4.51 2.55
N PRO A 45 -7.71 4.06 2.73
CA PRO A 45 -7.01 3.25 1.72
C PRO A 45 -7.61 1.86 1.57
N ALA A 46 -8.04 1.53 0.37
CA ALA A 46 -8.64 0.22 0.09
C ALA A 46 -7.56 -0.86 0.00
N ALA A 47 -7.52 -1.71 1.01
CA ALA A 47 -6.54 -2.80 1.06
C ALA A 47 -7.23 -4.16 1.09
N PHE A 48 -7.21 -4.86 -0.03
CA PHE A 48 -7.83 -6.18 -0.13
C PHE A 48 -6.83 -7.22 -0.61
N VAL A 49 -6.32 -8.02 0.33
CA VAL A 49 -5.35 -9.06 0.00
C VAL A 49 -6.03 -10.40 -0.21
N CYS A 50 -5.67 -11.09 -1.28
CA CYS A 50 -6.24 -12.39 -1.61
C CYS A 50 -6.18 -13.32 -0.40
N SER A 51 -6.75 -14.51 -0.54
CA SER A 51 -6.76 -15.49 0.53
C SER A 51 -6.21 -16.82 0.05
N LYS A 52 -6.09 -16.97 -1.26
CA LYS A 52 -5.57 -18.20 -1.86
C LYS A 52 -4.05 -18.14 -2.00
N CYS A 53 -3.55 -16.98 -2.43
CA CYS A 53 -2.12 -16.79 -2.62
C CYS A 53 -1.59 -15.71 -1.67
N GLY A 54 -2.27 -14.58 -1.63
CA GLY A 54 -1.85 -13.49 -0.76
C GLY A 54 -1.49 -12.23 -1.54
N LYS A 55 -2.03 -12.11 -2.75
CA LYS A 55 -1.76 -10.95 -3.59
C LYS A 55 -2.45 -9.71 -3.03
N THR A 56 -2.20 -8.57 -3.66
CA THR A 56 -2.79 -7.30 -3.23
C THR A 56 -3.80 -6.80 -4.24
N PHE A 57 -4.88 -6.19 -3.75
CA PHE A 57 -5.92 -5.66 -4.63
C PHE A 57 -6.57 -4.43 -4.01
N THR A 58 -6.46 -3.30 -4.69
CA THR A 58 -7.03 -2.05 -4.20
C THR A 58 -8.51 -1.95 -4.56
N ARG A 59 -9.12 -3.09 -4.84
CA ARG A 59 -10.54 -3.14 -5.20
C ARG A 59 -11.15 -4.50 -4.87
N ARG A 60 -12.09 -4.50 -3.93
CA ARG A 60 -12.74 -5.73 -3.52
C ARG A 60 -13.35 -6.45 -4.72
N ASN A 61 -14.29 -5.80 -5.39
CA ASN A 61 -14.95 -6.38 -6.55
C ASN A 61 -13.98 -7.25 -7.34
N THR A 62 -12.93 -6.63 -7.87
CA THR A 62 -11.93 -7.35 -8.65
C THR A 62 -11.36 -8.53 -7.87
N MET A 63 -10.76 -8.24 -6.72
CA MET A 63 -10.17 -9.28 -5.87
C MET A 63 -11.12 -10.48 -5.77
N ALA A 64 -12.32 -10.23 -5.26
CA ALA A 64 -13.31 -11.29 -5.10
C ALA A 64 -13.33 -12.21 -6.32
N ARG A 65 -13.38 -11.61 -7.50
CA ARG A 65 -13.41 -12.37 -8.75
C ARG A 65 -12.11 -13.16 -8.93
N HIS A 66 -10.98 -12.49 -8.69
CA HIS A 66 -9.67 -13.12 -8.84
C HIS A 66 -9.63 -14.44 -8.06
N ALA A 67 -10.00 -14.38 -6.78
CA ALA A 67 -10.00 -15.56 -5.93
C ALA A 67 -10.63 -16.76 -6.65
N ASP A 68 -11.78 -16.53 -7.27
CA ASP A 68 -12.49 -17.59 -7.99
C ASP A 68 -11.57 -18.24 -9.03
N ASN A 69 -10.93 -17.42 -9.85
CA ASN A 69 -10.03 -17.93 -10.89
C ASN A 69 -8.62 -18.13 -10.33
N CYS A 70 -8.46 -17.82 -9.04
CA CYS A 70 -7.17 -17.97 -8.38
C CYS A 70 -6.91 -19.42 -7.99
N ALA A 71 -5.68 -19.89 -8.19
CA ALA A 71 -5.33 -21.26 -7.84
C ALA A 71 -4.52 -21.31 -6.54
N GLY A 72 -3.53 -20.42 -6.43
CA GLY A 72 -2.70 -20.39 -5.24
C GLY A 72 -1.45 -19.56 -5.43
N PRO A 73 -0.56 -19.59 -4.44
CA PRO A 73 0.70 -18.85 -4.47
C PRO A 73 1.67 -19.40 -5.49
N ASP A 74 2.25 -18.52 -6.30
CA ASP A 74 3.20 -18.93 -7.33
C ASP A 74 4.52 -19.40 -6.70
N GLY A 75 5.13 -18.52 -5.91
CA GLY A 75 6.39 -18.86 -5.26
C GLY A 75 7.56 -18.08 -5.82
N VAL A 76 7.56 -16.78 -5.60
CA VAL A 76 8.63 -15.92 -6.08
C VAL A 76 9.13 -14.98 -4.99
N GLU A 77 8.22 -14.20 -4.42
CA GLU A 77 8.57 -13.27 -3.36
C GLU A 77 9.35 -13.97 -2.26
N GLY A 78 10.57 -13.49 -1.99
CA GLY A 78 11.40 -14.09 -0.97
C GLY A 78 10.84 -13.87 0.43
N GLU A 79 11.35 -12.85 1.11
CA GLU A 79 10.89 -12.53 2.46
C GLU A 79 10.51 -11.06 2.58
N ASN A 80 9.63 -10.75 3.52
CA ASN A 80 9.19 -9.38 3.73
C ASN A 80 9.59 -8.89 5.13
N SER A 81 9.98 -7.62 5.21
CA SER A 81 10.39 -7.03 6.48
C SER A 81 9.19 -6.87 7.41
N GLY A 82 9.45 -6.93 8.72
CA GLY A 82 8.38 -6.79 9.69
C GLY A 82 8.87 -6.97 11.11
N PRO A 83 8.31 -6.19 12.05
CA PRO A 83 8.69 -6.25 13.46
C PRO A 83 8.21 -7.54 14.13
N SER A 84 6.93 -7.85 13.95
CA SER A 84 6.36 -9.06 14.54
C SER A 84 6.08 -10.10 13.47
N SER A 85 6.97 -11.08 13.35
CA SER A 85 6.81 -12.14 12.36
C SER A 85 5.45 -12.83 12.51
N GLY A 86 5.15 -13.28 13.72
CA GLY A 86 3.89 -13.95 13.97
C GLY A 86 3.50 -14.90 12.86
ZN ZN B . -0.16 14.97 9.69
ZN ZN C . -4.92 -15.15 -5.16
N GLY A 1 3.15 3.28 -19.29
CA GLY A 1 1.88 2.72 -18.83
C GLY A 1 1.92 2.36 -17.36
N SER A 2 1.33 3.22 -16.53
CA SER A 2 1.30 3.00 -15.09
C SER A 2 0.17 2.04 -14.71
N SER A 3 0.06 0.94 -15.45
CA SER A 3 -0.98 -0.05 -15.19
C SER A 3 -0.99 -0.47 -13.72
N GLY A 4 0.15 -0.93 -13.24
CA GLY A 4 0.26 -1.34 -11.86
C GLY A 4 1.49 -2.19 -11.60
N SER A 5 2.59 -1.54 -11.25
CA SER A 5 3.84 -2.24 -10.98
C SER A 5 3.75 -3.03 -9.68
N SER A 6 4.41 -4.18 -9.64
CA SER A 6 4.40 -5.03 -8.45
C SER A 6 5.54 -4.65 -7.50
N GLY A 7 6.74 -4.50 -8.05
CA GLY A 7 7.89 -4.14 -7.25
C GLY A 7 7.78 -2.72 -6.70
N ARG A 8 8.27 -2.54 -5.48
CA ARG A 8 8.24 -1.22 -4.83
C ARG A 8 9.63 -0.79 -4.40
N THR A 9 10.60 -0.94 -5.31
CA THR A 9 11.98 -0.57 -5.01
C THR A 9 12.11 0.94 -4.84
N HIS A 10 12.18 1.38 -3.59
CA HIS A 10 12.31 2.80 -3.29
C HIS A 10 13.77 3.22 -3.30
N THR A 11 14.04 4.43 -3.79
CA THR A 11 15.39 4.96 -3.85
C THR A 11 15.41 6.47 -3.67
N GLY A 12 15.88 6.91 -2.51
CA GLY A 12 15.93 8.34 -2.22
C GLY A 12 15.22 8.70 -0.94
N GLU A 13 15.04 9.99 -0.71
CA GLU A 13 14.37 10.48 0.50
C GLU A 13 13.00 11.05 0.16
N LYS A 14 12.25 11.43 1.19
CA LYS A 14 10.92 11.99 1.01
C LYS A 14 10.90 13.47 1.38
N PRO A 15 10.78 14.33 0.36
CA PRO A 15 10.74 15.78 0.55
C PRO A 15 9.46 16.25 1.23
N TYR A 16 8.36 15.57 0.93
CA TYR A 16 7.06 15.91 1.50
C TYR A 16 6.95 15.40 2.94
N ALA A 17 7.19 16.29 3.90
CA ALA A 17 7.12 15.94 5.31
C ALA A 17 5.92 16.61 5.99
N CYS A 18 4.99 15.79 6.47
CA CYS A 18 3.80 16.30 7.13
C CYS A 18 4.17 17.33 8.19
N SER A 19 3.30 18.31 8.38
CA SER A 19 3.53 19.37 9.37
C SER A 19 2.95 18.99 10.72
N HIS A 20 1.75 18.41 10.70
CA HIS A 20 1.08 18.00 11.93
C HIS A 20 1.90 16.93 12.66
N CYS A 21 2.43 15.98 11.91
CA CYS A 21 3.23 14.91 12.48
C CYS A 21 4.61 14.85 11.83
N ASP A 22 5.43 13.92 12.30
CA ASP A 22 6.78 13.75 11.76
C ASP A 22 6.82 12.63 10.72
N LYS A 23 5.88 12.67 9.79
CA LYS A 23 5.80 11.67 8.74
C LYS A 23 6.22 12.24 7.39
N THR A 24 6.84 11.42 6.56
CA THR A 24 7.29 11.86 5.24
C THR A 24 6.69 10.98 4.15
N PHE A 25 6.65 11.51 2.93
CA PHE A 25 6.11 10.78 1.79
C PHE A 25 6.81 11.18 0.50
N ARG A 26 6.81 10.27 -0.47
CA ARG A 26 7.45 10.53 -1.75
C ARG A 26 6.62 11.48 -2.60
N GLN A 27 5.36 11.10 -2.83
CA GLN A 27 4.45 11.92 -3.63
C GLN A 27 3.49 12.70 -2.73
N LYS A 28 3.34 13.98 -3.02
CA LYS A 28 2.45 14.84 -2.24
C LYS A 28 1.12 14.14 -1.98
N GLN A 29 0.59 13.46 -3.00
CA GLN A 29 -0.68 12.76 -2.87
C GLN A 29 -0.71 11.93 -1.59
N LEU A 30 0.39 11.24 -1.30
CA LEU A 30 0.48 10.42 -0.10
C LEU A 30 0.33 11.26 1.16
N LEU A 31 1.07 12.36 1.22
CA LEU A 31 1.00 13.25 2.38
C LEU A 31 -0.33 13.99 2.42
N ASP A 32 -1.01 14.05 1.28
CA ASP A 32 -2.29 14.73 1.18
C ASP A 32 -3.41 13.83 1.70
N MET A 33 -3.37 12.56 1.34
CA MET A 33 -4.37 11.60 1.76
C MET A 33 -4.11 11.12 3.18
N HIS A 34 -2.83 11.09 3.56
CA HIS A 34 -2.44 10.65 4.90
C HIS A 34 -3.07 11.53 5.96
N PHE A 35 -3.02 12.84 5.75
CA PHE A 35 -3.58 13.80 6.70
C PHE A 35 -5.09 13.59 6.85
N LYS A 36 -5.81 13.64 5.73
CA LYS A 36 -7.25 13.45 5.74
C LYS A 36 -7.62 12.04 6.15
N ARG A 37 -6.61 11.19 6.31
CA ARG A 37 -6.83 9.81 6.71
C ARG A 37 -6.63 9.63 8.21
N TYR A 38 -5.41 9.90 8.68
CA TYR A 38 -5.10 9.76 10.10
C TYR A 38 -5.70 10.91 10.89
N HIS A 39 -5.20 12.12 10.66
CA HIS A 39 -5.69 13.30 11.36
C HIS A 39 -7.20 13.46 11.17
N ASP A 40 -7.72 12.89 10.09
CA ASP A 40 -9.14 12.96 9.80
C ASP A 40 -9.71 11.58 9.50
N PRO A 41 -10.63 11.11 10.36
CA PRO A 41 -11.26 9.80 10.20
C PRO A 41 -12.21 9.75 9.00
N ASN A 42 -12.26 10.85 8.26
CA ASN A 42 -13.13 10.93 7.09
C ASN A 42 -12.58 10.09 5.94
N PHE A 43 -11.40 10.47 5.44
CA PHE A 43 -10.76 9.75 4.34
C PHE A 43 -10.33 8.36 4.79
N VAL A 44 -10.42 7.40 3.87
CA VAL A 44 -10.04 6.02 4.16
C VAL A 44 -9.79 5.24 2.88
N PRO A 45 -8.52 4.87 2.66
CA PRO A 45 -8.11 4.11 1.48
C PRO A 45 -8.63 2.68 1.49
N ALA A 46 -9.06 2.18 0.34
CA ALA A 46 -9.58 0.83 0.23
C ALA A 46 -8.45 -0.20 0.30
N ALA A 47 -8.38 -0.93 1.40
CA ALA A 47 -7.34 -1.94 1.58
C ALA A 47 -7.95 -3.32 1.70
N PHE A 48 -7.78 -4.14 0.67
CA PHE A 48 -8.31 -5.50 0.66
C PHE A 48 -7.21 -6.51 0.39
N VAL A 49 -7.24 -7.62 1.13
CA VAL A 49 -6.24 -8.67 0.98
C VAL A 49 -6.90 -10.00 0.60
N CYS A 50 -6.24 -10.74 -0.27
CA CYS A 50 -6.75 -12.03 -0.73
C CYS A 50 -6.71 -13.05 0.41
N SER A 51 -7.72 -13.91 0.46
CA SER A 51 -7.80 -14.94 1.50
C SER A 51 -7.30 -16.27 0.98
N LYS A 52 -7.03 -16.34 -0.33
CA LYS A 52 -6.54 -17.55 -0.95
C LYS A 52 -5.02 -17.62 -0.89
N CYS A 53 -4.37 -16.58 -1.40
CA CYS A 53 -2.91 -16.53 -1.41
C CYS A 53 -2.41 -15.57 -0.33
N GLY A 54 -3.01 -14.39 -0.26
CA GLY A 54 -2.61 -13.41 0.73
C GLY A 54 -1.98 -12.17 0.10
N LYS A 55 -2.50 -11.78 -1.06
CA LYS A 55 -1.99 -10.61 -1.76
C LYS A 55 -2.76 -9.35 -1.36
N THR A 56 -2.28 -8.20 -1.82
CA THR A 56 -2.91 -6.92 -1.51
C THR A 56 -3.54 -6.31 -2.75
N PHE A 57 -4.73 -5.75 -2.59
CA PHE A 57 -5.44 -5.12 -3.70
C PHE A 57 -6.05 -3.78 -3.27
N THR A 58 -5.61 -2.71 -3.92
CA THR A 58 -6.11 -1.38 -3.60
C THR A 58 -7.63 -1.31 -3.71
N ARG A 59 -8.17 -2.05 -4.68
CA ARG A 59 -9.62 -2.08 -4.90
C ARG A 59 -10.19 -3.43 -4.51
N ARG A 60 -11.46 -3.44 -4.08
CA ARG A 60 -12.13 -4.67 -3.68
C ARG A 60 -12.56 -5.47 -4.90
N ASN A 61 -13.39 -4.85 -5.74
CA ASN A 61 -13.90 -5.50 -6.95
C ASN A 61 -12.77 -6.27 -7.64
N THR A 62 -11.60 -5.65 -7.73
CA THR A 62 -10.46 -6.28 -8.38
C THR A 62 -9.99 -7.50 -7.61
N MET A 63 -10.00 -7.41 -6.29
CA MET A 63 -9.58 -8.51 -5.44
C MET A 63 -10.56 -9.67 -5.53
N ALA A 64 -11.85 -9.36 -5.35
CA ALA A 64 -12.88 -10.39 -5.41
C ALA A 64 -12.71 -11.28 -6.64
N ARG A 65 -12.68 -10.66 -7.81
CA ARG A 65 -12.52 -11.41 -9.06
C ARG A 65 -11.21 -12.20 -9.05
N HIS A 66 -10.14 -11.55 -8.61
CA HIS A 66 -8.83 -12.20 -8.54
C HIS A 66 -8.90 -13.52 -7.81
N ALA A 67 -9.65 -13.54 -6.70
CA ALA A 67 -9.81 -14.75 -5.90
C ALA A 67 -10.25 -15.93 -6.76
N ASP A 68 -11.31 -15.72 -7.55
CA ASP A 68 -11.84 -16.76 -8.42
C ASP A 68 -10.71 -17.46 -9.17
N ASN A 69 -9.93 -16.69 -9.91
CA ASN A 69 -8.81 -17.25 -10.67
C ASN A 69 -7.68 -17.68 -9.74
N CYS A 70 -7.70 -17.16 -8.52
CA CYS A 70 -6.67 -17.49 -7.54
C CYS A 70 -6.96 -18.85 -6.89
N ALA A 71 -5.91 -19.50 -6.40
CA ALA A 71 -6.05 -20.79 -5.75
C ALA A 71 -5.35 -20.80 -4.39
N GLY A 72 -4.15 -20.24 -4.33
CA GLY A 72 -3.41 -20.20 -3.09
C GLY A 72 -2.06 -19.53 -3.23
N PRO A 73 -1.29 -19.49 -2.14
CA PRO A 73 0.04 -18.87 -2.13
C PRO A 73 1.06 -19.67 -2.95
N ASP A 74 2.04 -18.97 -3.50
CA ASP A 74 3.08 -19.62 -4.29
C ASP A 74 4.40 -19.65 -3.54
N GLY A 75 4.86 -18.48 -3.11
CA GLY A 75 6.12 -18.40 -2.38
C GLY A 75 7.01 -17.30 -2.91
N VAL A 76 7.40 -16.39 -2.03
CA VAL A 76 8.28 -15.28 -2.42
C VAL A 76 8.70 -14.46 -1.20
N GLU A 77 9.98 -14.13 -1.13
CA GLU A 77 10.51 -13.34 -0.03
C GLU A 77 11.84 -12.69 -0.39
N GLY A 78 12.31 -11.79 0.47
CA GLY A 78 13.57 -11.11 0.20
C GLY A 78 13.56 -9.68 0.72
N GLU A 79 14.39 -9.42 1.73
CA GLU A 79 14.48 -8.09 2.31
C GLU A 79 15.83 -7.88 2.98
N ASN A 80 16.42 -6.70 2.76
CA ASN A 80 17.71 -6.37 3.34
C ASN A 80 18.09 -4.93 3.05
N SER A 81 18.45 -4.19 4.09
CA SER A 81 18.82 -2.79 3.95
C SER A 81 19.96 -2.63 2.94
N GLY A 82 21.00 -3.44 3.10
CA GLY A 82 22.13 -3.38 2.18
C GLY A 82 22.77 -2.00 2.15
N PRO A 83 23.32 -1.57 3.29
CA PRO A 83 23.97 -0.26 3.41
C PRO A 83 25.29 -0.20 2.65
N SER A 84 25.78 1.02 2.44
CA SER A 84 27.04 1.21 1.72
C SER A 84 27.59 2.61 1.96
N SER A 85 28.82 2.85 1.52
CA SER A 85 29.46 4.14 1.67
C SER A 85 30.51 4.38 0.59
N GLY A 86 30.98 5.62 0.49
CA GLY A 86 31.99 5.94 -0.51
C GLY A 86 31.49 5.74 -1.92
ZN ZN B . 0.47 13.84 9.49
ZN ZN C . -5.05 -14.50 -4.35
N GLY A 1 8.06 -10.89 -16.52
CA GLY A 1 7.35 -11.01 -15.26
C GLY A 1 7.49 -9.79 -14.38
N SER A 2 7.29 -8.61 -14.97
CA SER A 2 7.41 -7.36 -14.22
C SER A 2 6.64 -6.24 -14.92
N SER A 3 5.70 -5.64 -14.21
CA SER A 3 4.89 -4.56 -14.76
C SER A 3 4.96 -3.32 -13.87
N GLY A 4 4.53 -2.19 -14.42
CA GLY A 4 4.56 -0.94 -13.66
C GLY A 4 5.95 -0.35 -13.57
N SER A 5 6.02 0.94 -13.28
CA SER A 5 7.30 1.62 -13.16
C SER A 5 8.21 0.91 -12.17
N SER A 6 9.32 0.38 -12.68
CA SER A 6 10.28 -0.33 -11.84
C SER A 6 11.16 0.65 -11.06
N GLY A 7 11.84 0.13 -10.04
CA GLY A 7 12.71 0.97 -9.23
C GLY A 7 12.12 1.28 -7.87
N ARG A 8 12.66 0.63 -6.84
CA ARG A 8 12.19 0.82 -5.48
C ARG A 8 13.23 0.36 -4.46
N THR A 9 12.91 0.53 -3.18
CA THR A 9 13.83 0.13 -2.11
C THR A 9 15.28 0.21 -2.58
N HIS A 10 15.62 1.28 -3.27
CA HIS A 10 16.97 1.47 -3.77
C HIS A 10 17.47 2.89 -3.49
N THR A 11 16.80 3.87 -4.10
CA THR A 11 17.17 5.26 -3.92
C THR A 11 15.94 6.16 -3.91
N GLY A 12 16.11 7.39 -3.45
CA GLY A 12 15.00 8.33 -3.40
C GLY A 12 14.59 8.67 -1.98
N GLU A 13 14.19 9.92 -1.77
CA GLU A 13 13.78 10.38 -0.44
C GLU A 13 12.37 10.95 -0.49
N LYS A 14 11.90 11.43 0.67
CA LYS A 14 10.57 12.01 0.77
C LYS A 14 10.65 13.51 1.05
N PRO A 15 10.54 14.32 -0.02
CA PRO A 15 10.59 15.77 0.08
C PRO A 15 9.36 16.35 0.77
N TYR A 16 8.23 15.66 0.62
CA TYR A 16 6.98 16.11 1.23
C TYR A 16 6.93 15.73 2.71
N ALA A 17 7.21 16.71 3.57
CA ALA A 17 7.18 16.48 5.01
C ALA A 17 5.96 17.13 5.65
N CYS A 18 5.27 16.37 6.49
CA CYS A 18 4.08 16.87 7.17
C CYS A 18 4.46 17.89 8.25
N SER A 19 3.52 18.78 8.56
CA SER A 19 3.75 19.80 9.58
C SER A 19 3.21 19.36 10.93
N HIS A 20 1.97 18.89 10.94
CA HIS A 20 1.34 18.43 12.17
C HIS A 20 2.17 17.35 12.84
N CYS A 21 2.65 16.40 12.05
CA CYS A 21 3.46 15.31 12.56
C CYS A 21 4.82 15.26 11.87
N ASP A 22 5.66 14.32 12.30
CA ASP A 22 6.99 14.17 11.73
C ASP A 22 7.02 13.05 10.70
N LYS A 23 6.05 13.07 9.79
CA LYS A 23 5.97 12.04 8.75
C LYS A 23 6.35 12.62 7.38
N THR A 24 6.99 11.81 6.56
CA THR A 24 7.42 12.23 5.24
C THR A 24 6.87 11.30 4.17
N PHE A 25 6.78 11.81 2.94
CA PHE A 25 6.29 11.02 1.81
C PHE A 25 6.96 11.43 0.51
N ARG A 26 6.99 10.50 -0.44
CA ARG A 26 7.61 10.78 -1.74
C ARG A 26 6.71 11.64 -2.60
N GLN A 27 5.48 11.18 -2.81
CA GLN A 27 4.51 11.93 -3.63
C GLN A 27 3.50 12.65 -2.74
N LYS A 28 3.22 13.90 -3.07
CA LYS A 28 2.27 14.70 -2.32
C LYS A 28 1.02 13.90 -1.98
N GLN A 29 0.45 13.26 -3.00
CA GLN A 29 -0.75 12.45 -2.81
C GLN A 29 -0.69 11.69 -1.50
N LEU A 30 0.50 11.21 -1.14
CA LEU A 30 0.68 10.46 0.09
C LEU A 30 0.50 11.36 1.31
N LEU A 31 1.20 12.49 1.31
CA LEU A 31 1.12 13.44 2.41
C LEU A 31 -0.25 14.10 2.46
N ASP A 32 -0.95 14.09 1.33
CA ASP A 32 -2.28 14.69 1.24
C ASP A 32 -3.32 13.76 1.83
N MET A 33 -3.24 12.48 1.50
CA MET A 33 -4.18 11.48 2.01
C MET A 33 -3.85 11.10 3.45
N HIS A 34 -2.57 11.14 3.79
CA HIS A 34 -2.13 10.80 5.14
C HIS A 34 -2.81 11.68 6.17
N PHE A 35 -2.87 12.98 5.90
CA PHE A 35 -3.50 13.93 6.81
C PHE A 35 -5.00 13.65 6.92
N LYS A 36 -5.69 13.67 5.78
CA LYS A 36 -7.13 13.42 5.75
C LYS A 36 -7.46 12.01 6.23
N ARG A 37 -6.41 11.21 6.43
CA ARG A 37 -6.59 9.84 6.88
C ARG A 37 -6.39 9.73 8.39
N TYR A 38 -5.20 10.07 8.85
CA TYR A 38 -4.89 10.02 10.28
C TYR A 38 -5.52 11.19 11.02
N HIS A 39 -5.02 12.39 10.73
CA HIS A 39 -5.53 13.60 11.37
C HIS A 39 -7.03 13.73 11.16
N ASP A 40 -7.55 13.03 10.15
CA ASP A 40 -8.97 13.07 9.84
C ASP A 40 -9.52 11.66 9.61
N PRO A 41 -10.42 11.22 10.49
CA PRO A 41 -11.04 9.89 10.39
C PRO A 41 -11.99 9.77 9.20
N ASN A 42 -12.07 10.84 8.41
CA ASN A 42 -12.94 10.85 7.24
C ASN A 42 -12.40 9.95 6.14
N PHE A 43 -11.24 10.30 5.61
CA PHE A 43 -10.60 9.51 4.55
C PHE A 43 -10.33 8.09 5.04
N VAL A 44 -10.59 7.12 4.16
CA VAL A 44 -10.36 5.71 4.48
C VAL A 44 -9.96 4.91 3.25
N PRO A 45 -8.70 4.45 3.22
CA PRO A 45 -8.17 3.67 2.11
C PRO A 45 -8.79 2.27 2.04
N ALA A 46 -9.16 1.87 0.83
CA ALA A 46 -9.76 0.55 0.63
C ALA A 46 -8.71 -0.54 0.71
N ALA A 47 -8.77 -1.33 1.79
CA ALA A 47 -7.82 -2.42 1.99
C ALA A 47 -8.51 -3.77 1.88
N PHE A 48 -8.28 -4.47 0.79
CA PHE A 48 -8.88 -5.78 0.56
C PHE A 48 -7.81 -6.83 0.27
N VAL A 49 -7.55 -7.69 1.25
CA VAL A 49 -6.55 -8.73 1.11
C VAL A 49 -7.19 -10.05 0.72
N CYS A 50 -6.60 -10.74 -0.25
CA CYS A 50 -7.12 -12.03 -0.70
C CYS A 50 -7.33 -12.98 0.47
N SER A 51 -7.87 -14.16 0.17
CA SER A 51 -8.12 -15.16 1.21
C SER A 51 -7.49 -16.50 0.83
N LYS A 52 -7.24 -16.69 -0.47
CA LYS A 52 -6.64 -17.92 -0.95
C LYS A 52 -5.12 -17.90 -0.78
N CYS A 53 -4.51 -16.78 -1.15
CA CYS A 53 -3.05 -16.63 -1.04
C CYS A 53 -2.70 -15.64 0.06
N GLY A 54 -3.36 -14.48 0.05
CA GLY A 54 -3.10 -13.46 1.05
C GLY A 54 -2.52 -12.20 0.45
N LYS A 55 -2.80 -11.96 -0.82
CA LYS A 55 -2.29 -10.78 -1.51
C LYS A 55 -3.08 -9.54 -1.11
N THR A 56 -2.53 -8.37 -1.43
CA THR A 56 -3.19 -7.11 -1.10
C THR A 56 -3.71 -6.42 -2.36
N PHE A 57 -4.92 -5.87 -2.27
CA PHE A 57 -5.53 -5.18 -3.40
C PHE A 57 -6.08 -3.82 -2.98
N THR A 58 -6.00 -2.84 -3.88
CA THR A 58 -6.48 -1.51 -3.60
C THR A 58 -8.00 -1.45 -3.61
N ARG A 59 -8.60 -2.11 -4.60
CA ARG A 59 -10.06 -2.14 -4.72
C ARG A 59 -10.60 -3.52 -4.40
N ARG A 60 -11.87 -3.58 -4.01
CA ARG A 60 -12.51 -4.84 -3.67
C ARG A 60 -12.83 -5.65 -4.92
N ASN A 61 -13.62 -5.06 -5.82
CA ASN A 61 -13.99 -5.74 -7.06
C ASN A 61 -12.80 -6.44 -7.68
N THR A 62 -11.69 -5.70 -7.82
CA THR A 62 -10.48 -6.26 -8.41
C THR A 62 -10.03 -7.51 -7.66
N MET A 63 -10.12 -7.46 -6.34
CA MET A 63 -9.72 -8.60 -5.51
C MET A 63 -10.69 -9.76 -5.67
N ALA A 64 -11.98 -9.48 -5.52
CA ALA A 64 -13.00 -10.50 -5.66
C ALA A 64 -12.79 -11.33 -6.92
N ARG A 65 -12.53 -10.64 -8.03
CA ARG A 65 -12.32 -11.31 -9.31
C ARG A 65 -11.04 -12.15 -9.28
N HIS A 66 -9.97 -11.57 -8.75
CA HIS A 66 -8.69 -12.26 -8.66
C HIS A 66 -8.86 -13.60 -7.94
N ALA A 67 -9.59 -13.59 -6.83
CA ALA A 67 -9.82 -14.80 -6.06
C ALA A 67 -10.23 -15.96 -6.96
N ASP A 68 -11.23 -15.73 -7.79
CA ASP A 68 -11.71 -16.77 -8.71
C ASP A 68 -10.55 -17.49 -9.36
N ASN A 69 -9.71 -16.74 -10.06
CA ASN A 69 -8.54 -17.31 -10.74
C ASN A 69 -7.48 -17.74 -9.74
N CYS A 70 -7.59 -17.23 -8.51
CA CYS A 70 -6.64 -17.56 -7.46
C CYS A 70 -6.94 -18.93 -6.86
N ALA A 71 -5.91 -19.60 -6.36
CA ALA A 71 -6.07 -20.91 -5.75
C ALA A 71 -5.42 -20.97 -4.37
N GLY A 72 -4.24 -20.38 -4.25
CA GLY A 72 -3.53 -20.37 -2.99
C GLY A 72 -2.27 -19.54 -3.03
N PRO A 73 -1.48 -19.60 -1.94
CA PRO A 73 -0.22 -18.85 -1.84
C PRO A 73 0.86 -19.41 -2.77
N ASP A 74 1.95 -18.67 -2.91
CA ASP A 74 3.05 -19.08 -3.76
C ASP A 74 4.38 -18.50 -3.27
N GLY A 75 5.26 -19.38 -2.81
CA GLY A 75 6.55 -18.94 -2.31
C GLY A 75 6.49 -18.51 -0.86
N VAL A 76 7.47 -17.70 -0.45
CA VAL A 76 7.52 -17.21 0.93
C VAL A 76 8.18 -15.84 1.00
N GLU A 77 7.46 -14.86 1.54
CA GLU A 77 7.97 -13.51 1.66
C GLU A 77 9.00 -13.42 2.78
N GLY A 78 9.59 -12.23 2.95
CA GLY A 78 10.58 -12.04 3.99
C GLY A 78 11.76 -11.21 3.51
N GLU A 79 12.34 -11.60 2.39
CA GLU A 79 13.49 -10.89 1.83
C GLU A 79 13.33 -9.38 2.02
N ASN A 80 12.14 -8.87 1.72
CA ASN A 80 11.86 -7.45 1.87
C ASN A 80 12.35 -6.93 3.23
N SER A 81 13.37 -6.09 3.20
CA SER A 81 13.93 -5.53 4.43
C SER A 81 12.86 -4.81 5.23
N GLY A 82 12.98 -4.86 6.56
CA GLY A 82 12.01 -4.21 7.42
C GLY A 82 12.29 -4.46 8.89
N PRO A 83 12.13 -3.41 9.72
CA PRO A 83 12.35 -3.49 11.15
C PRO A 83 11.30 -4.34 11.86
N SER A 84 10.03 -4.09 11.55
CA SER A 84 8.93 -4.82 12.16
C SER A 84 7.60 -4.45 11.50
N SER A 85 6.99 -5.42 10.82
CA SER A 85 5.72 -5.19 10.14
C SER A 85 4.97 -6.51 9.94
N GLY A 86 3.67 -6.41 9.68
CA GLY A 86 2.86 -7.59 9.47
C GLY A 86 1.65 -7.33 8.62
ZN ZN B . 0.69 14.39 9.57
ZN ZN C . -5.09 -14.59 -4.08
#